data_1U8V
#
_entry.id   1U8V
#
_cell.length_a   102.300
_cell.length_b   130.200
_cell.length_c   175.500
_cell.angle_alpha   90.00
_cell.angle_beta   90.00
_cell.angle_gamma   90.00
#
_symmetry.space_group_name_H-M   'P 21 21 21'
#
loop_
_entity.id
_entity.type
_entity.pdbx_description
1 polymer 'Gamma-aminobutyrate metabolism dehydratase/isomerase'
2 non-polymer 'IRON/SULFUR CLUSTER'
3 non-polymer 'FLAVIN-ADENINE DINUCLEOTIDE'
4 water water
#
_entity_poly.entity_id   1
_entity_poly.type   'polypeptide(L)'
_entity_poly.pdbx_seq_one_letter_code
;MLMTAEQYIESLRKLNTRVYMFGEKIENWVDHPMIRPSINCVRMTYELAQDPQYADLMTTKSNLIGKTINRFANLHQSTD
DLRKKVKMQRLLGQKTASCFQRCVGMDAFNAVFSTTYEIDQKYGTNYHKNFTEYLKYIQENDLIVDGAMTDPKGDRGLAP
SAQKDPDLFLRIVEKREDGIVVRGAKAHQTGSINSHEHIIMPTIAMTEADKDYAVSFACPSDADGLFMIYGRQSCDTRKM
EEGADIDLGNKQFGGQEALVVFDNVFIPNDRIFLCQEYDFAGMMVERFAGYHRQSYGGCKVGVGDVVIGAAALAADYNGA
QKASHVKDKLIEMTHLNETLYCCGIACSAEGYPTAAGNYQIDLLLANVCKQNITRFPYEIVRLAEDIAGGLMVTMPSEAD
FKSETVVGRDGETIGDFCNKFFAAAPTCTTEERMRVLRFLENICLGASAVGYRTESMHGAGSPQAQRIMIARQGNINAKK
ELAKAIAGIK
;
_entity_poly.pdbx_strand_id   A,B,C,D
#
# COMPACT_ATOMS: atom_id res chain seq x y z
N MET A 1 -42.91 20.21 -15.74
CA MET A 1 -42.31 21.36 -15.07
C MET A 1 -41.10 20.93 -14.24
N LEU A 2 -40.28 21.92 -13.91
CA LEU A 2 -39.17 21.88 -12.97
C LEU A 2 -39.53 22.76 -11.76
N MET A 3 -39.36 22.22 -10.57
CA MET A 3 -39.61 23.03 -9.37
C MET A 3 -38.35 23.82 -9.06
N THR A 4 -38.49 25.00 -8.47
CA THR A 4 -37.44 25.72 -7.79
C THR A 4 -37.11 24.99 -6.47
N ALA A 5 -35.98 25.33 -5.87
CA ALA A 5 -35.64 24.79 -4.57
C ALA A 5 -36.75 25.10 -3.58
N GLU A 6 -37.25 26.34 -3.61
CA GLU A 6 -38.28 26.78 -2.69
C GLU A 6 -39.55 25.97 -2.86
N GLN A 7 -39.91 25.62 -4.08
CA GLN A 7 -41.12 24.81 -4.33
C GLN A 7 -40.95 23.38 -3.89
N TYR A 8 -39.70 22.91 -4.02
CA TYR A 8 -39.39 21.58 -3.50
C TYR A 8 -39.64 21.56 -2.00
N ILE A 9 -39.11 22.55 -1.29
CA ILE A 9 -39.29 22.53 0.16
C ILE A 9 -40.76 22.61 0.53
N GLU A 10 -41.51 23.52 -0.08
CA GLU A 10 -42.94 23.63 0.23
C GLU A 10 -43.70 22.35 -0.07
N SER A 11 -43.29 21.55 -1.05
CA SER A 11 -44.03 20.31 -1.33
C SER A 11 -43.89 19.28 -0.23
N LEU A 12 -42.71 19.23 0.40
CA LEU A 12 -42.50 18.34 1.54
C LEU A 12 -43.45 18.67 2.69
N ARG A 13 -43.67 19.96 2.91
CA ARG A 13 -44.52 20.37 4.03
C ARG A 13 -45.97 19.91 3.90
N LYS A 14 -46.38 19.49 2.73
CA LYS A 14 -47.73 19.02 2.47
C LYS A 14 -47.84 17.51 2.56
N LEU A 15 -46.70 16.82 2.65
CA LEU A 15 -46.71 15.36 2.79
C LEU A 15 -47.09 14.93 4.19
N ASN A 16 -47.67 13.74 4.35
CA ASN A 16 -48.02 13.27 5.69
C ASN A 16 -47.03 12.27 6.23
N THR A 17 -45.75 12.39 5.89
CA THR A 17 -44.72 11.40 6.25
C THR A 17 -44.61 11.18 7.75
N ARG A 18 -44.48 9.93 8.18
CA ARG A 18 -44.35 9.63 9.60
C ARG A 18 -42.87 9.40 9.94
N VAL A 19 -42.28 10.33 10.68
CA VAL A 19 -40.89 10.34 11.08
C VAL A 19 -40.72 10.30 12.60
N TYR A 20 -39.92 9.33 13.07
CA TYR A 20 -39.63 9.18 14.47
C TYR A 20 -38.11 9.28 14.74
N MET A 21 -37.78 9.87 15.88
CA MET A 21 -36.40 10.06 16.36
C MET A 21 -36.34 10.11 17.88
N PHE A 22 -35.48 9.36 18.55
CA PHE A 22 -35.37 9.43 20.01
C PHE A 22 -36.73 9.18 20.68
N GLY A 23 -37.53 8.28 20.15
CA GLY A 23 -38.78 7.75 20.67
C GLY A 23 -40.00 8.60 20.45
N GLU A 24 -39.83 9.71 19.75
CA GLU A 24 -40.93 10.62 19.47
C GLU A 24 -41.15 10.94 18.01
N LYS A 25 -42.40 11.16 17.63
CA LYS A 25 -42.77 11.60 16.29
C LYS A 25 -42.37 13.05 16.03
N ILE A 26 -41.65 13.34 14.95
CA ILE A 26 -41.31 14.71 14.56
C ILE A 26 -42.40 15.28 13.66
N GLU A 27 -43.17 16.25 14.15
CA GLU A 27 -44.24 16.83 13.35
C GLU A 27 -43.73 17.78 12.27
N ASN A 28 -42.79 18.65 12.66
CA ASN A 28 -42.24 19.58 11.65
C ASN A 28 -40.80 19.16 11.36
N TRP A 29 -40.68 18.05 10.62
CA TRP A 29 -39.36 17.47 10.32
C TRP A 29 -38.59 18.29 9.28
N VAL A 30 -39.30 18.99 8.41
CA VAL A 30 -38.73 19.85 7.35
C VAL A 30 -37.85 20.93 7.92
N ASP A 31 -38.21 21.41 9.13
CA ASP A 31 -37.41 22.46 9.74
C ASP A 31 -36.45 21.99 10.83
N HIS A 32 -36.51 20.68 11.14
CA HIS A 32 -35.73 20.13 12.24
C HIS A 32 -34.23 20.23 11.96
N PRO A 33 -33.43 20.74 12.89
CA PRO A 33 -32.01 20.98 12.63
C PRO A 33 -31.22 19.74 12.25
N MET A 34 -31.64 18.54 12.64
CA MET A 34 -30.93 17.31 12.36
C MET A 34 -31.33 16.68 11.04
N ILE A 35 -32.35 17.20 10.38
CA ILE A 35 -32.88 16.74 9.09
C ILE A 35 -32.76 17.78 7.98
N ARG A 36 -32.93 19.07 8.27
CA ARG A 36 -32.91 20.09 7.21
C ARG A 36 -31.64 20.11 6.38
N PRO A 37 -30.44 19.91 6.90
CA PRO A 37 -29.26 19.77 6.02
C PRO A 37 -29.40 18.79 4.87
N SER A 38 -30.00 17.63 5.07
CA SER A 38 -30.16 16.67 3.97
C SER A 38 -31.18 17.23 2.99
N ILE A 39 -32.19 17.95 3.49
CA ILE A 39 -33.14 18.62 2.58
C ILE A 39 -32.48 19.74 1.77
N ASN A 40 -31.61 20.54 2.38
CA ASN A 40 -30.89 21.57 1.60
C ASN A 40 -29.98 20.96 0.54
N CYS A 41 -29.44 19.78 0.87
CA CYS A 41 -28.51 19.08 -0.03
C CYS A 41 -29.23 18.59 -1.27
N VAL A 42 -30.38 17.92 -1.14
CA VAL A 42 -31.02 17.54 -2.41
C VAL A 42 -31.67 18.73 -3.11
N ARG A 43 -32.01 19.77 -2.34
CA ARG A 43 -32.55 21.00 -2.94
C ARG A 43 -31.60 21.65 -3.95
N MET A 44 -30.31 21.43 -3.79
CA MET A 44 -29.33 21.91 -4.76
C MET A 44 -29.54 21.32 -6.15
N THR A 45 -30.09 20.12 -6.25
CA THR A 45 -30.30 19.52 -7.56
C THR A 45 -31.41 20.27 -8.31
N TYR A 46 -32.36 20.86 -7.60
CA TYR A 46 -33.35 21.73 -8.21
C TYR A 46 -32.73 23.09 -8.53
N GLU A 47 -31.97 23.62 -7.57
CA GLU A 47 -31.42 24.96 -7.71
C GLU A 47 -30.52 25.12 -8.94
N LEU A 48 -29.53 24.25 -9.14
CA LEU A 48 -28.61 24.39 -10.26
C LEU A 48 -29.34 24.25 -11.60
N ALA A 49 -30.36 23.41 -11.68
CA ALA A 49 -31.12 23.26 -12.92
C ALA A 49 -31.84 24.56 -13.28
N GLN A 50 -31.99 25.49 -12.31
CA GLN A 50 -32.57 26.80 -12.58
C GLN A 50 -31.49 27.77 -13.08
N ASP A 51 -30.22 27.45 -12.92
CA ASP A 51 -29.15 28.36 -13.32
C ASP A 51 -28.70 28.10 -14.76
N PRO A 52 -28.72 29.15 -15.58
CA PRO A 52 -28.40 29.01 -17.00
C PRO A 52 -26.96 28.54 -17.24
N GLN A 53 -26.09 28.82 -16.28
CA GLN A 53 -24.67 28.42 -16.35
C GLN A 53 -24.51 26.92 -16.23
N TYR A 54 -25.53 26.24 -15.67
CA TYR A 54 -25.49 24.79 -15.49
C TYR A 54 -26.67 24.09 -16.15
N ALA A 55 -27.62 24.84 -16.73
CA ALA A 55 -28.86 24.22 -17.21
C ALA A 55 -28.60 23.14 -18.26
N ASP A 56 -27.66 23.35 -19.17
CA ASP A 56 -27.35 22.35 -20.20
C ASP A 56 -26.94 21.01 -19.60
N LEU A 57 -26.19 21.03 -18.49
CA LEU A 57 -25.79 19.76 -17.91
C LEU A 57 -26.85 19.19 -16.96
N MET A 58 -27.60 20.08 -16.31
CA MET A 58 -28.55 19.70 -15.27
C MET A 58 -29.89 19.26 -15.83
N THR A 59 -30.19 19.58 -17.10
CA THR A 59 -31.49 19.29 -17.66
C THR A 59 -31.35 18.73 -19.10
N THR A 60 -32.44 18.15 -19.58
CA THR A 60 -32.42 17.51 -20.90
C THR A 60 -33.85 17.31 -21.40
N LYS A 61 -34.04 17.20 -22.73
CA LYS A 61 -35.41 16.95 -23.18
C LYS A 61 -35.81 15.48 -23.04
N SER A 62 -36.88 15.22 -22.28
CA SER A 62 -37.28 13.84 -22.15
C SER A 62 -37.80 13.28 -23.49
N ASN A 63 -37.31 12.12 -23.87
CA ASN A 63 -37.82 11.35 -25.00
C ASN A 63 -39.16 10.65 -24.73
N LEU A 64 -39.52 10.49 -23.47
CA LEU A 64 -40.72 9.87 -22.92
C LEU A 64 -41.91 10.82 -22.95
N ILE A 65 -41.73 12.04 -22.46
CA ILE A 65 -42.89 12.93 -22.41
C ILE A 65 -42.68 14.21 -23.21
N GLY A 66 -41.61 14.27 -23.98
CA GLY A 66 -41.35 15.34 -24.91
C GLY A 66 -41.13 16.71 -24.33
N LYS A 67 -40.79 16.80 -23.05
CA LYS A 67 -40.53 18.09 -22.43
C LYS A 67 -39.19 18.08 -21.71
N THR A 68 -38.76 19.28 -21.32
CA THR A 68 -37.52 19.35 -20.54
C THR A 68 -37.73 18.74 -19.17
N ILE A 69 -36.73 18.01 -18.69
CA ILE A 69 -36.78 17.39 -17.37
C ILE A 69 -35.42 17.56 -16.70
N ASN A 70 -35.35 17.35 -15.38
CA ASN A 70 -34.06 17.29 -14.72
C ASN A 70 -33.29 16.08 -15.19
N ARG A 71 -31.99 16.16 -15.46
CA ARG A 71 -31.28 14.94 -15.91
C ARG A 71 -31.31 13.82 -14.87
N PHE A 72 -31.55 14.05 -13.59
CA PHE A 72 -31.72 13.02 -12.56
C PHE A 72 -32.97 12.16 -12.80
N ALA A 73 -33.83 12.43 -13.79
CA ALA A 73 -34.93 11.50 -14.09
C ALA A 73 -34.88 10.89 -15.48
N ASN A 74 -33.79 11.09 -16.21
CA ASN A 74 -33.75 10.63 -17.61
C ASN A 74 -33.28 9.20 -17.81
N LEU A 75 -33.82 8.55 -18.85
CA LEU A 75 -33.34 7.26 -19.33
C LEU A 75 -32.16 7.41 -20.30
N HIS A 76 -31.00 6.80 -20.01
CA HIS A 76 -29.82 7.02 -20.84
C HIS A 76 -30.01 6.54 -22.28
N GLN A 77 -29.70 7.41 -23.23
CA GLN A 77 -29.85 7.09 -24.65
C GLN A 77 -28.55 6.92 -25.42
N SER A 78 -27.39 7.03 -24.77
CA SER A 78 -26.09 6.93 -25.39
C SER A 78 -24.97 6.86 -24.36
N THR A 79 -23.76 6.51 -24.80
CA THR A 79 -22.63 6.57 -23.87
C THR A 79 -22.33 8.04 -23.53
N ASP A 80 -22.59 8.99 -24.42
CA ASP A 80 -22.41 10.38 -24.02
C ASP A 80 -23.32 10.74 -22.84
N ASP A 81 -24.55 10.20 -22.82
CA ASP A 81 -25.39 10.43 -21.65
C ASP A 81 -24.78 9.82 -20.37
N LEU A 82 -24.17 8.64 -20.49
CA LEU A 82 -23.54 8.00 -19.34
C LEU A 82 -22.41 8.89 -18.81
N ARG A 83 -21.61 9.47 -19.71
CA ARG A 83 -20.56 10.36 -19.22
C ARG A 83 -21.09 11.65 -18.58
N LYS A 84 -22.17 12.25 -19.12
CA LYS A 84 -22.72 13.48 -18.57
C LYS A 84 -23.27 13.24 -17.16
N LYS A 85 -23.86 12.07 -16.92
CA LYS A 85 -24.33 11.70 -15.58
C LYS A 85 -23.18 11.81 -14.57
N VAL A 86 -22.04 11.18 -14.85
CA VAL A 86 -20.86 11.27 -13.99
C VAL A 86 -20.40 12.71 -13.82
N LYS A 87 -20.39 13.50 -14.91
CA LYS A 87 -19.93 14.90 -14.75
C LYS A 87 -20.90 15.74 -13.92
N MET A 88 -22.19 15.49 -14.06
CA MET A 88 -23.22 16.14 -13.23
C MET A 88 -22.98 15.82 -11.76
N GLN A 89 -22.68 14.57 -11.48
CA GLN A 89 -22.44 14.12 -10.11
C GLN A 89 -21.17 14.73 -9.56
N ARG A 90 -20.12 14.90 -10.37
CA ARG A 90 -18.93 15.57 -9.87
C ARG A 90 -19.24 17.02 -9.53
N LEU A 91 -20.08 17.66 -10.36
CA LEU A 91 -20.49 19.03 -10.07
C LEU A 91 -21.21 19.13 -8.74
N LEU A 92 -22.20 18.28 -8.46
CA LEU A 92 -22.97 18.38 -7.21
C LEU A 92 -22.12 18.04 -5.99
N GLY A 93 -21.15 17.15 -6.18
CA GLY A 93 -20.26 16.88 -5.04
C GLY A 93 -19.39 18.07 -4.71
N GLN A 94 -18.96 18.85 -5.73
CA GLN A 94 -18.18 20.06 -5.49
C GLN A 94 -19.01 21.14 -4.80
N LYS A 95 -20.30 21.14 -5.11
CA LYS A 95 -21.19 22.17 -4.58
C LYS A 95 -21.68 21.85 -3.18
N THR A 96 -21.65 20.59 -2.75
CA THR A 96 -22.25 20.27 -1.44
C THR A 96 -21.28 19.59 -0.50
N ALA A 97 -20.22 18.98 -1.03
CA ALA A 97 -19.31 18.11 -0.29
C ALA A 97 -20.07 17.02 0.49
N SER A 98 -21.21 16.49 0.04
CA SER A 98 -21.95 15.46 0.78
C SER A 98 -22.74 14.54 -0.15
N CYS A 99 -23.63 13.75 0.45
CA CYS A 99 -24.51 12.89 -0.34
C CYS A 99 -25.78 13.64 -0.71
N PHE A 100 -25.99 13.90 -2.01
CA PHE A 100 -27.14 14.70 -2.44
C PHE A 100 -28.32 13.81 -2.85
N GLN A 101 -28.20 12.50 -2.66
CA GLN A 101 -29.27 11.52 -2.58
C GLN A 101 -30.00 11.15 -3.86
N ARG A 102 -30.22 12.06 -4.79
CA ARG A 102 -31.18 11.85 -5.89
C ARG A 102 -30.69 10.81 -6.88
N CYS A 103 -29.40 10.46 -6.80
CA CYS A 103 -28.86 9.53 -7.79
C CYS A 103 -29.55 8.17 -7.68
N VAL A 104 -29.99 7.79 -6.47
CA VAL A 104 -30.58 6.43 -6.41
C VAL A 104 -31.85 6.35 -7.24
N GLY A 105 -32.66 7.40 -7.33
CA GLY A 105 -33.84 7.38 -8.17
C GLY A 105 -33.46 7.18 -9.63
N MET A 106 -32.55 8.06 -10.09
CA MET A 106 -32.03 7.96 -11.45
C MET A 106 -31.59 6.54 -11.78
N ASP A 107 -30.77 5.95 -10.89
CA ASP A 107 -30.19 4.63 -11.14
C ASP A 107 -31.26 3.54 -11.03
N ALA A 108 -32.20 3.64 -10.11
CA ALA A 108 -33.31 2.68 -10.09
C ALA A 108 -34.19 2.83 -11.31
N PHE A 109 -34.46 4.05 -11.79
CA PHE A 109 -35.31 4.14 -12.97
C PHE A 109 -34.69 3.37 -14.14
N ASN A 110 -33.37 3.52 -14.36
CA ASN A 110 -32.78 2.85 -15.53
C ASN A 110 -32.71 1.34 -15.35
N ALA A 111 -32.47 0.85 -14.13
CA ALA A 111 -32.39 -0.60 -13.94
C ALA A 111 -33.74 -1.27 -14.01
N VAL A 112 -34.75 -0.65 -13.44
CA VAL A 112 -36.10 -1.19 -13.47
C VAL A 112 -36.70 -1.16 -14.89
N PHE A 113 -36.51 -0.06 -15.62
CA PHE A 113 -36.96 0.04 -17.01
C PHE A 113 -36.44 -1.12 -17.82
N SER A 114 -35.12 -1.39 -17.70
CA SER A 114 -34.59 -2.43 -18.57
C SER A 114 -34.98 -3.83 -18.10
N THR A 115 -35.02 -4.04 -16.79
CA THR A 115 -35.35 -5.37 -16.28
C THR A 115 -36.81 -5.71 -16.54
N THR A 116 -37.71 -4.75 -16.33
CA THR A 116 -39.13 -5.05 -16.52
C THR A 116 -39.40 -5.46 -17.96
N TYR A 117 -38.69 -4.91 -18.94
CA TYR A 117 -38.87 -5.33 -20.34
C TYR A 117 -38.64 -6.81 -20.56
N GLU A 118 -37.57 -7.35 -19.97
CA GLU A 118 -37.23 -8.76 -20.14
C GLU A 118 -38.10 -9.69 -19.28
N ILE A 119 -38.58 -9.25 -18.14
CA ILE A 119 -39.52 -10.07 -17.35
C ILE A 119 -40.78 -10.34 -18.20
N ASP A 120 -41.35 -9.26 -18.74
CA ASP A 120 -42.56 -9.33 -19.54
C ASP A 120 -42.32 -10.20 -20.78
N GLN A 121 -41.13 -10.10 -21.35
CA GLN A 121 -40.83 -10.87 -22.55
C GLN A 121 -41.04 -12.36 -22.25
N LYS A 122 -40.68 -12.77 -21.05
CA LYS A 122 -40.72 -14.17 -20.74
C LYS A 122 -42.09 -14.65 -20.24
N TYR A 123 -42.69 -13.91 -19.34
CA TYR A 123 -43.88 -14.28 -18.59
C TYR A 123 -45.19 -13.68 -19.09
N GLY A 124 -45.15 -12.78 -20.06
CA GLY A 124 -46.31 -12.12 -20.59
C GLY A 124 -46.98 -11.18 -19.61
N THR A 125 -46.25 -10.66 -18.64
CA THR A 125 -46.79 -9.70 -17.67
C THR A 125 -46.83 -8.29 -18.21
N ASN A 126 -47.18 -7.29 -17.40
CA ASN A 126 -47.13 -5.94 -17.97
C ASN A 126 -46.38 -4.94 -17.09
N TYR A 127 -45.28 -5.41 -16.51
CA TYR A 127 -44.51 -4.59 -15.56
C TYR A 127 -43.84 -3.40 -16.24
N HIS A 128 -43.35 -3.60 -17.45
CA HIS A 128 -42.67 -2.55 -18.21
C HIS A 128 -43.60 -1.38 -18.47
N LYS A 129 -44.86 -1.70 -18.80
CA LYS A 129 -45.86 -0.66 -18.97
C LYS A 129 -46.21 0.01 -17.63
N ASN A 130 -46.39 -0.76 -16.56
CA ASN A 130 -46.56 -0.19 -15.24
C ASN A 130 -45.44 0.83 -14.98
N PHE A 131 -44.20 0.38 -15.18
CA PHE A 131 -43.07 1.28 -14.88
C PHE A 131 -43.04 2.50 -15.79
N THR A 132 -43.22 2.29 -17.10
CA THR A 132 -43.19 3.40 -18.05
C THR A 132 -44.20 4.48 -17.70
N GLU A 133 -45.45 4.11 -17.38
CA GLU A 133 -46.42 5.14 -17.00
C GLU A 133 -46.09 5.82 -15.67
N TYR A 134 -45.52 5.06 -14.75
CA TYR A 134 -45.07 5.66 -13.50
C TYR A 134 -43.97 6.70 -13.74
N LEU A 135 -42.94 6.41 -14.54
CA LEU A 135 -41.88 7.38 -14.81
C LEU A 135 -42.40 8.64 -15.50
N LYS A 136 -43.43 8.53 -16.35
CA LYS A 136 -44.07 9.70 -16.94
C LYS A 136 -44.60 10.68 -15.89
N TYR A 137 -45.31 10.14 -14.90
CA TYR A 137 -45.80 10.93 -13.77
C TYR A 137 -44.68 11.58 -12.96
N ILE A 138 -43.59 10.85 -12.70
CA ILE A 138 -42.44 11.47 -12.00
C ILE A 138 -41.82 12.57 -12.83
N GLN A 139 -41.66 12.32 -14.13
CA GLN A 139 -41.09 13.31 -15.04
C GLN A 139 -41.99 14.54 -15.18
N GLU A 140 -43.31 14.31 -15.17
CA GLU A 140 -44.23 15.44 -15.21
C GLU A 140 -44.16 16.29 -13.95
N ASN A 141 -43.83 15.70 -12.80
CA ASN A 141 -43.96 16.50 -11.57
C ASN A 141 -42.65 16.81 -10.86
N ASP A 142 -41.52 16.44 -11.42
CA ASP A 142 -40.19 16.66 -10.86
C ASP A 142 -40.06 16.11 -9.44
N LEU A 143 -40.46 14.87 -9.19
CA LEU A 143 -40.44 14.36 -7.82
C LEU A 143 -39.18 13.57 -7.46
N ILE A 144 -38.83 13.57 -6.17
CA ILE A 144 -37.76 12.73 -5.61
C ILE A 144 -38.26 11.34 -5.25
N VAL A 145 -37.62 10.29 -5.75
CA VAL A 145 -38.01 8.91 -5.53
C VAL A 145 -36.87 8.13 -4.91
N ASP A 146 -37.03 7.68 -3.67
CA ASP A 146 -35.99 6.97 -2.94
C ASP A 146 -35.85 5.54 -3.40
N GLY A 147 -34.70 5.18 -3.95
CA GLY A 147 -34.46 3.77 -4.30
C GLY A 147 -34.09 2.99 -3.05
N ALA A 148 -34.77 1.90 -2.75
CA ALA A 148 -34.54 1.13 -1.52
C ALA A 148 -34.33 -0.34 -1.85
N MET A 149 -33.10 -0.82 -1.62
CA MET A 149 -32.78 -2.21 -1.90
C MET A 149 -32.36 -2.99 -0.66
N THR A 150 -31.54 -2.42 0.22
CA THR A 150 -30.90 -3.23 1.24
C THR A 150 -31.78 -3.52 2.46
N ASP A 151 -32.20 -4.78 2.65
CA ASP A 151 -32.96 -5.17 3.85
C ASP A 151 -32.08 -5.24 5.08
N PRO A 152 -32.63 -5.39 6.28
CA PRO A 152 -31.78 -5.68 7.45
C PRO A 152 -31.07 -7.03 7.39
N LYS A 153 -31.61 -8.08 6.80
CA LYS A 153 -31.02 -9.35 6.40
C LYS A 153 -30.86 -10.42 7.48
N GLY A 154 -31.00 -10.08 8.75
CA GLY A 154 -30.90 -11.06 9.83
C GLY A 154 -29.61 -11.85 9.88
N ASP A 155 -29.68 -13.17 9.95
CA ASP A 155 -28.51 -14.05 10.06
C ASP A 155 -27.82 -14.17 8.71
N ARG A 156 -26.58 -13.69 8.61
CA ARG A 156 -25.90 -13.56 7.33
C ARG A 156 -25.54 -14.91 6.72
N GLY A 157 -25.72 -15.99 7.47
CA GLY A 157 -25.41 -17.34 7.05
C GLY A 157 -26.56 -18.01 6.31
N LEU A 158 -27.74 -17.41 6.31
CA LEU A 158 -28.95 -18.03 5.78
C LEU A 158 -29.69 -17.26 4.71
N ALA A 159 -30.34 -17.97 3.79
CA ALA A 159 -31.22 -17.41 2.77
C ALA A 159 -32.46 -16.76 3.36
N PRO A 160 -33.10 -15.86 2.61
CA PRO A 160 -34.30 -15.17 3.06
C PRO A 160 -35.37 -16.13 3.58
N SER A 161 -35.62 -17.22 2.86
CA SER A 161 -36.63 -18.19 3.31
C SER A 161 -36.08 -19.17 4.34
N ALA A 162 -34.87 -19.00 4.86
CA ALA A 162 -34.36 -19.89 5.91
C ALA A 162 -34.26 -19.17 7.24
N GLN A 163 -34.55 -17.87 7.22
CA GLN A 163 -34.44 -17.10 8.46
C GLN A 163 -35.48 -17.51 9.51
N LYS A 164 -35.07 -17.42 10.77
CA LYS A 164 -35.92 -17.62 11.94
C LYS A 164 -37.11 -16.67 11.89
N ASP A 165 -36.84 -15.41 11.56
CA ASP A 165 -37.90 -14.43 11.37
C ASP A 165 -38.04 -14.11 9.88
N PRO A 166 -39.18 -14.45 9.32
CA PRO A 166 -39.41 -14.35 7.87
C PRO A 166 -39.55 -12.92 7.39
N ASP A 167 -39.64 -11.98 8.33
CA ASP A 167 -39.78 -10.58 8.01
C ASP A 167 -38.45 -9.87 7.76
N LEU A 168 -37.32 -10.51 7.95
CA LEU A 168 -36.03 -9.81 7.89
C LEU A 168 -35.55 -9.51 6.48
N PHE A 169 -36.12 -10.09 5.44
CA PHE A 169 -36.12 -9.52 4.09
C PHE A 169 -37.58 -9.17 3.74
N LEU A 170 -37.77 -8.08 3.01
CA LEU A 170 -39.12 -7.63 2.65
C LEU A 170 -39.85 -8.62 1.76
N ARG A 171 -41.14 -8.88 2.03
CA ARG A 171 -41.82 -9.95 1.29
C ARG A 171 -43.32 -9.69 1.09
N ILE A 172 -43.89 -10.46 0.16
CA ILE A 172 -45.33 -10.39 -0.08
C ILE A 172 -46.06 -11.25 0.95
N VAL A 173 -47.12 -10.74 1.60
CA VAL A 173 -47.79 -11.57 2.61
C VAL A 173 -49.25 -11.86 2.27
N GLU A 174 -49.70 -11.31 1.15
CA GLU A 174 -51.06 -11.49 0.66
C GLU A 174 -51.12 -10.96 -0.78
N LYS A 175 -51.69 -11.74 -1.68
CA LYS A 175 -52.07 -11.35 -3.02
C LYS A 175 -53.60 -11.21 -3.13
N ARG A 176 -54.07 -10.02 -3.43
CA ARG A 176 -55.45 -9.59 -3.62
C ARG A 176 -55.75 -9.48 -5.11
N GLU A 177 -56.99 -9.21 -5.50
CA GLU A 177 -57.25 -9.10 -6.94
C GLU A 177 -56.86 -7.74 -7.47
N ASP A 178 -56.79 -6.77 -6.55
CA ASP A 178 -56.48 -5.39 -6.93
C ASP A 178 -55.05 -4.96 -6.57
N GLY A 179 -54.24 -5.81 -5.95
CA GLY A 179 -52.97 -5.38 -5.42
C GLY A 179 -52.30 -6.41 -4.55
N ILE A 180 -51.25 -5.99 -3.85
CA ILE A 180 -50.57 -6.92 -2.94
C ILE A 180 -50.34 -6.23 -1.61
N VAL A 181 -50.06 -7.03 -0.59
CA VAL A 181 -49.71 -6.44 0.69
C VAL A 181 -48.28 -6.90 1.03
N VAL A 182 -47.44 -5.95 1.44
CA VAL A 182 -46.06 -6.35 1.74
C VAL A 182 -45.68 -6.06 3.18
N ARG A 183 -44.78 -6.87 3.73
CA ARG A 183 -44.31 -6.65 5.08
C ARG A 183 -42.78 -6.74 5.16
N GLY A 184 -42.18 -5.85 5.94
CA GLY A 184 -40.72 -5.92 6.11
C GLY A 184 -40.16 -4.51 6.33
N ALA A 185 -38.88 -4.34 6.00
CA ALA A 185 -38.21 -3.06 6.18
C ALA A 185 -37.01 -2.93 5.22
N LYS A 186 -36.57 -1.70 4.99
CA LYS A 186 -35.31 -1.47 4.28
C LYS A 186 -34.46 -0.53 5.12
N ALA A 187 -33.20 -0.91 5.37
CA ALA A 187 -32.31 -0.17 6.26
C ALA A 187 -31.39 0.78 5.51
N HIS A 188 -30.74 1.70 6.23
CA HIS A 188 -29.65 2.53 5.74
C HIS A 188 -30.04 3.49 4.61
N GLN A 189 -31.32 3.88 4.57
CA GLN A 189 -31.87 4.57 3.41
C GLN A 189 -31.59 6.06 3.44
N THR A 190 -30.53 6.51 2.74
CA THR A 190 -30.19 7.94 2.78
C THR A 190 -31.28 8.72 2.03
N GLY A 191 -31.75 9.82 2.60
CA GLY A 191 -32.74 10.65 1.91
C GLY A 191 -34.16 10.13 1.86
N SER A 192 -34.46 9.02 2.54
CA SER A 192 -35.82 8.50 2.46
C SER A 192 -36.83 9.47 3.05
N ILE A 193 -36.45 10.09 4.16
CA ILE A 193 -37.37 10.99 4.86
C ILE A 193 -37.76 12.16 3.98
N ASN A 194 -36.86 12.66 3.13
CA ASN A 194 -37.24 13.79 2.30
C ASN A 194 -37.61 13.41 0.86
N SER A 195 -38.10 12.20 0.63
CA SER A 195 -38.52 11.81 -0.71
C SER A 195 -40.05 11.90 -0.85
N HIS A 196 -40.58 11.97 -2.06
CA HIS A 196 -42.01 11.97 -2.32
C HIS A 196 -42.56 10.55 -2.49
N GLU A 197 -41.69 9.69 -2.97
CA GLU A 197 -42.03 8.32 -3.31
C GLU A 197 -40.83 7.41 -2.99
N HIS A 198 -41.10 6.12 -2.95
CA HIS A 198 -40.04 5.13 -2.79
C HIS A 198 -40.17 4.08 -3.89
N ILE A 199 -39.07 3.64 -4.48
CA ILE A 199 -39.06 2.48 -5.36
C ILE A 199 -38.22 1.39 -4.72
N ILE A 200 -38.82 0.23 -4.49
CA ILE A 200 -38.24 -0.90 -3.80
C ILE A 200 -37.79 -1.99 -4.76
N MET A 201 -36.64 -2.59 -4.46
CA MET A 201 -36.05 -3.67 -5.24
C MET A 201 -35.46 -4.73 -4.31
N PRO A 202 -35.38 -6.00 -4.71
CA PRO A 202 -34.80 -7.04 -3.86
C PRO A 202 -33.28 -6.90 -3.79
N THR A 203 -32.67 -7.34 -2.70
CA THR A 203 -31.24 -7.12 -2.45
C THR A 203 -30.35 -8.24 -2.96
N ILE A 204 -30.85 -9.39 -3.39
CA ILE A 204 -29.96 -10.49 -3.77
C ILE A 204 -30.62 -11.43 -4.76
N ALA A 205 -29.89 -12.23 -5.52
CA ALA A 205 -30.54 -13.23 -6.39
C ALA A 205 -31.38 -14.18 -5.54
N MET A 206 -32.48 -14.68 -6.11
CA MET A 206 -33.47 -15.44 -5.36
C MET A 206 -33.70 -16.81 -5.98
N THR A 207 -33.84 -17.84 -5.14
CA THR A 207 -34.25 -19.13 -5.71
C THR A 207 -35.76 -19.29 -5.66
N GLU A 208 -36.25 -20.48 -6.03
CA GLU A 208 -37.70 -20.62 -6.07
C GLU A 208 -38.31 -20.53 -4.67
N ALA A 209 -37.59 -21.07 -3.70
CA ALA A 209 -38.08 -21.08 -2.32
C ALA A 209 -38.10 -19.66 -1.75
N ASP A 210 -37.37 -18.76 -2.41
CA ASP A 210 -37.32 -17.39 -1.92
C ASP A 210 -38.27 -16.51 -2.72
N LYS A 211 -39.14 -17.16 -3.51
CA LYS A 211 -39.90 -16.37 -4.49
C LYS A 211 -40.82 -15.31 -3.90
N ASP A 212 -41.29 -15.36 -2.65
CA ASP A 212 -42.12 -14.26 -2.15
C ASP A 212 -41.28 -13.02 -1.83
N TYR A 213 -39.96 -13.21 -1.82
CA TYR A 213 -39.06 -12.10 -1.54
C TYR A 213 -38.61 -11.42 -2.84
N ALA A 214 -39.06 -11.97 -3.95
CA ALA A 214 -38.80 -11.40 -5.26
C ALA A 214 -39.92 -10.42 -5.61
N VAL A 215 -39.80 -9.23 -5.03
CA VAL A 215 -40.81 -8.19 -5.16
C VAL A 215 -40.21 -6.81 -5.41
N SER A 216 -40.82 -6.01 -6.30
CA SER A 216 -40.43 -4.67 -6.67
C SER A 216 -41.65 -3.82 -6.97
N PHE A 217 -41.68 -2.57 -6.53
CA PHE A 217 -42.85 -1.70 -6.66
C PHE A 217 -42.49 -0.26 -6.32
N ALA A 218 -43.41 0.68 -6.55
CA ALA A 218 -43.25 2.07 -6.11
C ALA A 218 -44.42 2.55 -5.28
N CYS A 219 -44.20 3.48 -4.35
CA CYS A 219 -45.29 3.94 -3.47
C CYS A 219 -45.03 5.30 -2.86
N PRO A 220 -46.08 6.08 -2.57
CA PRO A 220 -45.93 7.37 -1.91
C PRO A 220 -45.29 7.25 -0.54
N SER A 221 -44.64 8.33 -0.13
CA SER A 221 -43.92 8.31 1.13
C SER A 221 -44.81 8.32 2.37
N ASP A 222 -46.07 8.66 2.20
CA ASP A 222 -47.06 8.66 3.26
C ASP A 222 -48.14 7.59 3.05
N ALA A 223 -47.79 6.46 2.42
CA ALA A 223 -48.65 5.31 2.21
C ALA A 223 -49.01 4.64 3.55
N ASP A 224 -50.22 4.11 3.64
CA ASP A 224 -50.79 3.54 4.85
C ASP A 224 -49.95 2.39 5.39
N GLY A 225 -49.40 2.52 6.60
CA GLY A 225 -48.52 1.51 7.14
C GLY A 225 -47.04 1.85 7.04
N LEU A 226 -46.64 2.91 6.36
CA LEU A 226 -45.23 3.22 6.11
C LEU A 226 -44.71 4.29 7.05
N PHE A 227 -43.60 4.02 7.75
CA PHE A 227 -43.00 5.03 8.61
C PHE A 227 -41.46 4.85 8.66
N MET A 228 -40.80 5.84 9.21
CA MET A 228 -39.35 5.95 9.26
C MET A 228 -38.79 6.19 10.65
N ILE A 229 -37.69 5.52 10.96
CA ILE A 229 -36.96 5.72 12.21
C ILE A 229 -35.56 6.24 11.89
N TYR A 230 -35.24 7.46 12.31
CA TYR A 230 -33.96 8.08 11.96
C TYR A 230 -32.78 7.27 12.46
N GLY A 231 -31.70 7.29 11.68
CA GLY A 231 -30.45 6.69 12.11
C GLY A 231 -29.47 7.75 12.59
N ARG A 232 -28.72 7.45 13.66
CA ARG A 232 -27.77 8.40 14.22
C ARG A 232 -26.56 8.59 13.33
N GLN A 233 -25.88 9.72 13.50
CA GLN A 233 -24.65 10.02 12.78
C GLN A 233 -23.63 10.59 13.78
N SER A 234 -22.36 10.25 13.56
CA SER A 234 -21.26 10.88 14.30
C SER A 234 -21.47 12.39 14.36
N CYS A 235 -21.43 12.97 15.57
CA CYS A 235 -21.59 14.39 15.81
C CYS A 235 -22.98 14.91 15.45
N ASP A 236 -23.98 14.05 15.30
CA ASP A 236 -25.30 14.53 14.87
C ASP A 236 -25.86 15.63 15.77
N THR A 237 -25.78 15.50 17.10
CA THR A 237 -26.49 16.46 17.93
C THR A 237 -25.75 17.78 18.08
N ARG A 238 -24.58 17.94 17.45
CA ARG A 238 -24.01 19.30 17.41
C ARG A 238 -25.03 20.22 16.71
N LYS A 239 -25.84 19.71 15.78
CA LYS A 239 -26.81 20.56 15.08
C LYS A 239 -27.90 21.12 16.01
N MET A 240 -28.05 20.58 17.22
CA MET A 240 -29.09 21.06 18.13
C MET A 240 -28.61 22.20 19.02
N GLU A 241 -27.33 22.57 18.94
CA GLU A 241 -26.77 23.62 19.79
C GLU A 241 -27.20 25.00 19.30
N GLU A 242 -27.47 25.91 20.24
CA GLU A 242 -27.99 27.23 19.80
C GLU A 242 -26.85 28.01 19.14
N GLY A 243 -27.13 28.61 17.99
CA GLY A 243 -26.09 29.29 17.24
C GLY A 243 -25.14 28.38 16.47
N ALA A 244 -25.37 27.07 16.38
CA ALA A 244 -24.40 26.15 15.73
C ALA A 244 -24.02 26.62 14.33
N ASP A 245 -22.72 26.72 14.06
CA ASP A 245 -22.25 27.26 12.79
C ASP A 245 -20.84 26.71 12.52
N ILE A 246 -19.83 27.28 13.16
CA ILE A 246 -18.44 26.89 12.91
C ILE A 246 -18.16 25.45 13.30
N ASP A 247 -18.72 24.94 14.40
CA ASP A 247 -18.43 23.58 14.85
C ASP A 247 -19.12 22.52 13.97
N LEU A 248 -19.93 22.91 13.00
CA LEU A 248 -20.59 21.94 12.13
C LEU A 248 -19.71 21.53 10.95
N GLY A 249 -18.76 22.34 10.56
CA GLY A 249 -17.88 22.07 9.42
C GLY A 249 -18.55 22.38 8.08
N ASN A 250 -19.73 21.85 7.88
CA ASN A 250 -20.65 22.02 6.77
C ASN A 250 -22.03 22.36 7.32
N LYS A 251 -22.32 23.67 7.49
CA LYS A 251 -23.57 24.13 8.09
C LYS A 251 -24.76 23.88 7.19
N GLN A 252 -24.57 24.07 5.87
CA GLN A 252 -25.73 24.02 5.00
C GLN A 252 -26.16 22.63 4.57
N PHE A 253 -25.23 21.68 4.41
CA PHE A 253 -25.58 20.41 3.79
C PHE A 253 -25.19 19.16 4.57
N GLY A 254 -25.93 18.07 4.32
CA GLY A 254 -25.60 16.80 4.98
C GLY A 254 -26.36 15.68 4.32
N GLY A 255 -26.18 14.44 4.76
CA GLY A 255 -27.03 13.36 4.21
C GLY A 255 -27.49 12.51 5.39
N GLN A 256 -28.71 12.01 5.47
CA GLN A 256 -29.06 11.20 6.65
C GLN A 256 -29.77 9.91 6.25
N GLU A 257 -29.65 8.89 7.10
CA GLU A 257 -30.16 7.54 6.93
C GLU A 257 -31.34 7.25 7.85
N ALA A 258 -32.26 6.40 7.40
CA ALA A 258 -33.39 5.96 8.23
C ALA A 258 -33.75 4.50 8.01
N LEU A 259 -34.35 3.82 8.98
CA LEU A 259 -34.96 2.52 8.72
C LEU A 259 -36.37 2.77 8.19
N VAL A 260 -36.72 2.23 7.04
CA VAL A 260 -38.03 2.38 6.42
C VAL A 260 -38.85 1.12 6.69
N VAL A 261 -39.89 1.27 7.51
CA VAL A 261 -40.67 0.10 7.89
C VAL A 261 -41.96 -0.04 7.11
N PHE A 262 -42.20 -1.20 6.51
CA PHE A 262 -43.48 -1.43 5.85
C PHE A 262 -44.35 -2.33 6.74
N ASP A 263 -45.24 -1.73 7.52
CA ASP A 263 -46.14 -2.49 8.41
C ASP A 263 -47.43 -2.88 7.70
N ASN A 264 -47.35 -3.85 6.79
CA ASN A 264 -48.42 -4.33 5.93
C ASN A 264 -48.98 -3.30 4.97
N VAL A 265 -48.18 -2.95 3.97
CA VAL A 265 -48.55 -1.93 3.00
C VAL A 265 -49.16 -2.55 1.74
N PHE A 266 -50.29 -1.96 1.35
CA PHE A 266 -51.00 -2.34 0.14
C PHE A 266 -50.47 -1.54 -1.06
N ILE A 267 -50.06 -2.29 -2.06
CA ILE A 267 -49.62 -1.82 -3.36
C ILE A 267 -50.62 -2.14 -4.47
N PRO A 268 -51.17 -1.14 -5.15
CA PRO A 268 -52.11 -1.46 -6.24
C PRO A 268 -51.36 -2.08 -7.43
N ASN A 269 -52.07 -2.88 -8.22
CA ASN A 269 -51.51 -3.62 -9.33
C ASN A 269 -50.64 -2.74 -10.24
N ASP A 270 -51.01 -1.47 -10.44
CA ASP A 270 -50.31 -0.71 -11.48
C ASP A 270 -48.99 -0.11 -10.97
N ARG A 271 -48.65 -0.40 -9.72
CA ARG A 271 -47.39 0.12 -9.16
C ARG A 271 -46.39 -1.00 -8.94
N ILE A 272 -46.73 -2.20 -9.39
CA ILE A 272 -45.91 -3.40 -9.18
C ILE A 272 -44.96 -3.63 -10.34
N PHE A 273 -43.67 -3.86 -10.04
CA PHE A 273 -42.68 -4.06 -11.13
C PHE A 273 -42.09 -5.46 -11.12
N LEU A 274 -42.33 -6.24 -10.07
CA LEU A 274 -41.86 -7.62 -9.93
C LEU A 274 -42.69 -8.33 -8.86
N CYS A 275 -43.21 -9.52 -9.14
CA CYS A 275 -44.02 -10.26 -8.17
C CYS A 275 -43.85 -11.76 -8.34
N GLN A 276 -42.88 -12.34 -7.65
CA GLN A 276 -42.49 -13.73 -7.55
C GLN A 276 -41.78 -14.32 -8.76
N GLU A 277 -41.37 -13.51 -9.73
CA GLU A 277 -40.56 -14.11 -10.82
C GLU A 277 -39.10 -14.13 -10.38
N TYR A 278 -38.78 -15.13 -9.57
CA TYR A 278 -37.55 -15.20 -8.80
C TYR A 278 -36.32 -15.14 -9.71
N ASP A 279 -36.48 -15.63 -10.94
CA ASP A 279 -35.35 -15.65 -11.86
C ASP A 279 -35.01 -14.26 -12.41
N PHE A 280 -35.69 -13.19 -12.03
CA PHE A 280 -35.25 -11.87 -12.52
C PHE A 280 -34.78 -10.98 -11.39
N ALA A 281 -34.77 -11.49 -10.15
CA ALA A 281 -34.31 -10.58 -9.10
C ALA A 281 -32.81 -10.25 -9.16
N GLY A 282 -31.98 -11.23 -9.44
CA GLY A 282 -30.54 -11.02 -9.54
C GLY A 282 -30.20 -10.08 -10.70
N MET A 283 -31.04 -10.01 -11.73
CA MET A 283 -30.87 -9.09 -12.86
C MET A 283 -31.08 -7.66 -12.36
N MET A 284 -32.15 -7.49 -11.57
CA MET A 284 -32.43 -6.19 -10.99
C MET A 284 -31.29 -5.71 -10.09
N VAL A 285 -30.74 -6.62 -9.29
CA VAL A 285 -29.65 -6.32 -8.37
C VAL A 285 -28.41 -5.90 -9.15
N GLU A 286 -28.01 -6.73 -10.12
CA GLU A 286 -26.83 -6.48 -10.95
C GLU A 286 -26.89 -5.13 -11.63
N ARG A 287 -28.05 -4.78 -12.21
CA ARG A 287 -28.07 -3.53 -12.98
C ARG A 287 -28.16 -2.29 -12.11
N PHE A 288 -28.90 -2.30 -11.01
CA PHE A 288 -28.97 -1.15 -10.13
C PHE A 288 -27.63 -0.87 -9.44
N ALA A 289 -27.03 -1.93 -8.91
CA ALA A 289 -25.73 -1.83 -8.25
C ALA A 289 -24.70 -1.33 -9.25
N GLY A 290 -24.78 -1.83 -10.49
CA GLY A 290 -23.80 -1.38 -11.50
C GLY A 290 -23.87 0.12 -11.72
N TYR A 291 -25.07 0.67 -11.88
CA TYR A 291 -25.24 2.11 -12.10
C TYR A 291 -24.78 2.86 -10.85
N HIS A 292 -25.10 2.32 -9.67
CA HIS A 292 -24.68 3.04 -8.46
C HIS A 292 -23.17 3.01 -8.29
N ARG A 293 -22.50 1.95 -8.67
CA ARG A 293 -21.03 1.88 -8.60
C ARG A 293 -20.42 2.86 -9.60
N GLN A 294 -21.04 3.05 -10.76
CA GLN A 294 -20.62 4.08 -11.71
C GLN A 294 -20.75 5.47 -11.10
N SER A 295 -21.87 5.69 -10.44
CA SER A 295 -22.18 6.98 -9.83
C SER A 295 -21.09 7.48 -8.90
N TYR A 296 -20.42 6.59 -8.15
CA TYR A 296 -19.39 6.99 -7.20
C TYR A 296 -18.16 7.57 -7.89
N GLY A 297 -17.88 7.19 -9.14
CA GLY A 297 -16.80 7.84 -9.89
C GLY A 297 -17.08 9.29 -10.25
N GLY A 298 -18.29 9.78 -10.02
CA GLY A 298 -18.64 11.20 -10.06
C GLY A 298 -18.79 11.77 -8.66
N CYS A 299 -19.68 11.27 -7.80
CA CYS A 299 -20.00 12.01 -6.56
C CYS A 299 -18.83 12.04 -5.60
N LYS A 300 -18.10 10.94 -5.40
CA LYS A 300 -17.00 10.89 -4.48
C LYS A 300 -15.78 11.71 -4.93
N VAL A 301 -15.69 11.84 -6.26
CA VAL A 301 -14.62 12.64 -6.85
C VAL A 301 -14.90 14.13 -6.61
N GLY A 302 -16.15 14.54 -6.72
CA GLY A 302 -16.57 15.93 -6.45
C GLY A 302 -16.31 16.31 -5.01
N VAL A 303 -16.70 15.39 -4.11
CA VAL A 303 -16.43 15.63 -2.68
C VAL A 303 -14.94 15.63 -2.45
N GLY A 304 -14.15 14.73 -3.04
CA GLY A 304 -12.71 14.70 -2.94
C GLY A 304 -12.04 15.99 -3.44
N ASP A 305 -12.61 16.63 -4.47
CA ASP A 305 -12.12 17.97 -4.89
C ASP A 305 -12.14 18.97 -3.72
N VAL A 306 -13.23 18.96 -2.97
CA VAL A 306 -13.37 19.87 -1.81
C VAL A 306 -12.41 19.48 -0.69
N VAL A 307 -12.19 18.20 -0.36
CA VAL A 307 -11.21 17.81 0.65
C VAL A 307 -9.80 18.24 0.30
N ILE A 308 -9.44 18.07 -0.99
CA ILE A 308 -8.13 18.49 -1.48
C ILE A 308 -7.97 20.00 -1.31
N GLY A 309 -9.01 20.74 -1.70
CA GLY A 309 -9.01 22.19 -1.56
C GLY A 309 -8.90 22.65 -0.11
N ALA A 310 -9.63 21.98 0.77
CA ALA A 310 -9.53 22.34 2.23
C ALA A 310 -8.18 22.01 2.83
N ALA A 311 -7.58 20.84 2.53
CA ALA A 311 -6.21 20.62 2.99
C ALA A 311 -5.21 21.64 2.44
N ALA A 312 -5.30 21.97 1.16
CA ALA A 312 -4.38 22.98 0.60
C ALA A 312 -4.51 24.35 1.28
N LEU A 313 -5.73 24.77 1.54
CA LEU A 313 -6.05 26.04 2.21
C LEU A 313 -5.54 25.98 3.64
N ALA A 314 -5.78 24.86 4.32
CA ALA A 314 -5.23 24.73 5.69
C ALA A 314 -3.73 24.94 5.73
N ALA A 315 -2.99 24.37 4.76
CA ALA A 315 -1.55 24.53 4.71
C ALA A 315 -1.17 26.02 4.51
N ASP A 316 -1.90 26.73 3.65
CA ASP A 316 -1.66 28.16 3.50
C ASP A 316 -1.90 28.90 4.84
N TYR A 317 -3.01 28.58 5.46
CA TYR A 317 -3.38 29.25 6.72
C TYR A 317 -2.38 28.96 7.82
N ASN A 318 -1.91 27.71 7.91
CA ASN A 318 -0.92 27.34 8.92
C ASN A 318 0.43 27.99 8.64
N GLY A 319 0.72 28.24 7.34
CA GLY A 319 2.02 28.78 6.99
C GLY A 319 3.02 27.79 6.43
N ALA A 320 2.58 26.57 6.11
CA ALA A 320 3.48 25.47 5.75
C ALA A 320 3.39 25.14 4.26
N GLN A 321 2.74 25.98 3.47
CA GLN A 321 2.44 25.68 2.05
C GLN A 321 3.67 25.55 1.15
N LYS A 322 4.85 26.06 1.52
CA LYS A 322 6.01 25.85 0.67
C LYS A 322 6.76 24.54 0.93
N ALA A 323 6.41 23.76 1.95
CA ALA A 323 7.21 22.56 2.26
C ALA A 323 7.07 21.50 1.17
N SER A 324 8.16 20.86 0.75
CA SER A 324 8.05 19.83 -0.30
C SER A 324 7.14 18.68 0.07
N HIS A 325 7.19 18.19 1.31
CA HIS A 325 6.33 17.01 1.60
C HIS A 325 4.87 17.38 1.59
N VAL A 326 4.45 18.60 1.94
CA VAL A 326 3.07 19.01 1.87
C VAL A 326 2.63 19.08 0.41
N LYS A 327 3.41 19.69 -0.48
CA LYS A 327 3.09 19.68 -1.90
C LYS A 327 2.96 18.24 -2.42
N ASP A 328 3.85 17.35 -2.03
CA ASP A 328 3.81 15.97 -2.56
C ASP A 328 2.57 15.23 -2.06
N LYS A 329 2.14 15.43 -0.80
CA LYS A 329 0.91 14.82 -0.32
C LYS A 329 -0.32 15.33 -1.06
N LEU A 330 -0.37 16.64 -1.39
CA LEU A 330 -1.49 17.16 -2.15
C LEU A 330 -1.52 16.53 -3.56
N ILE A 331 -0.38 16.29 -4.18
CA ILE A 331 -0.33 15.60 -5.48
C ILE A 331 -0.87 14.16 -5.36
N GLU A 332 -0.42 13.48 -4.30
CA GLU A 332 -0.95 12.12 -4.08
C GLU A 332 -2.46 12.13 -3.94
N MET A 333 -3.06 13.05 -3.16
CA MET A 333 -4.51 13.09 -3.03
C MET A 333 -5.18 13.37 -4.36
N THR A 334 -4.58 14.27 -5.17
CA THR A 334 -5.14 14.56 -6.50
C THR A 334 -5.12 13.32 -7.40
N HIS A 335 -3.97 12.65 -7.42
CA HIS A 335 -3.71 11.46 -8.25
C HIS A 335 -4.72 10.37 -7.90
N LEU A 336 -4.89 10.01 -6.61
CA LEU A 336 -5.88 8.97 -6.25
C LEU A 336 -7.30 9.32 -6.61
N ASN A 337 -7.69 10.59 -6.38
CA ASN A 337 -9.01 11.11 -6.68
C ASN A 337 -9.28 11.05 -8.19
N GLU A 338 -8.29 11.46 -9.02
CA GLU A 338 -8.55 11.39 -10.46
C GLU A 338 -8.54 9.96 -11.00
N THR A 339 -7.85 9.04 -10.30
CA THR A 339 -7.95 7.63 -10.74
C THR A 339 -9.37 7.13 -10.60
N LEU A 340 -10.08 7.49 -9.50
CA LEU A 340 -11.51 7.19 -9.36
C LEU A 340 -12.32 7.75 -10.52
N TYR A 341 -12.10 9.04 -10.86
CA TYR A 341 -12.79 9.62 -12.01
C TYR A 341 -12.57 8.81 -13.28
N CYS A 342 -11.34 8.37 -13.53
CA CYS A 342 -11.02 7.59 -14.73
C CYS A 342 -11.87 6.33 -14.83
N CYS A 343 -12.01 5.64 -13.69
CA CYS A 343 -12.87 4.44 -13.70
C CYS A 343 -14.31 4.81 -13.99
N GLY A 344 -14.84 5.88 -13.41
CA GLY A 344 -16.21 6.28 -13.70
C GLY A 344 -16.45 6.63 -15.16
N ILE A 345 -15.52 7.38 -15.73
CA ILE A 345 -15.66 7.74 -17.17
C ILE A 345 -15.48 6.56 -18.09
N ALA A 346 -14.52 5.69 -17.78
CA ALA A 346 -14.26 4.53 -18.64
C ALA A 346 -15.45 3.59 -18.63
N CYS A 347 -16.11 3.34 -17.49
CA CYS A 347 -17.22 2.38 -17.53
C CYS A 347 -18.41 2.99 -18.28
N SER A 348 -18.47 4.31 -18.35
CA SER A 348 -19.45 5.04 -19.15
C SER A 348 -19.15 4.95 -20.66
N ALA A 349 -17.93 5.26 -21.04
CA ALA A 349 -17.49 5.26 -22.43
C ALA A 349 -17.61 3.87 -23.07
N GLU A 350 -17.41 2.80 -22.29
CA GLU A 350 -17.56 1.44 -22.82
C GLU A 350 -18.97 0.87 -22.62
N GLY A 351 -20.00 1.65 -22.35
CA GLY A 351 -21.36 1.16 -22.19
C GLY A 351 -22.01 0.76 -23.51
N TYR A 352 -23.27 0.35 -23.46
CA TYR A 352 -23.99 -0.29 -24.54
C TYR A 352 -25.51 -0.32 -24.31
N PRO A 353 -26.31 -0.46 -25.36
CA PRO A 353 -27.77 -0.50 -25.15
C PRO A 353 -28.25 -1.86 -24.63
N THR A 354 -29.26 -1.84 -23.78
CA THR A 354 -29.94 -3.04 -23.31
C THR A 354 -31.03 -3.43 -24.31
N ALA A 355 -31.66 -4.59 -24.15
CA ALA A 355 -32.75 -4.96 -25.07
C ALA A 355 -33.89 -3.95 -25.02
N ALA A 356 -34.11 -3.37 -23.85
CA ALA A 356 -35.16 -2.38 -23.68
C ALA A 356 -34.82 -1.12 -24.47
N GLY A 357 -33.55 -0.88 -24.76
CA GLY A 357 -33.25 0.34 -25.50
C GLY A 357 -32.35 1.34 -24.80
N ASN A 358 -32.46 1.44 -23.47
CA ASN A 358 -31.63 2.42 -22.76
C ASN A 358 -30.21 1.88 -22.61
N TYR A 359 -29.25 2.77 -22.36
CA TYR A 359 -27.85 2.42 -22.20
C TYR A 359 -27.47 2.08 -20.75
N GLN A 360 -26.49 1.17 -20.64
CA GLN A 360 -25.97 0.62 -19.40
C GLN A 360 -24.46 0.62 -19.40
N ILE A 361 -23.79 0.67 -18.25
CA ILE A 361 -22.34 0.69 -18.16
C ILE A 361 -21.72 -0.68 -18.34
N ASP A 362 -20.42 -0.69 -18.65
CA ASP A 362 -19.56 -1.85 -18.57
C ASP A 362 -19.51 -2.33 -17.11
N LEU A 363 -20.11 -3.50 -16.85
CA LEU A 363 -20.20 -3.95 -15.44
C LEU A 363 -18.86 -4.29 -14.79
N LEU A 364 -17.88 -4.78 -15.53
CA LEU A 364 -16.57 -5.09 -14.92
C LEU A 364 -15.91 -3.77 -14.53
N LEU A 365 -15.96 -2.79 -15.43
CA LEU A 365 -15.27 -1.54 -15.11
C LEU A 365 -15.99 -0.77 -14.00
N ALA A 366 -17.31 -0.88 -13.90
CA ALA A 366 -18.00 -0.27 -12.74
C ALA A 366 -17.59 -0.98 -11.45
N ASN A 367 -17.35 -2.31 -11.50
CA ASN A 367 -16.94 -3.04 -10.29
C ASN A 367 -15.55 -2.59 -9.84
N VAL A 368 -14.63 -2.39 -10.81
CA VAL A 368 -13.28 -1.89 -10.55
C VAL A 368 -13.36 -0.45 -9.99
N CYS A 369 -14.25 0.38 -10.52
CA CYS A 369 -14.49 1.73 -9.97
C CYS A 369 -14.80 1.60 -8.48
N LYS A 370 -15.85 0.81 -8.16
CA LYS A 370 -16.28 0.71 -6.75
C LYS A 370 -15.23 0.13 -5.84
N GLN A 371 -14.48 -0.89 -6.27
CA GLN A 371 -13.42 -1.50 -5.49
C GLN A 371 -12.37 -0.49 -5.07
N ASN A 372 -12.03 0.44 -5.99
CA ASN A 372 -11.13 1.54 -5.66
C ASN A 372 -11.81 2.53 -4.69
N ILE A 373 -13.10 2.73 -4.83
CA ILE A 373 -13.86 3.61 -3.92
C ILE A 373 -13.78 3.09 -2.48
N THR A 374 -13.67 1.76 -2.30
CA THR A 374 -13.54 1.25 -0.93
C THR A 374 -12.17 1.51 -0.30
N ARG A 375 -11.17 1.97 -1.05
CA ARG A 375 -9.81 2.20 -0.59
C ARG A 375 -9.39 3.66 -0.60
N PHE A 376 -9.50 4.41 -1.70
CA PHE A 376 -8.81 5.70 -1.81
C PHE A 376 -9.42 6.83 -0.98
N PRO A 377 -10.72 6.98 -0.80
CA PRO A 377 -11.22 8.05 0.11
C PRO A 377 -10.62 7.95 1.49
N TYR A 378 -10.39 6.72 1.99
CA TYR A 378 -9.80 6.57 3.33
C TYR A 378 -8.39 7.14 3.36
N GLU A 379 -7.60 6.94 2.29
CA GLU A 379 -6.25 7.47 2.24
C GLU A 379 -6.21 9.00 1.96
N ILE A 380 -7.13 9.47 1.14
CA ILE A 380 -7.27 10.93 0.95
C ILE A 380 -7.54 11.61 2.31
N VAL A 381 -8.44 11.09 3.13
CA VAL A 381 -8.66 11.60 4.49
C VAL A 381 -7.44 11.52 5.40
N ARG A 382 -6.69 10.42 5.41
CA ARG A 382 -5.50 10.27 6.25
C ARG A 382 -4.46 11.34 5.92
N LEU A 383 -4.24 11.58 4.61
CA LEU A 383 -3.27 12.62 4.18
C LEU A 383 -3.79 14.02 4.55
N ALA A 384 -5.08 14.27 4.50
CA ALA A 384 -5.68 15.54 4.91
C ALA A 384 -5.40 15.78 6.40
N GLU A 385 -5.59 14.74 7.21
CA GLU A 385 -5.32 14.89 8.66
C GLU A 385 -3.87 15.23 8.94
N ASP A 386 -2.89 14.65 8.25
CA ASP A 386 -1.49 14.99 8.34
C ASP A 386 -1.29 16.48 8.05
N ILE A 387 -1.79 16.91 6.90
CA ILE A 387 -1.60 18.31 6.53
C ILE A 387 -2.25 19.30 7.49
N ALA A 388 -3.41 19.05 8.06
CA ALA A 388 -4.15 19.98 8.88
C ALA A 388 -3.47 20.28 10.22
N GLY A 389 -2.94 19.25 10.85
CA GLY A 389 -2.37 19.35 12.19
C GLY A 389 -3.36 18.89 13.26
N GLY A 390 -2.88 18.81 14.50
CA GLY A 390 -3.66 18.32 15.63
C GLY A 390 -4.84 19.13 16.05
N LEU A 391 -4.86 20.44 15.78
CA LEU A 391 -5.95 21.30 16.23
C LEU A 391 -7.29 20.94 15.61
N MET A 392 -7.34 20.22 14.47
CA MET A 392 -8.65 19.88 13.92
C MET A 392 -9.43 18.95 14.85
N VAL A 393 -8.77 18.25 15.75
CA VAL A 393 -9.52 17.44 16.70
C VAL A 393 -9.39 17.88 18.16
N THR A 394 -8.70 18.97 18.51
CA THR A 394 -8.57 19.40 19.91
C THR A 394 -9.11 20.81 20.13
N MET A 395 -9.78 21.40 19.16
CA MET A 395 -10.17 22.81 19.19
C MET A 395 -11.25 23.12 20.22
N PRO A 396 -11.14 24.18 21.01
CA PRO A 396 -12.29 24.58 21.83
C PRO A 396 -13.53 24.92 21.01
N SER A 397 -14.69 24.83 21.68
CA SER A 397 -15.96 25.13 21.05
C SER A 397 -16.07 26.56 20.53
N GLU A 398 -17.05 26.72 19.63
CA GLU A 398 -17.30 28.07 19.13
C GLU A 398 -17.83 29.00 20.23
N ALA A 399 -18.59 28.43 21.15
CA ALA A 399 -19.08 29.24 22.29
C ALA A 399 -17.92 29.79 23.10
N ASP A 400 -16.83 29.03 23.22
CA ASP A 400 -15.63 29.55 23.86
C ASP A 400 -14.96 30.65 23.05
N PHE A 401 -14.88 30.57 21.73
CA PHE A 401 -14.24 31.60 20.93
C PHE A 401 -15.01 32.93 20.95
N LYS A 402 -16.30 32.86 21.27
CA LYS A 402 -17.10 34.09 21.38
C LYS A 402 -17.45 34.46 22.81
N SER A 403 -16.95 33.74 23.80
CA SER A 403 -17.30 33.98 25.20
C SER A 403 -16.70 35.28 25.76
N GLU A 404 -17.53 36.04 26.46
CA GLU A 404 -17.07 37.25 27.12
C GLU A 404 -16.74 37.03 28.59
N THR A 405 -16.79 35.78 29.05
CA THR A 405 -16.39 35.40 30.40
C THR A 405 -14.95 35.81 30.68
N VAL A 406 -14.72 36.64 31.71
CA VAL A 406 -13.40 37.16 32.03
C VAL A 406 -12.52 36.15 32.74
N VAL A 407 -11.31 35.87 32.27
CA VAL A 407 -10.45 34.92 32.95
C VAL A 407 -9.01 35.36 33.11
N GLY A 408 -8.59 36.48 32.51
CA GLY A 408 -7.19 36.82 32.61
C GLY A 408 -6.93 37.86 33.72
N ARG A 409 -5.69 38.06 34.11
CA ARG A 409 -5.34 39.02 35.16
C ARG A 409 -5.77 40.43 34.78
N ASP A 410 -5.68 40.81 33.50
CA ASP A 410 -6.07 42.19 33.18
C ASP A 410 -7.41 42.28 32.47
N GLY A 411 -8.35 41.38 32.74
CA GLY A 411 -9.69 41.46 32.19
C GLY A 411 -9.86 40.74 30.86
N GLU A 412 -8.86 40.02 30.36
CA GLU A 412 -9.05 39.24 29.13
C GLU A 412 -10.11 38.16 29.30
N THR A 413 -10.90 37.96 28.25
CA THR A 413 -11.96 36.96 28.14
C THR A 413 -11.46 35.64 27.54
N ILE A 414 -12.26 34.58 27.73
CA ILE A 414 -11.98 33.29 27.11
C ILE A 414 -11.84 33.50 25.61
N GLY A 415 -12.76 34.24 25.00
CA GLY A 415 -12.72 34.48 23.55
C GLY A 415 -11.46 35.20 23.13
N ASP A 416 -11.03 36.15 23.96
CA ASP A 416 -9.79 36.86 23.72
C ASP A 416 -8.63 35.85 23.65
N PHE A 417 -8.59 34.93 24.62
CA PHE A 417 -7.45 33.98 24.65
C PHE A 417 -7.46 33.02 23.46
N CYS A 418 -8.62 32.57 23.04
CA CYS A 418 -8.80 31.63 21.93
C CYS A 418 -8.37 32.28 20.61
N ASN A 419 -8.89 33.49 20.36
CA ASN A 419 -8.49 34.14 19.11
C ASN A 419 -7.03 34.49 19.11
N LYS A 420 -6.43 34.78 20.27
CA LYS A 420 -5.00 35.07 20.31
C LYS A 420 -4.14 33.83 20.05
N PHE A 421 -4.38 32.73 20.76
CA PHE A 421 -3.44 31.60 20.73
C PHE A 421 -3.56 30.72 19.47
N PHE A 422 -4.69 30.78 18.78
CA PHE A 422 -4.81 29.88 17.60
C PHE A 422 -4.63 30.68 16.31
N ALA A 423 -4.03 31.88 16.40
CA ALA A 423 -3.65 32.62 15.20
C ALA A 423 -2.51 31.88 14.50
N ALA A 424 -2.34 32.13 13.18
CA ALA A 424 -1.22 31.50 12.50
C ALA A 424 -0.63 32.39 11.41
N ALA A 425 -0.64 32.04 10.13
CA ALA A 425 -0.07 32.87 9.06
C ALA A 425 -0.91 34.12 8.79
N PRO A 426 -0.28 35.18 8.26
CA PRO A 426 -0.97 36.46 8.04
C PRO A 426 -2.12 36.41 7.04
N THR A 427 -2.24 35.34 6.27
CA THR A 427 -3.24 35.19 5.22
C THR A 427 -4.62 34.82 5.73
N CYS A 428 -4.83 34.60 7.03
CA CYS A 428 -6.15 34.32 7.57
C CYS A 428 -6.42 35.05 8.89
N THR A 429 -7.69 35.17 9.21
CA THR A 429 -8.08 35.49 10.59
C THR A 429 -8.12 34.18 11.36
N THR A 430 -8.05 34.25 12.68
CA THR A 430 -8.23 33.02 13.46
C THR A 430 -9.54 32.30 13.11
N GLU A 431 -10.66 32.99 12.96
CA GLU A 431 -11.94 32.36 12.68
C GLU A 431 -11.93 31.62 11.33
N GLU A 432 -11.26 32.20 10.34
CA GLU A 432 -11.14 31.56 9.03
C GLU A 432 -10.39 30.23 9.13
N ARG A 433 -9.27 30.26 9.82
CA ARG A 433 -8.52 29.03 10.04
C ARG A 433 -9.35 28.00 10.80
N MET A 434 -10.05 28.36 11.87
CA MET A 434 -10.88 27.40 12.57
C MET A 434 -12.01 26.85 11.69
N ARG A 435 -12.58 27.67 10.80
CA ARG A 435 -13.67 27.21 9.95
C ARG A 435 -13.20 26.06 9.05
N VAL A 436 -11.99 26.18 8.50
CA VAL A 436 -11.58 25.12 7.55
C VAL A 436 -11.10 23.92 8.33
N LEU A 437 -10.47 24.11 9.49
CA LEU A 437 -10.21 22.91 10.32
C LEU A 437 -11.48 22.21 10.78
N ARG A 438 -12.60 22.87 11.10
CA ARG A 438 -13.84 22.18 11.44
C ARG A 438 -14.44 21.46 10.23
N PHE A 439 -14.28 22.07 9.05
CA PHE A 439 -14.74 21.37 7.84
C PHE A 439 -13.99 20.01 7.77
N LEU A 440 -12.67 20.04 7.98
CA LEU A 440 -11.92 18.78 7.92
C LEU A 440 -12.32 17.81 9.04
N GLU A 441 -12.48 18.24 10.28
CA GLU A 441 -12.94 17.39 11.37
C GLU A 441 -14.24 16.72 10.97
N ASN A 442 -15.19 17.50 10.44
CA ASN A 442 -16.48 16.93 10.07
C ASN A 442 -16.37 15.85 8.99
N ILE A 443 -15.43 15.91 8.03
CA ILE A 443 -15.48 14.88 6.97
C ILE A 443 -14.46 13.78 7.25
N CYS A 444 -13.52 13.97 8.16
CA CYS A 444 -12.51 13.00 8.53
C CYS A 444 -13.04 12.12 9.68
N LEU A 445 -13.81 12.66 10.61
CA LEU A 445 -14.36 11.91 11.74
C LEU A 445 -15.84 12.20 12.01
N GLY A 446 -16.41 13.30 11.56
CA GLY A 446 -17.76 13.67 11.91
C GLY A 446 -18.90 13.23 11.05
N ALA A 447 -19.97 14.01 10.98
CA ALA A 447 -21.19 13.64 10.28
C ALA A 447 -20.93 13.29 8.81
N SER A 448 -19.99 13.99 8.18
CA SER A 448 -19.74 13.71 6.75
C SER A 448 -18.77 12.54 6.56
N ALA A 449 -18.07 12.08 7.58
CA ALA A 449 -17.23 10.89 7.45
C ALA A 449 -18.10 9.65 7.23
N VAL A 450 -19.32 9.67 7.78
CA VAL A 450 -20.28 8.59 7.50
C VAL A 450 -20.43 8.36 6.00
N GLY A 451 -20.65 9.37 5.17
CA GLY A 451 -20.80 9.24 3.74
C GLY A 451 -19.45 9.03 3.04
N TYR A 452 -18.45 9.91 3.28
CA TYR A 452 -17.22 9.87 2.50
C TYR A 452 -16.37 8.62 2.79
N ARG A 453 -16.34 8.16 4.04
CA ARG A 453 -15.59 6.95 4.41
C ARG A 453 -16.50 5.72 4.43
N THR A 454 -17.46 5.60 5.37
CA THR A 454 -18.18 4.32 5.52
C THR A 454 -19.15 3.99 4.41
N GLU A 455 -19.85 4.94 3.78
CA GLU A 455 -20.70 4.60 2.64
C GLU A 455 -19.81 4.20 1.45
N SER A 456 -18.60 4.77 1.41
CA SER A 456 -17.69 4.37 0.33
C SER A 456 -17.30 2.89 0.43
N MET A 457 -17.13 2.41 1.66
CA MET A 457 -16.89 1.00 1.95
C MET A 457 -18.08 0.11 1.55
N HIS A 458 -19.28 0.45 2.00
CA HIS A 458 -20.38 -0.50 1.83
C HIS A 458 -21.45 -0.11 0.82
N GLY A 459 -21.55 1.13 0.37
CA GLY A 459 -22.54 1.52 -0.62
C GLY A 459 -22.52 0.66 -1.88
N ALA A 460 -23.69 0.21 -2.33
CA ALA A 460 -23.78 -0.69 -3.46
C ALA A 460 -22.93 -1.94 -3.25
N GLY A 461 -22.82 -2.40 -1.99
CA GLY A 461 -22.11 -3.65 -1.74
C GLY A 461 -20.75 -3.50 -1.09
N SER A 462 -20.49 -4.34 -0.09
CA SER A 462 -19.17 -4.48 0.54
C SER A 462 -18.14 -4.95 -0.46
N PRO A 463 -16.87 -4.73 -0.20
CA PRO A 463 -15.84 -5.08 -1.17
C PRO A 463 -15.90 -6.51 -1.69
N GLN A 464 -16.23 -7.50 -0.86
CA GLN A 464 -16.17 -8.87 -1.36
C GLN A 464 -17.17 -9.09 -2.49
N ALA A 465 -18.25 -8.32 -2.47
CA ALA A 465 -19.29 -8.42 -3.49
C ALA A 465 -18.78 -8.16 -4.91
N GLN A 466 -17.94 -7.12 -5.04
CA GLN A 466 -17.33 -6.82 -6.33
C GLN A 466 -16.27 -7.85 -6.67
N ARG A 467 -15.49 -8.29 -5.67
CA ARG A 467 -14.44 -9.25 -6.00
C ARG A 467 -15.03 -10.52 -6.62
N ILE A 468 -16.17 -11.01 -6.09
CA ILE A 468 -16.78 -12.21 -6.67
C ILE A 468 -17.15 -12.05 -8.15
N MET A 469 -17.71 -10.91 -8.48
CA MET A 469 -18.10 -10.59 -9.86
C MET A 469 -16.90 -10.26 -10.75
N ILE A 470 -15.86 -9.62 -10.23
CA ILE A 470 -14.64 -9.40 -11.02
C ILE A 470 -14.06 -10.73 -11.45
N ALA A 471 -14.05 -11.73 -10.58
CA ALA A 471 -13.52 -13.03 -11.00
C ALA A 471 -14.40 -13.60 -12.13
N ARG A 472 -15.71 -13.51 -11.99
CA ARG A 472 -16.56 -14.09 -13.03
C ARG A 472 -16.42 -13.34 -14.36
N GLN A 473 -16.20 -12.03 -14.27
CA GLN A 473 -16.20 -11.18 -15.47
C GLN A 473 -14.79 -11.04 -16.08
N GLY A 474 -13.75 -11.51 -15.44
CA GLY A 474 -12.35 -11.51 -15.79
C GLY A 474 -11.91 -12.39 -16.95
N ASN A 475 -12.73 -13.29 -17.46
CA ASN A 475 -12.29 -14.12 -18.60
C ASN A 475 -11.00 -14.88 -18.32
N ILE A 476 -10.87 -15.52 -17.15
CA ILE A 476 -9.52 -15.98 -16.82
C ILE A 476 -9.12 -17.15 -17.70
N ASN A 477 -10.09 -17.95 -18.12
CA ASN A 477 -9.70 -19.15 -18.89
C ASN A 477 -9.21 -18.74 -20.29
N ALA A 478 -9.75 -17.66 -20.83
CA ALA A 478 -9.24 -17.08 -22.07
C ALA A 478 -7.83 -16.55 -21.89
N LYS A 479 -7.56 -15.90 -20.73
CA LYS A 479 -6.17 -15.51 -20.49
C LYS A 479 -5.22 -16.69 -20.35
N LYS A 480 -5.64 -17.85 -19.81
CA LYS A 480 -4.70 -18.97 -19.76
C LYS A 480 -4.26 -19.41 -21.17
N GLU A 481 -5.19 -19.36 -22.11
CA GLU A 481 -4.90 -19.70 -23.50
C GLU A 481 -3.91 -18.71 -24.13
N LEU A 482 -3.94 -17.42 -23.76
CA LEU A 482 -2.89 -16.50 -24.25
C LEU A 482 -1.52 -16.90 -23.76
N ALA A 483 -1.40 -17.33 -22.49
CA ALA A 483 -0.13 -17.76 -21.94
C ALA A 483 0.37 -19.05 -22.59
N LYS A 484 -0.56 -19.98 -22.83
CA LYS A 484 -0.11 -21.20 -23.55
C LYS A 484 0.54 -20.84 -24.88
N ALA A 485 -0.10 -19.95 -25.63
CA ALA A 485 0.44 -19.57 -26.95
C ALA A 485 1.83 -19.01 -26.86
N ILE A 486 2.07 -18.06 -25.95
CA ILE A 486 3.43 -17.49 -25.83
C ILE A 486 4.47 -18.48 -25.32
N ALA A 487 4.10 -19.34 -24.35
CA ALA A 487 5.08 -20.23 -23.73
C ALA A 487 5.35 -21.48 -24.58
N GLY A 488 4.63 -21.65 -25.69
CA GLY A 488 4.89 -22.86 -26.50
C GLY A 488 4.10 -24.09 -26.09
N ILE A 489 2.98 -23.92 -25.41
CA ILE A 489 2.16 -25.08 -24.99
C ILE A 489 1.03 -25.31 -25.96
N LYS A 490 0.85 -26.55 -26.44
CA LYS A 490 -0.22 -26.79 -27.41
C LYS A 490 -1.59 -26.38 -26.91
N MET B 1 4.17 5.02 49.38
CA MET B 1 2.72 4.87 49.46
C MET B 1 2.02 4.86 48.11
N LEU B 2 1.11 3.92 47.87
CA LEU B 2 0.28 3.86 46.67
C LEU B 2 -1.16 4.22 46.99
N MET B 3 -1.80 5.06 46.18
CA MET B 3 -3.20 5.39 46.34
C MET B 3 -4.09 4.36 45.65
N THR B 4 -5.27 4.08 46.21
CA THR B 4 -6.28 3.34 45.48
C THR B 4 -6.96 4.29 44.48
N ALA B 5 -7.69 3.70 43.55
CA ALA B 5 -8.46 4.52 42.62
C ALA B 5 -9.36 5.52 43.34
N GLU B 6 -10.02 5.06 44.41
CA GLU B 6 -10.98 5.89 45.16
C GLU B 6 -10.28 7.09 45.79
N GLN B 7 -9.10 6.84 46.36
CA GLN B 7 -8.28 7.89 46.93
C GLN B 7 -7.77 8.88 45.87
N TYR B 8 -7.37 8.39 44.69
CA TYR B 8 -7.03 9.34 43.62
C TYR B 8 -8.22 10.25 43.31
N ILE B 9 -9.40 9.63 43.18
CA ILE B 9 -10.52 10.50 42.77
C ILE B 9 -10.82 11.50 43.87
N GLU B 10 -10.74 11.07 45.13
CA GLU B 10 -10.92 12.02 46.22
C GLU B 10 -9.81 13.08 46.19
N SER B 11 -8.58 12.73 45.79
CA SER B 11 -7.55 13.77 45.84
C SER B 11 -7.82 14.89 44.85
N LEU B 12 -8.49 14.60 43.74
CA LEU B 12 -8.83 15.61 42.75
C LEU B 12 -9.85 16.62 43.27
N ARG B 13 -10.82 16.15 44.06
CA ARG B 13 -11.83 17.08 44.56
C ARG B 13 -11.25 18.13 45.50
N LYS B 14 -10.07 17.92 46.08
CA LYS B 14 -9.43 18.95 46.91
C LYS B 14 -8.70 19.99 46.08
N LEU B 15 -8.53 19.78 44.76
CA LEU B 15 -7.71 20.72 43.99
C LEU B 15 -8.51 21.96 43.61
N ASN B 16 -7.83 23.11 43.42
CA ASN B 16 -8.55 24.32 43.00
C ASN B 16 -8.44 24.61 41.51
N THR B 17 -8.29 23.56 40.70
CA THR B 17 -8.10 23.72 39.26
C THR B 17 -9.16 24.56 38.60
N ARG B 18 -8.75 25.49 37.73
CA ARG B 18 -9.69 26.27 36.93
C ARG B 18 -9.92 25.66 35.52
N VAL B 19 -11.10 25.16 35.27
CA VAL B 19 -11.60 24.44 34.11
C VAL B 19 -12.77 25.16 33.46
N TYR B 20 -12.64 25.49 32.16
CA TYR B 20 -13.69 26.21 31.43
C TYR B 20 -14.17 25.45 30.20
N MET B 21 -15.47 25.44 29.95
CA MET B 21 -16.03 24.76 28.78
C MET B 21 -17.26 25.49 28.28
N PHE B 22 -17.35 25.78 26.98
CA PHE B 22 -18.46 26.48 26.39
C PHE B 22 -18.70 27.82 27.10
N GLY B 23 -17.64 28.48 27.53
CA GLY B 23 -17.75 29.83 28.06
C GLY B 23 -18.06 29.90 29.54
N GLU B 24 -18.18 28.76 30.22
CA GLU B 24 -18.52 28.71 31.63
C GLU B 24 -17.47 27.98 32.46
N LYS B 25 -17.28 28.42 33.72
CA LYS B 25 -16.33 27.75 34.61
C LYS B 25 -17.00 26.48 35.11
N ILE B 26 -16.34 25.32 35.12
CA ILE B 26 -16.97 24.10 35.63
C ILE B 26 -16.50 23.90 37.07
N GLU B 27 -17.46 23.98 38.00
CA GLU B 27 -17.13 23.84 39.41
C GLU B 27 -16.83 22.40 39.85
N ASN B 28 -17.76 21.50 39.58
CA ASN B 28 -17.57 20.08 39.93
C ASN B 28 -17.17 19.32 38.66
N TRP B 29 -15.90 19.51 38.27
CA TRP B 29 -15.45 18.91 37.00
C TRP B 29 -15.17 17.42 37.20
N VAL B 30 -14.86 16.97 38.41
CA VAL B 30 -14.67 15.54 38.68
C VAL B 30 -15.89 14.70 38.32
N ASP B 31 -17.11 15.22 38.44
CA ASP B 31 -18.29 14.44 38.11
C ASP B 31 -18.92 14.84 36.77
N HIS B 32 -18.30 15.74 35.99
CA HIS B 32 -18.92 16.19 34.74
C HIS B 32 -18.90 15.05 33.72
N PRO B 33 -20.03 14.68 33.14
CA PRO B 33 -20.08 13.57 32.20
C PRO B 33 -19.10 13.66 31.05
N MET B 34 -18.69 14.86 30.65
CA MET B 34 -17.73 14.90 29.54
C MET B 34 -16.28 14.78 29.99
N ILE B 35 -15.98 14.88 31.28
CA ILE B 35 -14.63 14.84 31.81
C ILE B 35 -14.35 13.56 32.60
N ARG B 36 -15.33 13.00 33.29
CA ARG B 36 -15.13 11.81 34.14
C ARG B 36 -14.59 10.59 33.41
N PRO B 37 -14.96 10.25 32.18
CA PRO B 37 -14.30 9.17 31.45
C PRO B 37 -12.78 9.26 31.47
N SER B 38 -12.23 10.45 31.30
CA SER B 38 -10.81 10.71 31.39
C SER B 38 -10.24 10.26 32.73
N ILE B 39 -10.98 10.62 33.79
CA ILE B 39 -10.57 10.33 35.17
C ILE B 39 -10.61 8.83 35.43
N ASN B 40 -11.70 8.20 34.94
CA ASN B 40 -11.76 6.74 35.15
C ASN B 40 -10.61 6.02 34.45
N CYS B 41 -10.18 6.56 33.30
CA CYS B 41 -9.11 5.89 32.55
C CYS B 41 -7.77 5.93 33.26
N VAL B 42 -7.30 7.08 33.75
CA VAL B 42 -6.13 7.19 34.58
C VAL B 42 -6.28 6.44 35.91
N ARG B 43 -7.51 6.41 36.43
CA ARG B 43 -7.74 5.69 37.68
C ARG B 43 -7.41 4.20 37.54
N MET B 44 -7.53 3.63 36.34
CA MET B 44 -7.13 2.22 36.15
C MET B 44 -5.65 1.99 36.40
N THR B 45 -4.82 3.03 36.24
CA THR B 45 -3.40 2.78 36.55
C THR B 45 -3.17 2.58 38.04
N TYR B 46 -4.06 3.16 38.84
CA TYR B 46 -3.99 2.98 40.31
C TYR B 46 -4.58 1.62 40.67
N GLU B 47 -5.74 1.31 40.08
CA GLU B 47 -6.44 0.08 40.36
C GLU B 47 -5.61 -1.15 40.08
N LEU B 48 -5.00 -1.23 38.88
CA LEU B 48 -4.22 -2.42 38.62
C LEU B 48 -3.00 -2.55 39.52
N ALA B 49 -2.33 -1.50 39.99
CA ALA B 49 -1.22 -1.60 40.93
C ALA B 49 -1.64 -2.14 42.31
N GLN B 50 -2.93 -2.17 42.60
CA GLN B 50 -3.48 -2.76 43.81
C GLN B 50 -3.83 -4.23 43.60
N ASP B 51 -3.75 -4.74 42.38
CA ASP B 51 -4.09 -6.14 42.11
C ASP B 51 -2.84 -7.01 42.12
N PRO B 52 -2.73 -7.97 43.04
CA PRO B 52 -1.56 -8.86 43.12
C PRO B 52 -1.28 -9.61 41.81
N GLN B 53 -2.33 -9.87 41.03
CA GLN B 53 -2.15 -10.46 39.70
C GLN B 53 -1.22 -9.64 38.80
N TYR B 54 -1.25 -8.32 38.89
CA TYR B 54 -0.49 -7.40 38.03
C TYR B 54 0.58 -6.64 38.79
N ALA B 55 0.64 -6.88 40.08
CA ALA B 55 1.58 -6.24 40.98
C ALA B 55 3.00 -6.24 40.44
N ASP B 56 3.43 -7.33 39.81
CA ASP B 56 4.81 -7.33 39.33
C ASP B 56 5.10 -6.32 38.23
N LEU B 57 4.20 -6.25 37.25
CA LEU B 57 4.32 -5.35 36.12
C LEU B 57 4.09 -3.88 36.49
N MET B 58 3.08 -3.66 37.34
CA MET B 58 2.60 -2.32 37.66
C MET B 58 3.46 -1.58 38.68
N THR B 59 4.31 -2.28 39.43
CA THR B 59 5.07 -1.63 40.50
C THR B 59 6.53 -2.10 40.49
N THR B 60 7.37 -1.36 41.21
CA THR B 60 8.81 -1.65 41.25
C THR B 60 9.47 -0.93 42.42
N LYS B 61 10.72 -1.19 42.73
CA LYS B 61 11.32 -0.51 43.91
C LYS B 61 12.05 0.74 43.45
N SER B 62 11.76 1.89 44.07
CA SER B 62 12.40 3.16 43.71
C SER B 62 13.89 3.11 43.99
N ASN B 63 14.69 3.58 43.01
CA ASN B 63 16.13 3.69 43.22
C ASN B 63 16.51 5.05 43.79
N LEU B 64 15.56 5.90 44.12
CA LEU B 64 15.85 7.17 44.76
C LEU B 64 15.49 7.15 46.25
N ILE B 65 14.34 6.56 46.59
CA ILE B 65 13.86 6.49 47.97
C ILE B 65 13.59 5.09 48.49
N GLY B 66 13.92 4.02 47.79
CA GLY B 66 13.81 2.66 48.32
C GLY B 66 12.44 2.05 48.34
N LYS B 67 11.36 2.82 48.47
CA LYS B 67 10.03 2.27 48.62
C LYS B 67 9.46 1.73 47.30
N THR B 68 8.43 0.92 47.41
CA THR B 68 7.62 0.49 46.28
C THR B 68 6.89 1.68 45.67
N ILE B 69 6.99 1.86 44.35
CA ILE B 69 6.30 2.90 43.61
C ILE B 69 5.56 2.33 42.38
N ASN B 70 4.63 3.11 41.84
CA ASN B 70 4.04 2.74 40.55
C ASN B 70 5.09 2.77 39.46
N ARG B 71 5.13 1.79 38.54
CA ARG B 71 6.14 1.83 37.47
C ARG B 71 6.02 3.13 36.64
N PHE B 72 4.86 3.77 36.61
CA PHE B 72 4.68 5.02 35.86
C PHE B 72 5.51 6.17 36.42
N ALA B 73 6.17 5.98 37.56
CA ALA B 73 7.05 7.00 38.09
C ALA B 73 8.50 6.58 38.21
N ASN B 74 8.91 5.46 37.60
CA ASN B 74 10.21 4.87 37.79
C ASN B 74 11.26 5.25 36.75
N LEU B 75 12.49 5.48 37.21
CA LEU B 75 13.59 5.72 36.29
C LEU B 75 14.07 4.39 35.72
N HIS B 76 14.11 4.21 34.40
CA HIS B 76 14.55 2.90 33.89
C HIS B 76 15.97 2.51 34.24
N GLN B 77 16.11 1.28 34.80
CA GLN B 77 17.46 0.87 35.20
C GLN B 77 18.09 -0.24 34.34
N SER B 78 17.38 -0.73 33.32
CA SER B 78 17.91 -1.72 32.40
C SER B 78 17.06 -1.80 31.14
N THR B 79 17.47 -2.58 30.13
CA THR B 79 16.56 -2.77 28.99
C THR B 79 15.39 -3.67 29.42
N ASP B 80 15.55 -4.49 30.46
CA ASP B 80 14.38 -5.21 31.00
C ASP B 80 13.32 -4.24 31.49
N ASP B 81 13.69 -3.13 32.15
CA ASP B 81 12.72 -2.11 32.54
C ASP B 81 12.08 -1.48 31.28
N LEU B 82 12.87 -1.28 30.22
CA LEU B 82 12.24 -0.69 29.02
C LEU B 82 11.19 -1.61 28.39
N ARG B 83 11.41 -2.92 28.28
CA ARG B 83 10.42 -3.86 27.76
C ARG B 83 9.21 -3.96 28.66
N LYS B 84 9.44 -3.92 29.99
CA LYS B 84 8.29 -4.01 30.90
C LYS B 84 7.37 -2.81 30.81
N LYS B 85 7.96 -1.64 30.54
CA LYS B 85 7.15 -0.43 30.34
C LYS B 85 6.19 -0.67 29.17
N VAL B 86 6.72 -1.16 28.04
CA VAL B 86 5.87 -1.41 26.86
C VAL B 86 4.78 -2.43 27.16
N LYS B 87 5.14 -3.49 27.90
CA LYS B 87 4.14 -4.52 28.21
C LYS B 87 3.06 -3.99 29.13
N MET B 88 3.47 -3.12 30.06
CA MET B 88 2.52 -2.48 30.98
C MET B 88 1.51 -1.67 30.19
N GLN B 89 2.02 -0.96 29.15
CA GLN B 89 1.17 -0.12 28.31
C GLN B 89 0.21 -0.95 27.47
N ARG B 90 0.67 -2.10 26.94
CA ARG B 90 -0.24 -2.97 26.19
C ARG B 90 -1.36 -3.45 27.11
N LEU B 91 -1.02 -3.84 28.34
CA LEU B 91 -2.07 -4.23 29.30
C LEU B 91 -3.09 -3.15 29.52
N LEU B 92 -2.64 -1.92 29.83
CA LEU B 92 -3.62 -0.86 30.06
C LEU B 92 -4.44 -0.53 28.80
N GLY B 93 -3.83 -0.70 27.61
CA GLY B 93 -4.61 -0.48 26.40
C GLY B 93 -5.72 -1.51 26.26
N GLN B 94 -5.44 -2.76 26.66
CA GLN B 94 -6.42 -3.84 26.60
C GLN B 94 -7.56 -3.61 27.61
N LYS B 95 -7.21 -3.03 28.76
CA LYS B 95 -8.21 -2.80 29.81
C LYS B 95 -9.08 -1.56 29.63
N THR B 96 -8.64 -0.60 28.79
CA THR B 96 -9.39 0.65 28.63
C THR B 96 -9.76 0.98 27.18
N ALA B 97 -9.07 0.44 26.19
CA ALA B 97 -9.26 0.80 24.79
C ALA B 97 -9.15 2.31 24.54
N SER B 98 -8.34 3.04 25.29
CA SER B 98 -8.27 4.51 25.22
C SER B 98 -6.93 5.08 25.64
N CYS B 99 -6.77 6.40 25.76
CA CYS B 99 -5.53 6.99 26.28
C CYS B 99 -5.63 7.11 27.82
N PHE B 100 -4.77 6.40 28.54
CA PHE B 100 -4.73 6.42 30.01
C PHE B 100 -3.72 7.41 30.57
N GLN B 101 -3.19 8.30 29.72
CA GLN B 101 -2.53 9.55 30.00
C GLN B 101 -1.24 9.57 30.80
N ARG B 102 -1.06 8.67 31.76
CA ARG B 102 0.01 8.78 32.75
C ARG B 102 1.39 8.55 32.17
N CYS B 103 1.45 8.03 30.93
CA CYS B 103 2.74 7.76 30.32
C CYS B 103 3.51 9.05 30.08
N VAL B 104 2.83 10.18 29.85
CA VAL B 104 3.66 11.37 29.56
C VAL B 104 4.49 11.80 30.76
N GLY B 105 3.97 11.58 31.96
CA GLY B 105 4.72 11.86 33.19
C GLY B 105 5.97 10.98 33.25
N MET B 106 5.78 9.67 33.05
CA MET B 106 6.89 8.73 33.08
C MET B 106 7.98 9.12 32.10
N ASP B 107 7.52 9.44 30.87
CA ASP B 107 8.49 9.72 29.80
C ASP B 107 9.19 11.05 30.06
N ALA B 108 8.48 12.07 30.56
CA ALA B 108 9.13 13.34 30.94
C ALA B 108 10.12 13.14 32.08
N PHE B 109 9.78 12.37 33.11
CA PHE B 109 10.75 12.15 34.19
C PHE B 109 12.07 11.60 33.67
N ASN B 110 12.01 10.55 32.84
CA ASN B 110 13.24 9.94 32.35
C ASN B 110 14.01 10.92 31.44
N ALA B 111 13.35 11.70 30.58
CA ALA B 111 14.10 12.64 29.74
C ALA B 111 14.65 13.84 30.49
N VAL B 112 13.84 14.40 31.40
CA VAL B 112 14.40 15.57 32.12
C VAL B 112 15.50 15.13 33.09
N PHE B 113 15.41 13.98 33.74
CA PHE B 113 16.46 13.42 34.59
C PHE B 113 17.76 13.33 33.83
N SER B 114 17.80 12.73 32.63
CA SER B 114 19.10 12.57 31.96
C SER B 114 19.62 13.87 31.34
N THR B 115 18.70 14.68 30.83
CA THR B 115 19.14 15.96 30.24
C THR B 115 19.67 16.91 31.33
N THR B 116 18.99 17.04 32.47
CA THR B 116 19.49 18.02 33.47
C THR B 116 20.89 17.66 33.94
N TYR B 117 21.20 16.36 34.00
CA TYR B 117 22.56 16.01 34.40
C TYR B 117 23.62 16.61 33.48
N GLU B 118 23.33 16.59 32.18
CA GLU B 118 24.26 17.08 31.17
C GLU B 118 24.28 18.60 31.15
N ILE B 119 23.16 19.27 31.43
CA ILE B 119 23.19 20.74 31.45
C ILE B 119 24.16 21.16 32.56
N ASP B 120 24.03 20.49 33.69
CA ASP B 120 24.82 20.87 34.86
C ASP B 120 26.30 20.58 34.68
N GLN B 121 26.63 19.45 34.05
CA GLN B 121 27.99 19.13 33.72
C GLN B 121 28.66 20.29 32.96
N LYS B 122 27.90 20.98 32.12
CA LYS B 122 28.45 22.04 31.30
C LYS B 122 28.46 23.43 31.93
N TYR B 123 27.39 23.81 32.59
CA TYR B 123 27.20 25.18 33.05
C TYR B 123 27.36 25.39 34.55
N GLY B 124 27.41 24.33 35.36
CA GLY B 124 27.63 24.47 36.79
C GLY B 124 26.36 24.75 37.57
N THR B 125 25.21 24.64 36.90
CA THR B 125 23.88 24.82 37.42
C THR B 125 23.46 23.67 38.35
N ASN B 126 22.23 23.78 38.86
CA ASN B 126 21.75 22.81 39.83
C ASN B 126 20.42 22.18 39.43
N TYR B 127 20.15 22.08 38.12
CA TYR B 127 18.82 21.62 37.70
C TYR B 127 18.64 20.12 37.96
N HIS B 128 19.71 19.35 37.98
CA HIS B 128 19.59 17.90 38.17
C HIS B 128 19.16 17.64 39.62
N LYS B 129 19.75 18.41 40.53
CA LYS B 129 19.32 18.24 41.92
C LYS B 129 17.89 18.69 42.11
N ASN B 130 17.52 19.83 41.50
CA ASN B 130 16.16 20.32 41.52
C ASN B 130 15.20 19.22 41.06
N PHE B 131 15.57 18.56 39.94
CA PHE B 131 14.64 17.56 39.41
C PHE B 131 14.58 16.32 40.31
N THR B 132 15.73 15.92 40.81
CA THR B 132 15.80 14.68 41.62
C THR B 132 14.95 14.83 42.88
N GLU B 133 15.10 15.96 43.59
CA GLU B 133 14.26 16.22 44.75
C GLU B 133 12.78 16.31 44.40
N TYR B 134 12.44 16.95 43.27
CA TYR B 134 11.06 16.97 42.82
C TYR B 134 10.53 15.55 42.59
N LEU B 135 11.31 14.70 41.90
CA LEU B 135 10.78 13.36 41.62
C LEU B 135 10.64 12.56 42.92
N LYS B 136 11.49 12.78 43.91
CA LYS B 136 11.25 12.12 45.21
C LYS B 136 9.90 12.48 45.79
N TYR B 137 9.47 13.73 45.72
CA TYR B 137 8.17 14.18 46.23
C TYR B 137 7.02 13.49 45.50
N ILE B 138 7.11 13.44 44.16
CA ILE B 138 6.12 12.69 43.39
C ILE B 138 6.06 11.21 43.75
N GLN B 139 7.21 10.62 43.99
CA GLN B 139 7.31 9.18 44.25
C GLN B 139 6.69 8.82 45.61
N GLU B 140 6.90 9.73 46.55
CA GLU B 140 6.34 9.66 47.88
C GLU B 140 4.81 9.73 47.85
N ASN B 141 4.21 10.53 46.96
CA ASN B 141 2.78 10.79 47.06
C ASN B 141 1.92 10.22 45.93
N ASP B 142 2.50 9.47 45.02
CA ASP B 142 1.81 8.82 43.92
C ASP B 142 0.95 9.78 43.09
N LEU B 143 1.53 10.90 42.64
CA LEU B 143 0.73 11.90 41.93
C LEU B 143 0.86 11.84 40.39
N ILE B 144 -0.15 12.36 39.70
CA ILE B 144 -0.17 12.46 38.23
C ILE B 144 0.45 13.78 37.80
N VAL B 145 1.45 13.74 36.91
CA VAL B 145 2.12 14.93 36.39
C VAL B 145 1.94 15.01 34.88
N ASP B 146 1.23 16.00 34.39
CA ASP B 146 1.00 16.17 32.95
C ASP B 146 2.26 16.65 32.29
N GLY B 147 2.82 15.88 31.36
CA GLY B 147 3.94 16.37 30.57
C GLY B 147 3.38 17.30 29.49
N ALA B 148 3.92 18.51 29.35
CA ALA B 148 3.33 19.42 28.36
C ALA B 148 4.40 20.02 27.47
N MET B 149 4.48 19.59 26.20
CA MET B 149 5.52 20.12 25.31
C MET B 149 5.01 21.02 24.17
N THR B 150 3.94 20.69 23.46
CA THR B 150 3.51 21.36 22.24
C THR B 150 2.82 22.71 22.43
N ASP B 151 3.50 23.78 22.04
CA ASP B 151 2.90 25.11 21.96
C ASP B 151 1.88 25.29 20.85
N PRO B 152 1.07 26.34 20.80
CA PRO B 152 0.19 26.61 19.64
C PRO B 152 1.02 26.87 18.37
N LYS B 153 2.15 27.51 18.47
CA LYS B 153 3.19 27.74 17.47
C LYS B 153 2.94 28.87 16.45
N GLY B 154 1.76 29.44 16.33
CA GLY B 154 1.47 30.50 15.39
C GLY B 154 1.88 30.22 13.94
N ASP B 155 2.74 31.06 13.35
CA ASP B 155 2.99 30.90 11.88
C ASP B 155 4.06 29.87 11.67
N ARG B 156 3.69 28.73 11.05
CA ARG B 156 4.59 27.57 10.95
C ARG B 156 5.84 27.87 10.14
N GLY B 157 5.85 28.98 9.39
CA GLY B 157 7.05 29.27 8.61
C GLY B 157 8.11 30.06 9.38
N LEU B 158 7.89 30.42 10.64
CA LEU B 158 8.75 31.31 11.42
C LEU B 158 9.23 30.70 12.74
N ALA B 159 10.43 31.03 13.13
CA ALA B 159 11.02 30.71 14.43
C ALA B 159 10.26 31.30 15.61
N PRO B 160 10.41 30.76 16.81
CA PRO B 160 9.74 31.35 17.99
C PRO B 160 10.05 32.84 18.19
N SER B 161 11.30 33.27 18.03
CA SER B 161 11.62 34.69 18.26
C SER B 161 11.31 35.56 17.05
N ALA B 162 10.68 35.03 16.01
CA ALA B 162 10.29 35.82 14.86
C ALA B 162 8.80 35.92 14.69
N GLN B 163 8.05 35.26 15.58
CA GLN B 163 6.60 35.35 15.49
C GLN B 163 6.11 36.78 15.66
N LYS B 164 4.99 37.15 15.06
CA LYS B 164 4.44 38.48 15.29
C LYS B 164 3.95 38.68 16.73
N ASP B 165 3.39 37.63 17.33
CA ASP B 165 3.01 37.63 18.74
C ASP B 165 3.99 36.73 19.49
N PRO B 166 4.87 37.34 20.27
CA PRO B 166 5.90 36.57 20.99
C PRO B 166 5.33 35.54 21.97
N ASP B 167 4.03 35.53 22.25
CA ASP B 167 3.56 34.55 23.24
C ASP B 167 3.13 33.20 22.65
N LEU B 168 3.30 32.94 21.36
CA LEU B 168 2.74 31.73 20.76
C LEU B 168 3.65 30.53 20.94
N PHE B 169 4.87 30.66 21.43
CA PHE B 169 5.67 29.65 22.10
C PHE B 169 5.80 30.07 23.58
N LEU B 170 5.81 29.18 24.56
CA LEU B 170 5.86 29.60 25.97
C LEU B 170 7.18 30.27 26.30
N ARG B 171 7.20 31.40 27.04
CA ARG B 171 8.49 32.01 27.30
C ARG B 171 8.63 32.61 28.72
N ILE B 172 9.89 32.74 29.12
CA ILE B 172 10.35 33.51 30.28
C ILE B 172 10.09 35.00 30.03
N VAL B 173 9.22 35.64 30.81
CA VAL B 173 9.02 37.09 30.60
C VAL B 173 9.62 37.90 31.76
N GLU B 174 9.99 37.24 32.88
CA GLU B 174 10.71 37.94 33.95
C GLU B 174 11.60 36.99 34.73
N LYS B 175 12.78 37.49 35.13
CA LYS B 175 13.71 36.75 35.98
C LYS B 175 13.95 37.56 37.26
N ARG B 176 13.62 36.94 38.38
CA ARG B 176 13.76 37.50 39.72
C ARG B 176 14.82 36.75 40.51
N GLU B 177 15.17 37.27 41.69
CA GLU B 177 16.17 36.51 42.46
C GLU B 177 15.60 35.21 43.02
N ASP B 178 14.30 35.04 43.18
CA ASP B 178 13.68 33.86 43.75
C ASP B 178 13.00 32.95 42.72
N GLY B 179 12.86 33.35 41.45
CA GLY B 179 12.26 32.44 40.47
C GLY B 179 12.00 33.20 39.17
N ILE B 180 11.16 32.66 38.29
CA ILE B 180 10.88 33.26 36.99
C ILE B 180 9.39 33.45 36.82
N VAL B 181 8.97 34.34 35.92
CA VAL B 181 7.58 34.44 35.51
C VAL B 181 7.47 33.99 34.03
N VAL B 182 6.53 33.10 33.74
CA VAL B 182 6.37 32.58 32.37
C VAL B 182 5.01 32.97 31.83
N ARG B 183 4.93 33.12 30.49
CA ARG B 183 3.70 33.48 29.81
C ARG B 183 3.57 32.69 28.50
N GLY B 184 2.39 32.17 28.20
CA GLY B 184 2.14 31.44 26.97
C GLY B 184 1.12 30.35 27.13
N ALA B 185 1.13 29.29 26.30
CA ALA B 185 0.11 28.26 26.48
C ALA B 185 0.67 26.93 25.95
N LYS B 186 0.12 25.79 26.37
CA LYS B 186 0.44 24.50 25.74
C LYS B 186 -0.88 23.91 25.26
N ALA B 187 -0.93 23.53 23.96
CA ALA B 187 -2.17 23.05 23.35
C ALA B 187 -2.26 21.50 23.35
N HIS B 188 -3.42 20.94 23.04
CA HIS B 188 -3.65 19.50 22.84
C HIS B 188 -3.33 18.67 24.08
N GLN B 189 -3.45 19.19 25.30
CA GLN B 189 -2.92 18.47 26.45
C GLN B 189 -3.88 17.43 27.02
N THR B 190 -3.63 16.14 26.77
CA THR B 190 -4.55 15.07 27.19
C THR B 190 -4.38 14.81 28.68
N GLY B 191 -5.49 14.80 29.41
CA GLY B 191 -5.44 14.53 30.84
C GLY B 191 -4.84 15.66 31.65
N SER B 192 -4.68 16.83 31.05
CA SER B 192 -4.18 17.97 31.81
C SER B 192 -5.09 18.36 32.97
N ILE B 193 -6.39 18.36 32.72
CA ILE B 193 -7.38 18.74 33.74
C ILE B 193 -7.39 17.80 34.94
N ASN B 194 -7.04 16.51 34.77
CA ASN B 194 -7.10 15.64 35.95
C ASN B 194 -5.73 15.17 36.44
N SER B 195 -4.73 16.05 36.32
CA SER B 195 -3.41 15.92 36.86
C SER B 195 -3.22 16.74 38.13
N HIS B 196 -2.24 16.36 38.95
CA HIS B 196 -1.97 17.07 40.20
C HIS B 196 -0.95 18.18 39.92
N GLU B 197 -0.05 17.90 38.99
CA GLU B 197 1.04 18.81 38.59
C GLU B 197 1.23 18.78 37.06
N HIS B 198 1.99 19.72 36.54
CA HIS B 198 2.43 19.74 35.14
C HIS B 198 3.94 19.92 35.06
N ILE B 199 4.56 19.28 34.05
CA ILE B 199 5.99 19.46 33.82
C ILE B 199 6.16 19.99 32.39
N ILE B 200 6.67 21.19 32.20
CA ILE B 200 6.75 21.86 30.89
C ILE B 200 8.13 21.70 30.26
N MET B 201 8.14 21.44 28.93
CA MET B 201 9.34 21.26 28.13
C MET B 201 9.23 22.02 26.80
N PRO B 202 10.33 22.51 26.28
CA PRO B 202 10.25 23.19 24.96
C PRO B 202 9.95 22.20 23.82
N THR B 203 9.43 22.68 22.70
CA THR B 203 8.91 21.83 21.62
C THR B 203 9.86 21.66 20.46
N ILE B 204 10.95 22.41 20.38
CA ILE B 204 11.90 22.32 19.28
C ILE B 204 13.28 22.78 19.70
N ALA B 205 14.32 22.37 18.96
CA ALA B 205 15.66 22.90 19.23
C ALA B 205 15.62 24.44 19.08
N MET B 206 16.49 25.13 19.81
CA MET B 206 16.49 26.58 19.92
C MET B 206 17.86 27.19 19.62
N THR B 207 17.86 28.29 18.85
CA THR B 207 19.08 29.08 18.66
C THR B 207 19.25 30.10 19.79
N GLU B 208 20.39 30.75 19.91
CA GLU B 208 20.60 31.84 20.86
C GLU B 208 19.55 32.95 20.73
N ALA B 209 19.06 33.29 19.54
CA ALA B 209 17.97 34.26 19.47
C ALA B 209 16.69 33.77 20.14
N ASP B 210 16.51 32.46 20.29
CA ASP B 210 15.30 31.92 20.86
C ASP B 210 15.48 31.60 22.36
N LYS B 211 16.54 32.06 23.01
CA LYS B 211 16.85 31.59 24.36
C LYS B 211 15.77 31.84 25.40
N ASP B 212 14.91 32.84 25.29
CA ASP B 212 13.83 33.03 26.27
C ASP B 212 12.80 31.92 26.18
N TYR B 213 12.87 31.12 25.11
CA TYR B 213 11.93 30.02 24.89
C TYR B 213 12.52 28.70 25.37
N ALA B 214 13.74 28.72 25.87
CA ALA B 214 14.36 27.47 26.33
C ALA B 214 14.12 27.35 27.85
N VAL B 215 12.89 26.90 28.12
CA VAL B 215 12.45 26.81 29.52
C VAL B 215 11.74 25.49 29.81
N SER B 216 12.05 24.95 31.00
CA SER B 216 11.44 23.74 31.51
C SER B 216 11.22 23.90 33.02
N PHE B 217 10.12 23.42 33.58
CA PHE B 217 9.84 23.53 35.02
C PHE B 217 8.68 22.62 35.40
N ALA B 218 8.40 22.51 36.70
CA ALA B 218 7.14 21.88 37.12
C ALA B 218 6.31 22.79 38.02
N CYS B 219 5.00 22.68 38.01
CA CYS B 219 4.11 23.47 38.85
C CYS B 219 2.84 22.71 39.17
N PRO B 220 2.24 22.98 40.33
CA PRO B 220 0.94 22.41 40.68
C PRO B 220 -0.14 22.79 39.69
N SER B 221 -1.16 21.97 39.48
CA SER B 221 -2.14 22.28 38.43
C SER B 221 -3.07 23.41 38.85
N ASP B 222 -2.93 23.88 40.10
CA ASP B 222 -3.75 25.01 40.50
C ASP B 222 -2.85 26.18 40.91
N ALA B 223 -1.64 26.26 40.38
CA ALA B 223 -0.79 27.43 40.59
C ALA B 223 -1.49 28.71 40.14
N ASP B 224 -1.10 29.87 40.71
CA ASP B 224 -1.80 31.12 40.39
C ASP B 224 -1.50 31.59 38.95
N GLY B 225 -2.54 31.83 38.17
CA GLY B 225 -2.44 32.26 36.79
C GLY B 225 -2.63 31.15 35.76
N LEU B 226 -2.77 29.91 36.24
CA LEU B 226 -2.92 28.73 35.37
C LEU B 226 -4.35 28.25 35.29
N PHE B 227 -4.86 28.07 34.04
CA PHE B 227 -6.22 27.63 33.84
C PHE B 227 -6.34 26.81 32.55
N MET B 228 -7.44 26.09 32.34
CA MET B 228 -7.58 25.22 31.16
C MET B 228 -8.85 25.45 30.36
N ILE B 229 -8.79 25.39 29.02
CA ILE B 229 -10.00 25.45 28.20
C ILE B 229 -10.18 24.13 27.47
N TYR B 230 -11.28 23.45 27.72
CA TYR B 230 -11.54 22.11 27.19
C TYR B 230 -11.51 22.11 25.65
N GLY B 231 -10.97 21.09 25.01
CA GLY B 231 -11.07 20.95 23.56
C GLY B 231 -12.22 20.02 23.18
N ARG B 232 -12.98 20.31 22.14
CA ARG B 232 -14.07 19.40 21.78
C ARG B 232 -13.57 18.06 21.22
N GLN B 233 -14.39 17.01 21.28
CA GLN B 233 -14.11 15.74 20.63
C GLN B 233 -15.31 15.30 19.77
N SER B 234 -14.99 14.55 18.70
CA SER B 234 -16.07 13.92 17.95
C SER B 234 -17.02 13.18 18.90
N CYS B 235 -18.32 13.43 18.78
CA CYS B 235 -19.40 12.82 19.53
C CYS B 235 -19.37 13.14 21.02
N ASP B 236 -18.58 14.12 21.44
CA ASP B 236 -18.45 14.47 22.86
C ASP B 236 -19.80 14.65 23.57
N THR B 237 -20.74 15.39 22.98
CA THR B 237 -21.99 15.66 23.70
C THR B 237 -22.93 14.48 23.76
N ARG B 238 -22.59 13.31 23.23
CA ARG B 238 -23.43 12.14 23.51
C ARG B 238 -23.40 11.85 25.02
N LYS B 239 -22.31 12.25 25.67
CA LYS B 239 -22.16 11.97 27.11
C LYS B 239 -23.17 12.76 27.95
N MET B 240 -23.74 13.83 27.40
CA MET B 240 -24.69 14.65 28.14
C MET B 240 -26.13 14.13 28.08
N GLU B 241 -26.40 13.12 27.27
CA GLU B 241 -27.73 12.58 27.09
C GLU B 241 -28.18 11.75 28.29
N GLU B 242 -29.45 11.91 28.67
CA GLU B 242 -30.01 11.19 29.82
C GLU B 242 -29.94 9.68 29.68
N GLY B 243 -29.22 9.02 30.58
CA GLY B 243 -29.13 7.58 30.51
C GLY B 243 -28.18 7.14 29.40
N ALA B 244 -27.26 8.02 29.02
CA ALA B 244 -26.35 7.66 27.92
C ALA B 244 -25.59 6.39 28.24
N ASP B 245 -25.57 5.39 27.34
CA ASP B 245 -24.83 4.15 27.66
C ASP B 245 -24.40 3.43 26.38
N ILE B 246 -25.32 2.75 25.69
CA ILE B 246 -24.99 1.99 24.48
C ILE B 246 -24.43 2.93 23.41
N ASP B 247 -25.00 4.10 23.22
CA ASP B 247 -24.59 5.01 22.15
C ASP B 247 -23.21 5.61 22.40
N LEU B 248 -22.59 5.40 23.56
CA LEU B 248 -21.25 5.89 23.82
C LEU B 248 -20.15 4.95 23.32
N GLY B 249 -20.45 3.68 23.09
CA GLY B 249 -19.44 2.71 22.67
C GLY B 249 -18.49 2.23 23.75
N ASN B 250 -17.87 3.17 24.44
CA ASN B 250 -16.99 3.02 25.58
C ASN B 250 -17.55 3.91 26.70
N LYS B 251 -18.44 3.35 27.54
CA LYS B 251 -19.06 4.20 28.56
C LYS B 251 -18.11 4.54 29.69
N GLN B 252 -17.21 3.65 30.09
CA GLN B 252 -16.39 3.95 31.26
C GLN B 252 -15.20 4.87 31.04
N PHE B 253 -14.57 4.74 29.87
CA PHE B 253 -13.26 5.31 29.66
C PHE B 253 -13.13 6.21 28.42
N GLY B 254 -12.19 7.16 28.47
CA GLY B 254 -11.95 8.15 27.43
C GLY B 254 -10.74 8.99 27.70
N GLY B 255 -10.31 9.89 26.81
CA GLY B 255 -9.15 10.72 27.15
C GLY B 255 -9.33 12.10 26.53
N GLN B 256 -9.41 13.20 27.25
CA GLN B 256 -9.84 14.46 26.63
C GLN B 256 -8.67 15.45 26.70
N GLU B 257 -8.61 16.40 25.79
CA GLU B 257 -7.53 17.37 25.63
C GLU B 257 -7.95 18.78 26.06
N ALA B 258 -6.95 19.61 26.38
CA ALA B 258 -7.25 21.00 26.72
C ALA B 258 -6.10 21.96 26.36
N LEU B 259 -6.47 23.22 26.18
CA LEU B 259 -5.50 24.32 26.08
C LEU B 259 -5.11 24.82 27.49
N VAL B 260 -3.84 24.76 27.80
CA VAL B 260 -3.34 25.15 29.12
C VAL B 260 -2.71 26.54 28.99
N VAL B 261 -3.31 27.54 29.64
CA VAL B 261 -2.86 28.92 29.58
C VAL B 261 -2.03 29.28 30.82
N PHE B 262 -0.84 29.81 30.58
CA PHE B 262 0.03 30.32 31.63
C PHE B 262 -0.07 31.85 31.62
N ASP B 263 -0.98 32.40 32.42
CA ASP B 263 -1.21 33.85 32.46
C ASP B 263 -0.32 34.48 33.54
N ASN B 264 0.93 34.66 33.19
CA ASN B 264 1.98 35.20 34.06
C ASN B 264 2.12 34.37 35.31
N VAL B 265 2.61 33.14 35.16
CA VAL B 265 2.75 32.22 36.29
C VAL B 265 4.13 32.32 36.89
N PHE B 266 4.23 32.47 38.24
CA PHE B 266 5.54 32.48 38.87
C PHE B 266 6.00 31.07 39.23
N ILE B 267 7.24 30.73 38.92
CA ILE B 267 7.90 29.47 39.20
C ILE B 267 9.07 29.67 40.15
N PRO B 268 9.07 29.13 41.37
CA PRO B 268 10.25 29.25 42.24
C PRO B 268 11.47 28.51 41.73
N ASN B 269 12.64 28.94 42.18
CA ASN B 269 13.91 28.48 41.65
C ASN B 269 14.07 26.96 41.78
N ASP B 270 13.55 26.40 42.88
CA ASP B 270 13.78 24.97 43.03
C ASP B 270 12.95 24.13 42.06
N ARG B 271 12.01 24.76 41.34
CA ARG B 271 11.22 23.99 40.36
C ARG B 271 11.68 24.22 38.92
N ILE B 272 12.82 24.82 38.71
CA ILE B 272 13.32 25.09 37.36
C ILE B 272 14.28 24.00 36.93
N PHE B 273 14.05 23.48 35.69
CA PHE B 273 14.91 22.45 35.09
C PHE B 273 15.67 22.91 33.84
N LEU B 274 15.32 24.06 33.24
CA LEU B 274 16.03 24.66 32.11
C LEU B 274 15.73 26.16 32.05
N CYS B 275 16.74 27.02 31.91
CA CYS B 275 16.46 28.47 31.90
C CYS B 275 17.48 29.21 31.03
N GLN B 276 17.19 29.27 29.75
CA GLN B 276 17.89 29.96 28.68
C GLN B 276 19.14 29.25 28.16
N GLU B 277 19.47 28.05 28.62
CA GLU B 277 20.58 27.29 28.04
C GLU B 277 20.11 26.68 26.72
N TYR B 278 19.96 27.54 25.71
CA TYR B 278 19.29 27.16 24.47
C TYR B 278 19.92 25.93 23.79
N ASP B 279 21.18 25.67 24.03
CA ASP B 279 21.85 24.55 23.35
C ASP B 279 21.40 23.19 23.88
N PHE B 280 20.58 23.12 24.93
CA PHE B 280 20.09 21.84 25.46
C PHE B 280 18.60 21.65 25.24
N ALA B 281 17.93 22.62 24.61
CA ALA B 281 16.50 22.44 24.35
C ALA B 281 16.31 21.26 23.41
N GLY B 282 17.21 21.15 22.43
CA GLY B 282 17.04 20.07 21.46
C GLY B 282 17.19 18.68 22.07
N MET B 283 18.10 18.47 23.00
CA MET B 283 18.29 17.24 23.77
C MET B 283 17.02 16.84 24.51
N MET B 284 16.35 17.78 25.19
CA MET B 284 15.10 17.48 25.88
C MET B 284 14.01 16.98 24.95
N VAL B 285 13.81 17.67 23.84
CA VAL B 285 12.89 17.26 22.78
C VAL B 285 13.21 15.83 22.29
N GLU B 286 14.47 15.59 21.96
CA GLU B 286 14.86 14.32 21.34
C GLU B 286 14.56 13.15 22.27
N ARG B 287 14.92 13.36 23.54
CA ARG B 287 14.73 12.23 24.48
C ARG B 287 13.29 12.11 24.88
N PHE B 288 12.54 13.19 25.19
CA PHE B 288 11.14 12.99 25.56
C PHE B 288 10.35 12.35 24.40
N ALA B 289 10.50 12.87 23.19
CA ALA B 289 9.79 12.28 22.03
C ALA B 289 10.18 10.82 21.76
N GLY B 290 11.45 10.52 21.98
CA GLY B 290 12.02 9.17 21.75
C GLY B 290 11.29 8.20 22.67
N TYR B 291 11.17 8.53 23.97
CA TYR B 291 10.39 7.64 24.85
C TYR B 291 8.90 7.62 24.53
N HIS B 292 8.30 8.76 24.13
CA HIS B 292 6.88 8.72 23.80
C HIS B 292 6.68 7.87 22.54
N ARG B 293 7.57 7.95 21.59
CA ARG B 293 7.49 7.12 20.36
C ARG B 293 7.60 5.63 20.69
N GLN B 294 8.47 5.22 21.60
CA GLN B 294 8.49 3.88 22.19
C GLN B 294 7.14 3.53 22.82
N SER B 295 6.55 4.39 23.63
CA SER B 295 5.30 4.15 24.36
C SER B 295 4.18 3.68 23.45
N TYR B 296 4.07 4.18 22.22
CA TYR B 296 2.98 3.82 21.32
C TYR B 296 3.03 2.36 20.87
N GLY B 297 4.22 1.77 20.86
CA GLY B 297 4.43 0.37 20.57
C GLY B 297 3.84 -0.53 21.65
N GLY B 298 3.45 0.05 22.78
CA GLY B 298 2.67 -0.69 23.80
C GLY B 298 1.23 -0.20 23.80
N CYS B 299 0.91 1.08 24.03
CA CYS B 299 -0.49 1.45 24.17
C CYS B 299 -1.31 1.27 22.90
N LYS B 300 -0.80 1.57 21.70
CA LYS B 300 -1.70 1.44 20.55
C LYS B 300 -1.98 -0.02 20.18
N VAL B 301 -1.01 -0.84 20.55
CA VAL B 301 -1.08 -2.29 20.29
C VAL B 301 -2.15 -2.89 21.21
N GLY B 302 -2.17 -2.45 22.47
CA GLY B 302 -3.25 -2.99 23.32
C GLY B 302 -4.62 -2.49 22.95
N VAL B 303 -4.79 -1.21 22.55
CA VAL B 303 -6.04 -0.75 21.99
C VAL B 303 -6.39 -1.57 20.74
N GLY B 304 -5.40 -1.78 19.88
CA GLY B 304 -5.60 -2.54 18.65
C GLY B 304 -6.13 -3.95 18.96
N ASP B 305 -5.65 -4.55 20.05
CA ASP B 305 -6.14 -5.87 20.45
C ASP B 305 -7.65 -5.84 20.68
N VAL B 306 -8.16 -4.78 21.29
CA VAL B 306 -9.63 -4.69 21.49
C VAL B 306 -10.37 -4.49 20.19
N VAL B 307 -9.82 -3.66 19.27
CA VAL B 307 -10.48 -3.45 17.96
C VAL B 307 -10.58 -4.77 17.19
N ILE B 308 -9.49 -5.53 17.16
CA ILE B 308 -9.45 -6.86 16.55
C ILE B 308 -10.55 -7.73 17.19
N GLY B 309 -10.61 -7.75 18.53
CA GLY B 309 -11.62 -8.51 19.26
C GLY B 309 -13.02 -8.10 18.90
N ALA B 310 -13.29 -6.81 18.84
CA ALA B 310 -14.62 -6.32 18.52
C ALA B 310 -15.04 -6.69 17.09
N ALA B 311 -14.11 -6.60 16.13
CA ALA B 311 -14.40 -6.96 14.75
C ALA B 311 -14.72 -8.46 14.61
N ALA B 312 -13.89 -9.29 15.23
CA ALA B 312 -14.14 -10.75 15.28
C ALA B 312 -15.50 -11.06 15.92
N LEU B 313 -15.81 -10.45 17.06
CA LEU B 313 -17.12 -10.63 17.70
C LEU B 313 -18.23 -10.17 16.78
N ALA B 314 -18.11 -8.99 16.14
CA ALA B 314 -19.15 -8.57 15.21
C ALA B 314 -19.43 -9.59 14.10
N ALA B 315 -18.41 -10.26 13.58
CA ALA B 315 -18.56 -11.28 12.55
C ALA B 315 -19.37 -12.46 13.10
N ASP B 316 -19.02 -12.99 14.27
CA ASP B 316 -19.85 -13.99 14.96
C ASP B 316 -21.31 -13.56 15.12
N TYR B 317 -21.54 -12.30 15.52
CA TYR B 317 -22.89 -11.82 15.83
C TYR B 317 -23.66 -11.65 14.52
N ASN B 318 -22.95 -11.27 13.45
CA ASN B 318 -23.63 -11.10 12.16
C ASN B 318 -23.98 -12.45 11.52
N GLY B 319 -23.16 -13.46 11.85
CA GLY B 319 -23.22 -14.79 11.30
C GLY B 319 -22.30 -15.06 10.13
N ALA B 320 -21.27 -14.23 9.92
CA ALA B 320 -20.40 -14.36 8.74
C ALA B 320 -19.02 -14.85 9.10
N GLN B 321 -18.89 -15.36 10.33
CA GLN B 321 -17.60 -15.72 10.90
C GLN B 321 -16.87 -16.82 10.15
N LYS B 322 -17.54 -17.63 9.34
CA LYS B 322 -16.81 -18.69 8.65
C LYS B 322 -16.24 -18.30 7.29
N ALA B 323 -16.54 -17.09 6.82
CA ALA B 323 -16.09 -16.67 5.50
C ALA B 323 -14.60 -16.48 5.39
N SER B 324 -14.00 -17.01 4.29
CA SER B 324 -12.55 -16.93 4.19
C SER B 324 -12.04 -15.48 4.16
N HIS B 325 -12.80 -14.60 3.50
CA HIS B 325 -12.26 -13.22 3.40
C HIS B 325 -12.32 -12.50 4.75
N VAL B 326 -13.31 -12.80 5.58
CA VAL B 326 -13.35 -12.22 6.95
C VAL B 326 -12.19 -12.71 7.78
N LYS B 327 -11.91 -14.01 7.74
CA LYS B 327 -10.76 -14.58 8.44
C LYS B 327 -9.42 -13.97 8.00
N ASP B 328 -9.23 -13.77 6.70
CA ASP B 328 -8.03 -13.16 6.16
C ASP B 328 -7.86 -11.69 6.59
N LYS B 329 -8.93 -10.91 6.67
CA LYS B 329 -8.89 -9.53 7.17
C LYS B 329 -8.57 -9.51 8.65
N LEU B 330 -9.11 -10.44 9.46
CA LEU B 330 -8.69 -10.47 10.88
C LEU B 330 -7.22 -10.78 11.06
N ILE B 331 -6.69 -11.66 10.17
CA ILE B 331 -5.27 -11.97 10.19
C ILE B 331 -4.46 -10.74 9.78
N GLU B 332 -4.96 -9.99 8.78
CA GLU B 332 -4.17 -8.79 8.40
C GLU B 332 -4.09 -7.79 9.54
N MET B 333 -5.21 -7.57 10.21
CA MET B 333 -5.27 -6.70 11.39
C MET B 333 -4.28 -7.13 12.47
N THR B 334 -4.28 -8.42 12.78
CA THR B 334 -3.36 -9.01 13.76
C THR B 334 -1.90 -8.78 13.39
N HIS B 335 -1.55 -9.04 12.11
CA HIS B 335 -0.22 -8.86 11.58
C HIS B 335 0.27 -7.39 11.71
N LEU B 336 -0.59 -6.46 11.30
CA LEU B 336 -0.17 -5.04 11.35
C LEU B 336 0.01 -4.62 12.82
N ASN B 337 -0.93 -4.99 13.67
CA ASN B 337 -0.81 -4.72 15.11
C ASN B 337 0.43 -5.31 15.72
N GLU B 338 0.83 -6.55 15.43
CA GLU B 338 2.03 -7.11 16.05
C GLU B 338 3.32 -6.51 15.49
N THR B 339 3.26 -6.01 14.24
CA THR B 339 4.42 -5.33 13.69
C THR B 339 4.72 -4.09 14.55
N LEU B 340 3.67 -3.37 14.94
CA LEU B 340 3.89 -2.22 15.85
C LEU B 340 4.58 -2.67 17.13
N TYR B 341 4.07 -3.76 17.73
CA TYR B 341 4.63 -4.26 18.99
C TYR B 341 6.10 -4.63 18.82
N CYS B 342 6.47 -5.29 17.70
CA CYS B 342 7.88 -5.57 17.43
C CYS B 342 8.77 -4.31 17.43
N CYS B 343 8.26 -3.20 16.85
CA CYS B 343 9.07 -1.96 16.90
C CYS B 343 9.22 -1.49 18.35
N GLY B 344 8.13 -1.51 19.10
CA GLY B 344 8.17 -1.10 20.50
C GLY B 344 9.18 -1.90 21.32
N ILE B 345 9.11 -3.22 21.23
CA ILE B 345 10.00 -4.15 21.94
C ILE B 345 11.43 -4.00 21.46
N ALA B 346 11.68 -3.91 20.13
CA ALA B 346 13.07 -3.84 19.70
C ALA B 346 13.80 -2.56 20.10
N CYS B 347 13.09 -1.40 20.05
CA CYS B 347 13.80 -0.17 20.45
C CYS B 347 14.16 -0.22 21.93
N SER B 348 13.39 -0.97 22.71
CA SER B 348 13.62 -1.26 24.13
C SER B 348 14.81 -2.19 24.31
N ALA B 349 14.81 -3.36 23.65
CA ALA B 349 15.92 -4.29 23.76
C ALA B 349 17.25 -3.69 23.33
N GLU B 350 17.23 -2.71 22.42
CA GLU B 350 18.51 -2.17 21.94
C GLU B 350 18.86 -0.88 22.68
N GLY B 351 18.24 -0.64 23.83
CA GLY B 351 18.52 0.53 24.65
C GLY B 351 19.86 0.49 25.34
N TYR B 352 20.16 1.55 26.12
CA TYR B 352 21.47 1.82 26.71
C TYR B 352 21.43 2.89 27.81
N PRO B 353 22.43 2.89 28.69
CA PRO B 353 22.48 3.89 29.76
C PRO B 353 22.93 5.28 29.27
N THR B 354 22.28 6.31 29.76
CA THR B 354 22.69 7.69 29.56
C THR B 354 23.83 7.98 30.53
N ALA B 355 24.49 9.13 30.36
CA ALA B 355 25.53 9.51 31.32
C ALA B 355 24.99 9.57 32.75
N ALA B 356 23.76 10.02 32.87
CA ALA B 356 23.06 10.16 34.15
C ALA B 356 22.76 8.80 34.80
N GLY B 357 22.74 7.71 34.04
CA GLY B 357 22.56 6.35 34.56
C GLY B 357 21.25 5.67 34.23
N ASN B 358 20.19 6.41 33.91
CA ASN B 358 18.94 5.72 33.54
C ASN B 358 19.03 5.25 32.07
N TYR B 359 18.18 4.29 31.70
CA TYR B 359 18.24 3.71 30.34
C TYR B 359 17.31 4.41 29.36
N GLN B 360 17.78 4.49 28.12
CA GLN B 360 17.11 5.14 27.00
C GLN B 360 16.98 4.19 25.80
N ILE B 361 15.91 4.37 25.04
CA ILE B 361 15.69 3.54 23.83
C ILE B 361 16.62 3.89 22.68
N ASP B 362 16.76 2.98 21.69
CA ASP B 362 17.40 3.24 20.40
C ASP B 362 16.55 4.23 19.62
N LEU B 363 17.11 5.44 19.37
CA LEU B 363 16.30 6.53 18.81
C LEU B 363 15.82 6.26 17.38
N LEU B 364 16.68 5.60 16.60
CA LEU B 364 16.24 5.24 15.24
C LEU B 364 15.08 4.25 15.26
N LEU B 365 15.21 3.19 16.08
CA LEU B 365 14.09 2.22 16.06
C LEU B 365 12.80 2.78 16.62
N ALA B 366 12.91 3.71 17.60
CA ALA B 366 11.69 4.37 18.10
C ALA B 366 11.04 5.25 17.04
N ASN B 367 11.88 5.91 16.21
CA ASN B 367 11.33 6.69 15.09
C ASN B 367 10.65 5.76 14.08
N VAL B 368 11.21 4.58 13.84
CA VAL B 368 10.56 3.61 12.94
C VAL B 368 9.25 3.14 13.54
N CYS B 369 9.24 2.87 14.86
CA CYS B 369 7.99 2.52 15.52
C CYS B 369 6.92 3.55 15.25
N LYS B 370 7.14 4.84 15.56
CA LYS B 370 6.12 5.88 15.37
C LYS B 370 5.75 6.11 13.93
N GLN B 371 6.68 5.95 12.99
CA GLN B 371 6.34 6.11 11.57
C GLN B 371 5.31 5.06 11.14
N ASN B 372 5.53 3.79 11.57
CA ASN B 372 4.45 2.80 11.34
C ASN B 372 3.16 3.10 12.07
N ILE B 373 3.24 3.70 13.27
CA ILE B 373 2.03 4.14 13.98
C ILE B 373 1.16 5.14 13.22
N THR B 374 1.84 5.99 12.39
CA THR B 374 1.04 6.93 11.61
C THR B 374 0.25 6.28 10.48
N ARG B 375 0.52 5.01 10.18
CA ARG B 375 -0.11 4.28 9.09
C ARG B 375 -1.03 3.16 9.53
N PHE B 376 -0.56 2.21 10.33
CA PHE B 376 -1.29 0.94 10.53
C PHE B 376 -2.58 1.07 11.31
N PRO B 377 -2.70 1.85 12.39
CA PRO B 377 -4.04 2.03 13.02
C PRO B 377 -5.12 2.45 12.04
N TYR B 378 -4.79 3.32 11.04
CA TYR B 378 -5.81 3.73 10.07
C TYR B 378 -6.31 2.56 9.22
N GLU B 379 -5.43 1.64 8.88
CA GLU B 379 -5.80 0.47 8.07
C GLU B 379 -6.53 -0.56 8.96
N ILE B 380 -6.09 -0.70 10.20
CA ILE B 380 -6.83 -1.57 11.14
C ILE B 380 -8.28 -1.17 11.28
N VAL B 381 -8.58 0.12 11.47
CA VAL B 381 -9.95 0.60 11.46
C VAL B 381 -10.67 0.40 10.15
N ARG B 382 -10.07 0.64 8.97
CA ARG B 382 -10.77 0.45 7.68
C ARG B 382 -11.27 -0.99 7.54
N LEU B 383 -10.39 -1.93 7.91
CA LEU B 383 -10.75 -3.37 7.86
C LEU B 383 -11.86 -3.70 8.85
N ALA B 384 -11.83 -3.10 10.05
CA ALA B 384 -12.92 -3.31 11.01
C ALA B 384 -14.26 -2.83 10.49
N GLU B 385 -14.24 -1.70 9.76
CA GLU B 385 -15.47 -1.14 9.21
C GLU B 385 -16.08 -2.12 8.20
N ASP B 386 -15.23 -2.73 7.39
CA ASP B 386 -15.63 -3.70 6.37
C ASP B 386 -16.35 -4.86 7.08
N ILE B 387 -15.69 -5.41 8.09
CA ILE B 387 -16.23 -6.60 8.77
C ILE B 387 -17.53 -6.29 9.50
N ALA B 388 -17.67 -5.09 10.07
CA ALA B 388 -18.84 -4.75 10.87
C ALA B 388 -20.12 -4.67 10.04
N GLY B 389 -20.04 -4.08 8.85
CA GLY B 389 -21.20 -3.78 8.03
C GLY B 389 -21.69 -2.34 8.24
N GLY B 390 -22.70 -1.92 7.47
CA GLY B 390 -23.21 -0.57 7.46
C GLY B 390 -23.93 -0.13 8.72
N LEU B 391 -24.52 -1.06 9.48
CA LEU B 391 -25.30 -0.60 10.66
C LEU B 391 -24.49 0.16 11.71
N MET B 392 -23.17 -0.03 11.81
CA MET B 392 -22.28 0.74 12.67
C MET B 392 -22.48 2.25 12.57
N VAL B 393 -22.87 2.78 11.42
CA VAL B 393 -23.06 4.22 11.25
C VAL B 393 -24.49 4.63 10.93
N THR B 394 -25.47 3.73 10.85
CA THR B 394 -26.85 4.14 10.57
C THR B 394 -27.84 3.70 11.65
N MET B 395 -27.36 3.17 12.77
CA MET B 395 -28.21 2.62 13.83
C MET B 395 -29.12 3.63 14.53
N PRO B 396 -30.40 3.32 14.79
CA PRO B 396 -31.22 4.22 15.61
C PRO B 396 -30.62 4.37 17.01
N SER B 397 -30.95 5.46 17.69
CA SER B 397 -30.54 5.81 19.04
C SER B 397 -31.02 4.78 20.06
N GLU B 398 -30.35 4.72 21.20
CA GLU B 398 -30.70 3.75 22.22
C GLU B 398 -32.08 4.09 22.79
N ALA B 399 -32.41 5.38 22.79
CA ALA B 399 -33.77 5.77 23.22
C ALA B 399 -34.83 5.17 22.30
N ASP B 400 -34.54 5.08 20.99
CA ASP B 400 -35.50 4.42 20.09
C ASP B 400 -35.61 2.94 20.45
N PHE B 401 -34.49 2.27 20.79
CA PHE B 401 -34.58 0.85 21.10
C PHE B 401 -35.36 0.55 22.38
N LYS B 402 -35.42 1.55 23.25
CA LYS B 402 -36.06 1.41 24.57
C LYS B 402 -37.45 2.02 24.58
N SER B 403 -37.92 2.50 23.42
CA SER B 403 -39.12 3.33 23.40
C SER B 403 -40.41 2.52 23.37
N GLU B 404 -41.33 2.86 24.28
CA GLU B 404 -42.66 2.24 24.31
C GLU B 404 -43.68 2.98 23.45
N THR B 405 -43.26 3.96 22.65
CA THR B 405 -44.19 4.62 21.73
C THR B 405 -44.83 3.64 20.77
N VAL B 406 -46.17 3.59 20.73
CA VAL B 406 -46.87 2.66 19.86
C VAL B 406 -46.92 3.16 18.43
N VAL B 407 -46.53 2.33 17.46
CA VAL B 407 -46.51 2.80 16.07
C VAL B 407 -46.99 1.74 15.09
N GLY B 408 -47.10 0.49 15.53
CA GLY B 408 -47.51 -0.62 14.68
C GLY B 408 -49.02 -0.79 14.77
N ARG B 409 -49.57 -1.32 13.69
CA ARG B 409 -50.97 -1.63 13.54
C ARG B 409 -51.47 -2.44 14.72
N ASP B 410 -50.69 -3.40 15.19
CA ASP B 410 -51.13 -4.28 16.27
C ASP B 410 -50.48 -3.95 17.61
N GLY B 411 -50.36 -2.67 17.93
CA GLY B 411 -49.81 -2.13 19.14
C GLY B 411 -48.31 -2.26 19.31
N GLU B 412 -47.54 -2.52 18.25
CA GLU B 412 -46.08 -2.65 18.44
C GLU B 412 -45.47 -1.27 18.66
N THR B 413 -44.42 -1.22 19.46
CA THR B 413 -43.76 0.02 19.85
C THR B 413 -42.49 0.22 19.04
N ILE B 414 -41.93 1.43 19.17
CA ILE B 414 -40.70 1.74 18.43
C ILE B 414 -39.63 0.75 18.83
N GLY B 415 -39.54 0.40 20.09
CA GLY B 415 -38.56 -0.51 20.68
C GLY B 415 -38.67 -1.92 20.14
N ASP B 416 -39.91 -2.43 20.04
CA ASP B 416 -40.15 -3.74 19.48
C ASP B 416 -39.70 -3.86 18.02
N PHE B 417 -39.91 -2.80 17.23
CA PHE B 417 -39.52 -2.90 15.82
C PHE B 417 -37.99 -2.88 15.69
N CYS B 418 -37.33 -2.06 16.51
CA CYS B 418 -35.86 -2.01 16.41
C CYS B 418 -35.23 -3.34 16.84
N ASN B 419 -35.74 -3.89 17.95
CA ASN B 419 -35.20 -5.15 18.45
C ASN B 419 -35.50 -6.30 17.49
N LYS B 420 -36.62 -6.24 16.78
CA LYS B 420 -36.96 -7.28 15.79
C LYS B 420 -36.08 -7.15 14.55
N PHE B 421 -36.04 -5.99 13.90
CA PHE B 421 -35.40 -5.88 12.59
C PHE B 421 -33.87 -5.98 12.64
N PHE B 422 -33.22 -5.66 13.75
CA PHE B 422 -31.75 -5.68 13.80
C PHE B 422 -31.16 -6.92 14.46
N ALA B 423 -31.99 -7.92 14.69
CA ALA B 423 -31.58 -9.25 15.09
C ALA B 423 -30.66 -9.88 14.03
N ALA B 424 -29.79 -10.81 14.44
CA ALA B 424 -28.97 -11.52 13.45
C ALA B 424 -28.77 -12.97 13.84
N ALA B 425 -27.55 -13.44 14.04
CA ALA B 425 -27.24 -14.83 14.42
C ALA B 425 -27.72 -15.18 15.83
N PRO B 426 -27.93 -16.46 16.10
CA PRO B 426 -28.50 -16.89 17.39
C PRO B 426 -27.53 -16.70 18.56
N THR B 427 -26.26 -16.43 18.31
CA THR B 427 -25.21 -16.21 19.28
C THR B 427 -25.35 -14.93 20.08
N CYS B 428 -26.29 -14.05 19.76
CA CYS B 428 -26.41 -12.79 20.49
C CYS B 428 -27.87 -12.39 20.62
N THR B 429 -28.14 -11.54 21.61
CA THR B 429 -29.34 -10.73 21.58
C THR B 429 -29.09 -9.55 20.62
N THR B 430 -30.17 -8.93 20.17
CA THR B 430 -30.07 -7.67 19.43
C THR B 430 -29.29 -6.62 20.22
N GLU B 431 -29.59 -6.35 21.49
CA GLU B 431 -28.82 -5.41 22.28
C GLU B 431 -27.33 -5.72 22.34
N GLU B 432 -26.91 -6.98 22.47
CA GLU B 432 -25.49 -7.30 22.48
C GLU B 432 -24.79 -6.90 21.17
N ARG B 433 -25.43 -7.17 20.03
CA ARG B 433 -24.93 -6.84 18.71
C ARG B 433 -24.83 -5.32 18.58
N MET B 434 -25.83 -4.59 19.07
CA MET B 434 -25.79 -3.11 18.99
C MET B 434 -24.65 -2.59 19.85
N ARG B 435 -24.33 -3.24 20.98
CA ARG B 435 -23.26 -2.75 21.83
C ARG B 435 -21.88 -2.84 21.18
N VAL B 436 -21.56 -3.94 20.49
CA VAL B 436 -20.25 -4.06 19.84
C VAL B 436 -20.19 -3.18 18.57
N LEU B 437 -21.26 -3.04 17.80
CA LEU B 437 -21.33 -2.10 16.70
C LEU B 437 -21.13 -0.65 17.14
N ARG B 438 -21.73 -0.17 18.23
CA ARG B 438 -21.41 1.15 18.77
C ARG B 438 -19.99 1.33 19.31
N PHE B 439 -19.36 0.30 19.88
CA PHE B 439 -17.97 0.42 20.27
C PHE B 439 -17.14 0.71 18.99
N LEU B 440 -17.43 0.00 17.92
CA LEU B 440 -16.69 0.22 16.67
C LEU B 440 -16.98 1.62 16.14
N GLU B 441 -18.22 2.10 16.16
CA GLU B 441 -18.51 3.46 15.69
C GLU B 441 -17.63 4.46 16.43
N ASN B 442 -17.52 4.29 17.74
CA ASN B 442 -16.85 5.28 18.57
C ASN B 442 -15.35 5.31 18.30
N ILE B 443 -14.74 4.15 17.98
CA ILE B 443 -13.30 4.18 17.75
C ILE B 443 -12.94 4.39 16.27
N CYS B 444 -13.84 4.13 15.33
CA CYS B 444 -13.52 4.35 13.91
C CYS B 444 -13.84 5.79 13.50
N LEU B 445 -14.84 6.42 14.12
CA LEU B 445 -15.35 7.74 13.78
C LEU B 445 -15.61 8.67 14.97
N GLY B 446 -15.92 8.13 16.13
CA GLY B 446 -16.30 8.99 17.26
C GLY B 446 -15.23 9.41 18.20
N ALA B 447 -15.56 9.53 19.50
CA ALA B 447 -14.65 10.10 20.45
C ALA B 447 -13.32 9.36 20.60
N SER B 448 -13.31 8.03 20.51
CA SER B 448 -12.05 7.31 20.58
C SER B 448 -11.25 7.33 19.28
N ALA B 449 -11.89 7.66 18.14
CA ALA B 449 -11.15 7.83 16.88
C ALA B 449 -10.16 8.98 16.99
N VAL B 450 -10.49 9.95 17.84
CA VAL B 450 -9.55 11.07 18.07
C VAL B 450 -8.21 10.57 18.54
N GLY B 451 -8.22 9.61 19.48
CA GLY B 451 -6.95 9.08 19.94
C GLY B 451 -6.34 8.01 19.05
N TYR B 452 -7.13 7.00 18.67
CA TYR B 452 -6.61 5.85 17.93
C TYR B 452 -6.17 6.23 16.50
N ARG B 453 -6.84 7.18 15.86
CA ARG B 453 -6.41 7.61 14.52
C ARG B 453 -5.56 8.88 14.59
N THR B 454 -6.17 10.03 14.91
CA THR B 454 -5.46 11.32 14.74
C THR B 454 -4.33 11.52 15.71
N GLU B 455 -4.42 11.09 16.99
CA GLU B 455 -3.18 11.19 17.80
C GLU B 455 -2.12 10.21 17.32
N SER B 456 -2.47 9.04 16.74
CA SER B 456 -1.44 8.22 16.11
C SER B 456 -0.69 8.96 14.99
N MET B 457 -1.38 9.81 14.23
CA MET B 457 -0.73 10.63 13.18
C MET B 457 0.22 11.68 13.76
N HIS B 458 -0.25 12.44 14.77
CA HIS B 458 0.50 13.61 15.21
C HIS B 458 1.16 13.49 16.58
N GLY B 459 0.72 12.58 17.43
CA GLY B 459 1.36 12.38 18.73
C GLY B 459 2.86 12.15 18.63
N ALA B 460 3.60 12.91 19.43
CA ALA B 460 5.04 12.92 19.41
C ALA B 460 5.56 13.26 18.01
N GLY B 461 4.89 14.18 17.30
CA GLY B 461 5.47 14.68 16.05
C GLY B 461 4.70 14.14 14.86
N SER B 462 4.38 15.00 13.90
CA SER B 462 3.84 14.59 12.60
C SER B 462 4.84 13.69 11.89
N PRO B 463 4.42 12.89 10.90
CA PRO B 463 5.35 11.96 10.26
C PRO B 463 6.62 12.59 9.73
N GLN B 464 6.57 13.83 9.19
CA GLN B 464 7.80 14.36 8.60
C GLN B 464 8.87 14.60 9.66
N ALA B 465 8.39 14.79 10.91
CA ALA B 465 9.37 14.96 12.00
C ALA B 465 10.21 13.72 12.21
N GLN B 466 9.65 12.51 12.13
CA GLN B 466 10.55 11.37 12.24
C GLN B 466 11.38 11.20 10.97
N ARG B 467 10.83 11.51 9.79
CA ARG B 467 11.58 11.22 8.55
C ARG B 467 12.89 12.00 8.53
N ILE B 468 12.80 13.25 9.01
CA ILE B 468 14.02 14.05 9.04
C ILE B 468 15.10 13.41 9.90
N MET B 469 14.68 12.84 11.03
CA MET B 469 15.66 12.23 11.95
C MET B 469 16.09 10.86 11.43
N ILE B 470 15.20 10.09 10.80
CA ILE B 470 15.66 8.79 10.23
C ILE B 470 16.77 8.99 9.21
N ALA B 471 16.64 10.02 8.37
CA ALA B 471 17.75 10.32 7.45
C ALA B 471 19.06 10.56 8.18
N ARG B 472 18.99 11.34 9.27
CA ARG B 472 20.22 11.67 9.98
C ARG B 472 20.83 10.49 10.70
N GLN B 473 19.95 9.60 11.18
CA GLN B 473 20.35 8.42 11.93
C GLN B 473 20.61 7.18 11.07
N GLY B 474 20.36 7.26 9.77
CA GLY B 474 20.46 6.21 8.81
C GLY B 474 21.84 5.73 8.41
N ASN B 475 22.91 6.41 8.74
CA ASN B 475 24.25 6.02 8.29
C ASN B 475 24.35 5.87 6.78
N ILE B 476 23.70 6.73 6.00
CA ILE B 476 23.77 6.56 4.54
C ILE B 476 25.19 6.55 4.00
N ASN B 477 26.12 7.38 4.48
CA ASN B 477 27.45 7.39 3.89
C ASN B 477 28.20 6.08 4.11
N ALA B 478 28.11 5.52 5.31
CA ALA B 478 28.67 4.19 5.55
C ALA B 478 28.08 3.14 4.60
N LYS B 479 26.80 3.26 4.29
CA LYS B 479 26.20 2.27 3.37
C LYS B 479 26.67 2.43 1.94
N LYS B 480 26.90 3.66 1.49
CA LYS B 480 27.50 3.85 0.17
C LYS B 480 28.86 3.15 0.06
N GLU B 481 29.64 3.13 1.15
CA GLU B 481 30.93 2.43 1.13
C GLU B 481 30.71 0.92 1.02
N LEU B 482 29.61 0.38 1.58
CA LEU B 482 29.37 -1.07 1.46
C LEU B 482 29.17 -1.44 0.01
N ALA B 483 28.43 -0.57 -0.68
CA ALA B 483 28.12 -0.75 -2.09
C ALA B 483 29.39 -0.66 -2.94
N LYS B 484 30.25 0.31 -2.65
CA LYS B 484 31.51 0.42 -3.43
C LYS B 484 32.32 -0.87 -3.36
N ALA B 485 32.41 -1.43 -2.15
CA ALA B 485 33.20 -2.67 -1.97
C ALA B 485 32.65 -3.80 -2.82
N ILE B 486 31.32 -4.03 -2.77
CA ILE B 486 30.74 -5.11 -3.55
C ILE B 486 30.83 -4.88 -5.05
N ALA B 487 30.67 -3.65 -5.54
CA ALA B 487 30.67 -3.35 -6.97
C ALA B 487 32.05 -3.16 -7.57
N GLY B 488 33.08 -3.25 -6.76
CA GLY B 488 34.47 -3.20 -7.18
C GLY B 488 34.94 -1.79 -7.51
N ILE B 489 34.38 -0.84 -6.80
CA ILE B 489 34.82 0.56 -6.91
C ILE B 489 35.82 0.91 -5.82
N LYS B 490 36.85 1.66 -6.18
CA LYS B 490 37.86 1.97 -5.17
C LYS B 490 37.33 2.83 -4.04
N MET C 1 -0.57 0.71 -50.03
CA MET C 1 0.04 -0.61 -49.93
C MET C 1 0.41 -0.95 -48.48
N LEU C 2 -0.02 -2.12 -48.04
CA LEU C 2 0.42 -2.73 -46.79
C LEU C 2 1.45 -3.83 -47.05
N MET C 3 2.52 -3.89 -46.29
CA MET C 3 3.50 -4.96 -46.40
C MET C 3 3.06 -6.20 -45.60
N THR C 4 3.36 -7.40 -46.08
CA THR C 4 3.21 -8.59 -45.22
C THR C 4 4.38 -8.63 -44.24
N ALA C 5 4.30 -9.51 -43.24
CA ALA C 5 5.36 -9.73 -42.27
C ALA C 5 6.64 -10.21 -42.93
N GLU C 6 6.49 -11.11 -43.92
CA GLU C 6 7.67 -11.52 -44.65
C GLU C 6 8.29 -10.40 -45.51
N GLN C 7 7.49 -9.53 -46.09
CA GLN C 7 8.05 -8.39 -46.82
C GLN C 7 8.74 -7.41 -45.90
N TYR C 8 8.23 -7.22 -44.68
CA TYR C 8 8.91 -6.35 -43.72
C TYR C 8 10.30 -6.83 -43.43
N ILE C 9 10.46 -8.12 -43.10
CA ILE C 9 11.75 -8.72 -42.84
C ILE C 9 12.71 -8.61 -44.03
N GLU C 10 12.25 -8.91 -45.25
CA GLU C 10 13.15 -8.77 -46.41
C GLU C 10 13.55 -7.32 -46.66
N SER C 11 12.65 -6.37 -46.39
CA SER C 11 13.00 -4.95 -46.53
C SER C 11 14.15 -4.58 -45.59
N LEU C 12 14.23 -5.22 -44.42
CA LEU C 12 15.32 -4.90 -43.50
C LEU C 12 16.67 -5.35 -44.04
N ARG C 13 16.70 -6.46 -44.78
CA ARG C 13 17.93 -7.02 -45.32
C ARG C 13 18.58 -6.11 -46.37
N LYS C 14 17.82 -5.21 -46.98
CA LYS C 14 18.41 -4.26 -47.91
C LYS C 14 19.03 -3.02 -47.29
N LEU C 15 18.73 -2.71 -46.04
CA LEU C 15 19.31 -1.55 -45.41
C LEU C 15 20.76 -1.73 -45.07
N ASN C 16 21.55 -0.65 -45.05
CA ASN C 16 22.94 -0.68 -44.63
C ASN C 16 23.18 -0.26 -43.19
N THR C 17 22.19 -0.50 -42.33
CA THR C 17 22.37 -0.12 -40.91
C THR C 17 23.63 -0.62 -40.25
N ARG C 18 24.27 0.22 -39.43
CA ARG C 18 25.51 -0.14 -38.72
C ARG C 18 25.18 -0.53 -37.28
N VAL C 19 25.32 -1.81 -36.96
CA VAL C 19 24.96 -2.38 -35.66
C VAL C 19 26.17 -3.01 -34.98
N TYR C 20 26.50 -2.63 -33.73
CA TYR C 20 27.64 -3.13 -33.00
C TYR C 20 27.26 -3.76 -31.65
N MET C 21 27.89 -4.90 -31.33
CA MET C 21 27.59 -5.61 -30.07
C MET C 21 28.83 -6.38 -29.62
N PHE C 22 29.21 -6.22 -28.37
CA PHE C 22 30.37 -6.82 -27.75
C PHE C 22 31.65 -6.42 -28.50
N GLY C 23 31.70 -5.20 -29.04
CA GLY C 23 32.88 -4.71 -29.74
C GLY C 23 32.95 -5.09 -31.21
N GLU C 24 31.95 -5.74 -31.79
CA GLU C 24 32.08 -6.11 -33.20
C GLU C 24 30.89 -5.66 -34.00
N LYS C 25 31.13 -5.41 -35.30
CA LYS C 25 30.03 -5.09 -36.17
C LYS C 25 29.22 -6.34 -36.48
N ILE C 26 27.90 -6.30 -36.40
CA ILE C 26 27.06 -7.44 -36.77
C ILE C 26 26.57 -7.30 -38.21
N GLU C 27 27.07 -8.15 -39.14
CA GLU C 27 26.67 -7.97 -40.53
C GLU C 27 25.27 -8.50 -40.81
N ASN C 28 24.99 -9.71 -40.29
CA ASN C 28 23.69 -10.28 -40.58
C ASN C 28 22.77 -10.12 -39.38
N TRP C 29 22.55 -8.86 -38.98
CA TRP C 29 21.79 -8.68 -37.74
C TRP C 29 20.36 -9.13 -37.85
N VAL C 30 19.73 -9.19 -39.02
CA VAL C 30 18.35 -9.63 -39.14
C VAL C 30 18.17 -11.06 -38.59
N ASP C 31 19.20 -11.91 -38.68
CA ASP C 31 19.05 -13.27 -38.15
C ASP C 31 19.80 -13.48 -36.84
N HIS C 32 20.37 -12.47 -36.20
CA HIS C 32 21.15 -12.66 -34.96
C HIS C 32 20.18 -13.03 -33.83
N PRO C 33 20.47 -14.10 -33.09
CA PRO C 33 19.48 -14.61 -32.12
C PRO C 33 19.13 -13.57 -31.05
N MET C 34 20.03 -12.63 -30.72
CA MET C 34 19.69 -11.66 -29.66
C MET C 34 18.91 -10.46 -30.17
N ILE C 35 18.73 -10.34 -31.49
CA ILE C 35 18.00 -9.24 -32.13
C ILE C 35 16.74 -9.68 -32.82
N ARG C 36 16.70 -10.88 -33.44
CA ARG C 36 15.51 -11.37 -34.15
C ARG C 36 14.24 -11.37 -33.32
N PRO C 37 14.23 -11.62 -32.01
CA PRO C 37 12.92 -11.48 -31.30
C PRO C 37 12.28 -10.11 -31.41
N SER C 38 13.05 -9.03 -31.41
CA SER C 38 12.56 -7.68 -31.62
C SER C 38 11.84 -7.53 -32.96
N ILE C 39 12.49 -8.11 -33.98
CA ILE C 39 11.94 -8.09 -35.35
C ILE C 39 10.65 -8.87 -35.46
N ASN C 40 10.64 -10.08 -34.85
CA ASN C 40 9.40 -10.87 -34.84
C ASN C 40 8.22 -10.18 -34.19
N CYS C 41 8.53 -9.39 -33.14
CA CYS C 41 7.53 -8.66 -32.39
C CYS C 41 6.93 -7.52 -33.22
N VAL C 42 7.74 -6.67 -33.87
CA VAL C 42 7.21 -5.64 -34.75
C VAL C 42 6.46 -6.25 -35.93
N ARG C 43 7.00 -7.40 -36.38
CA ARG C 43 6.40 -8.06 -37.54
C ARG C 43 4.97 -8.44 -37.29
N MET C 44 4.57 -8.68 -36.02
CA MET C 44 3.17 -8.96 -35.75
C MET C 44 2.25 -7.79 -36.06
N THR C 45 2.71 -6.51 -35.97
CA THR C 45 1.83 -5.45 -36.38
C THR C 45 1.50 -5.47 -37.88
N TYR C 46 2.41 -6.07 -38.67
CA TYR C 46 2.05 -6.24 -40.09
C TYR C 46 1.15 -7.46 -40.31
N GLU C 47 1.50 -8.58 -39.65
CA GLU C 47 0.72 -9.82 -39.76
C GLU C 47 -0.73 -9.65 -39.38
N LEU C 48 -1.00 -9.04 -38.21
CA LEU C 48 -2.37 -8.85 -37.80
C LEU C 48 -3.12 -7.94 -38.75
N ALA C 49 -2.45 -7.00 -39.45
CA ALA C 49 -3.21 -6.13 -40.38
C ALA C 49 -3.63 -6.87 -41.65
N GLN C 50 -2.99 -8.00 -41.91
CA GLN C 50 -3.39 -8.88 -43.00
C GLN C 50 -4.51 -9.84 -42.62
N ASP C 51 -4.87 -10.05 -41.37
CA ASP C 51 -5.97 -10.93 -40.98
C ASP C 51 -7.33 -10.25 -40.94
N PRO C 52 -8.31 -10.71 -41.72
CA PRO C 52 -9.63 -10.06 -41.78
C PRO C 52 -10.36 -10.00 -40.45
N GLN C 53 -10.00 -10.88 -39.51
CA GLN C 53 -10.69 -10.78 -38.21
C GLN C 53 -10.18 -9.58 -37.43
N TYR C 54 -8.95 -9.15 -37.73
CA TYR C 54 -8.48 -7.97 -37.01
C TYR C 54 -8.34 -6.73 -37.87
N ALA C 55 -8.48 -6.97 -39.18
CA ALA C 55 -8.21 -5.91 -40.16
C ALA C 55 -8.94 -4.62 -39.84
N ASP C 56 -10.15 -4.70 -39.30
CA ASP C 56 -10.88 -3.47 -38.95
C ASP C 56 -10.24 -2.61 -37.87
N LEU C 57 -9.73 -3.18 -36.79
CA LEU C 57 -9.00 -2.49 -35.74
C LEU C 57 -7.57 -2.08 -36.12
N MET C 58 -6.97 -2.85 -37.04
CA MET C 58 -5.56 -2.68 -37.35
C MET C 58 -5.31 -1.70 -38.51
N THR C 59 -6.40 -1.36 -39.19
CA THR C 59 -6.25 -0.54 -40.40
C THR C 59 -7.34 0.52 -40.46
N THR C 60 -7.15 1.53 -41.31
CA THR C 60 -8.07 2.67 -41.43
C THR C 60 -7.77 3.45 -42.71
N LYS C 61 -8.80 4.19 -43.15
CA LYS C 61 -8.62 5.00 -44.34
C LYS C 61 -7.94 6.33 -43.99
N SER C 62 -6.83 6.60 -44.67
CA SER C 62 -6.09 7.84 -44.45
C SER C 62 -6.70 9.03 -45.18
N ASN C 63 -7.01 10.10 -44.45
CA ASN C 63 -7.46 11.33 -45.11
C ASN C 63 -6.31 11.97 -45.86
N LEU C 64 -5.08 11.72 -45.43
CA LEU C 64 -3.91 12.28 -46.09
C LEU C 64 -3.61 11.69 -47.46
N ILE C 65 -3.62 10.38 -47.63
CA ILE C 65 -3.25 9.80 -48.94
C ILE C 65 -4.40 9.12 -49.63
N GLY C 66 -5.57 9.00 -48.98
CA GLY C 66 -6.74 8.49 -49.64
C GLY C 66 -6.72 6.99 -49.87
N LYS C 67 -5.99 6.22 -49.06
CA LYS C 67 -5.90 4.77 -49.14
C LYS C 67 -5.97 4.14 -47.74
N THR C 68 -6.23 2.85 -47.65
CA THR C 68 -6.20 2.17 -46.34
C THR C 68 -4.80 2.06 -45.85
N ILE C 69 -4.46 2.39 -44.61
CA ILE C 69 -3.14 2.34 -44.03
C ILE C 69 -3.16 1.53 -42.73
N ASN C 70 -2.00 1.17 -42.22
CA ASN C 70 -1.92 0.59 -40.88
C ASN C 70 -2.33 1.66 -39.86
N ARG C 71 -3.15 1.35 -38.85
CA ARG C 71 -3.57 2.37 -37.88
C ARG C 71 -2.36 2.94 -37.13
N PHE C 72 -1.22 2.29 -36.98
CA PHE C 72 0.00 2.77 -36.36
C PHE C 72 0.63 3.95 -37.15
N ALA C 73 0.04 4.33 -38.28
CA ALA C 73 0.59 5.49 -39.02
C ALA C 73 -0.45 6.58 -39.13
N ASN C 74 -1.62 6.51 -38.50
CA ASN C 74 -2.75 7.38 -38.71
C ASN C 74 -2.75 8.59 -37.78
N LEU C 75 -3.14 9.73 -38.34
CA LEU C 75 -3.47 10.91 -37.52
C LEU C 75 -4.89 10.81 -36.97
N HIS C 76 -5.00 10.88 -35.61
CA HIS C 76 -6.29 10.71 -34.97
C HIS C 76 -7.33 11.76 -35.37
N GLN C 77 -8.53 11.34 -35.76
CA GLN C 77 -9.57 12.25 -36.22
C GLN C 77 -10.75 12.42 -35.27
N SER C 78 -10.74 11.79 -34.08
CA SER C 78 -11.89 11.76 -33.17
C SER C 78 -11.49 11.08 -31.85
N THR C 79 -12.30 11.20 -30.81
CA THR C 79 -11.97 10.43 -29.57
C THR C 79 -12.19 8.93 -29.78
N ASP C 80 -13.07 8.57 -30.73
CA ASP C 80 -13.23 7.16 -31.10
C ASP C 80 -11.92 6.59 -31.62
N ASP C 81 -11.21 7.40 -32.43
CA ASP C 81 -9.86 7.01 -32.86
C ASP C 81 -8.91 6.81 -31.67
N LEU C 82 -9.03 7.66 -30.64
CA LEU C 82 -8.13 7.55 -29.50
C LEU C 82 -8.43 6.24 -28.73
N ARG C 83 -9.71 5.90 -28.60
CA ARG C 83 -10.02 4.63 -27.90
C ARG C 83 -9.60 3.40 -28.69
N LYS C 84 -9.81 3.41 -30.01
CA LYS C 84 -9.33 2.30 -30.85
C LYS C 84 -7.85 2.10 -30.77
N LYS C 85 -7.02 3.18 -30.67
CA LYS C 85 -5.59 2.99 -30.52
C LYS C 85 -5.25 2.15 -29.28
N VAL C 86 -5.88 2.49 -28.15
CA VAL C 86 -5.66 1.77 -26.88
C VAL C 86 -6.08 0.29 -27.02
N LYS C 87 -7.22 0.05 -27.62
CA LYS C 87 -7.72 -1.34 -27.83
C LYS C 87 -6.80 -2.13 -28.74
N MET C 88 -6.28 -1.51 -29.81
CA MET C 88 -5.28 -2.14 -30.68
C MET C 88 -4.03 -2.52 -29.92
N GLN C 89 -3.59 -1.61 -28.99
CA GLN C 89 -2.41 -1.87 -28.19
C GLN C 89 -2.63 -3.00 -27.15
N ARG C 90 -3.83 -3.10 -26.59
CA ARG C 90 -4.15 -4.26 -25.72
C ARG C 90 -4.10 -5.56 -26.53
N LEU C 91 -4.68 -5.57 -27.71
CA LEU C 91 -4.60 -6.75 -28.61
C LEU C 91 -3.18 -7.16 -28.83
N LEU C 92 -2.28 -6.23 -29.28
CA LEU C 92 -0.90 -6.63 -29.52
C LEU C 92 -0.18 -7.05 -28.24
N GLY C 93 -0.52 -6.45 -27.07
CA GLY C 93 0.17 -6.93 -25.88
C GLY C 93 -0.30 -8.38 -25.55
N GLN C 94 -1.53 -8.72 -25.83
CA GLN C 94 -2.00 -10.11 -25.58
C GLN C 94 -1.30 -11.09 -26.52
N LYS C 95 -1.05 -10.67 -27.76
CA LYS C 95 -0.43 -11.55 -28.75
C LYS C 95 1.07 -11.72 -28.64
N THR C 96 1.82 -10.81 -28.00
CA THR C 96 3.27 -10.89 -27.91
C THR C 96 3.81 -10.90 -26.48
N ALA C 97 3.08 -10.40 -25.49
CA ALA C 97 3.55 -10.25 -24.10
C ALA C 97 4.84 -9.46 -24.00
N SER C 98 5.03 -8.50 -24.92
CA SER C 98 6.32 -7.78 -24.99
C SER C 98 6.13 -6.36 -25.54
N CYS C 99 7.24 -5.63 -25.77
CA CYS C 99 7.18 -4.31 -26.44
C CYS C 99 7.22 -4.48 -27.96
N PHE C 100 6.13 -4.16 -28.64
CA PHE C 100 6.04 -4.32 -30.09
C PHE C 100 6.41 -3.03 -30.84
N GLN C 101 6.96 -2.04 -30.13
CA GLN C 101 7.77 -0.90 -30.55
C GLN C 101 7.11 0.14 -31.45
N ARG C 102 6.20 -0.19 -32.35
CA ARG C 102 5.73 0.69 -33.42
C ARG C 102 4.93 1.85 -32.89
N CYS C 103 4.42 1.80 -31.65
CA CYS C 103 3.69 2.91 -31.04
C CYS C 103 4.48 4.24 -31.01
N VAL C 104 5.79 4.18 -30.83
CA VAL C 104 6.56 5.45 -30.71
C VAL C 104 6.44 6.21 -32.04
N GLY C 105 6.38 5.50 -33.16
CA GLY C 105 6.09 6.12 -34.45
C GLY C 105 4.78 6.85 -34.53
N MET C 106 3.69 6.11 -34.29
CA MET C 106 2.36 6.69 -34.22
C MET C 106 2.27 7.96 -33.36
N ASP C 107 2.89 7.88 -32.18
CA ASP C 107 2.78 8.94 -31.17
C ASP C 107 3.64 10.14 -31.60
N ALA C 108 4.82 9.88 -32.16
CA ALA C 108 5.65 10.99 -32.69
C ALA C 108 4.92 11.66 -33.84
N PHE C 109 4.28 10.93 -34.76
CA PHE C 109 3.60 11.57 -35.88
C PHE C 109 2.52 12.53 -35.40
N ASN C 110 1.67 12.14 -34.41
CA ASN C 110 0.58 13.02 -33.98
C ASN C 110 1.11 14.27 -33.27
N ALA C 111 2.19 14.08 -32.48
CA ALA C 111 2.72 15.23 -31.74
C ALA C 111 3.47 16.21 -32.63
N VAL C 112 4.27 15.67 -33.56
CA VAL C 112 5.06 16.55 -34.45
C VAL C 112 4.08 17.25 -35.37
N PHE C 113 3.06 16.51 -35.85
CA PHE C 113 2.06 17.13 -36.70
C PHE C 113 1.42 18.36 -36.05
N SER C 114 0.94 18.23 -34.81
CA SER C 114 0.18 19.33 -34.21
C SER C 114 1.16 20.43 -33.81
N THR C 115 2.38 20.11 -33.43
CA THR C 115 3.32 21.11 -32.95
C THR C 115 3.81 21.97 -34.12
N THR C 116 4.21 21.33 -35.22
CA THR C 116 4.75 22.11 -36.34
C THR C 116 3.75 23.11 -36.90
N TYR C 117 2.46 22.83 -36.93
CA TYR C 117 1.39 23.72 -37.32
C TYR C 117 1.53 25.04 -36.54
N GLU C 118 1.70 24.97 -35.22
CA GLU C 118 1.77 26.16 -34.37
C GLU C 118 3.09 26.90 -34.48
N ILE C 119 4.21 26.19 -34.72
CA ILE C 119 5.48 26.84 -34.95
C ILE C 119 5.35 27.78 -36.18
N ASP C 120 4.75 27.25 -37.22
CA ASP C 120 4.58 27.95 -38.49
C ASP C 120 3.67 29.18 -38.36
N GLN C 121 2.56 29.02 -37.64
CA GLN C 121 1.68 30.17 -37.38
C GLN C 121 2.44 31.29 -36.66
N LYS C 122 3.35 30.98 -35.74
CA LYS C 122 4.01 32.01 -34.97
C LYS C 122 5.18 32.60 -35.77
N TYR C 123 6.02 31.77 -36.39
CA TYR C 123 7.28 32.19 -36.96
C TYR C 123 7.25 32.37 -38.48
N GLY C 124 6.23 31.91 -39.19
CA GLY C 124 6.26 31.98 -40.66
C GLY C 124 7.18 30.96 -41.27
N THR C 125 7.52 29.89 -40.54
CA THR C 125 8.33 28.79 -41.11
C THR C 125 7.45 27.83 -41.94
N ASN C 126 8.01 26.72 -42.45
CA ASN C 126 7.16 25.75 -43.17
C ASN C 126 7.50 24.31 -42.74
N TYR C 127 7.75 24.15 -41.43
CA TYR C 127 7.96 22.80 -40.87
C TYR C 127 6.72 21.90 -40.98
N HIS C 128 5.51 22.48 -40.96
CA HIS C 128 4.29 21.68 -41.05
C HIS C 128 4.23 21.08 -42.47
N LYS C 129 4.64 21.84 -43.50
CA LYS C 129 4.68 21.25 -44.86
C LYS C 129 5.76 20.17 -44.93
N ASN C 130 6.94 20.40 -44.36
CA ASN C 130 8.02 19.40 -44.32
C ASN C 130 7.43 18.09 -43.73
N PHE C 131 6.73 18.24 -42.61
CA PHE C 131 6.19 17.07 -41.91
C PHE C 131 5.08 16.41 -42.71
N THR C 132 4.06 17.07 -43.23
CA THR C 132 3.00 16.36 -43.95
C THR C 132 3.54 15.69 -45.22
N GLU C 133 4.51 16.26 -45.94
CA GLU C 133 5.07 15.52 -47.07
C GLU C 133 5.82 14.28 -46.62
N TYR C 134 6.53 14.36 -45.49
CA TYR C 134 7.24 13.20 -44.97
C TYR C 134 6.26 12.09 -44.57
N LEU C 135 5.21 12.44 -43.84
CA LEU C 135 4.19 11.44 -43.47
C LEU C 135 3.52 10.81 -44.69
N LYS C 136 3.31 11.56 -45.78
CA LYS C 136 2.81 10.90 -47.01
C LYS C 136 3.71 9.77 -47.46
N TYR C 137 5.02 9.96 -47.43
CA TYR C 137 5.97 8.95 -47.87
C TYR C 137 5.88 7.72 -46.93
N ILE C 138 5.80 8.00 -45.63
CA ILE C 138 5.72 6.86 -44.66
C ILE C 138 4.42 6.09 -44.84
N GLN C 139 3.28 6.73 -45.03
CA GLN C 139 2.00 6.08 -45.23
C GLN C 139 1.95 5.33 -46.55
N GLU C 140 2.50 5.87 -47.64
CA GLU C 140 2.49 5.08 -48.88
C GLU C 140 3.33 3.80 -48.77
N ASN C 141 4.39 3.74 -48.00
CA ASN C 141 5.39 2.69 -47.98
C ASN C 141 5.32 1.78 -46.75
N ASP C 142 4.46 2.06 -45.77
CA ASP C 142 4.25 1.18 -44.62
C ASP C 142 5.53 0.97 -43.82
N LEU C 143 6.30 2.02 -43.55
CA LEU C 143 7.57 1.86 -42.89
C LEU C 143 7.57 2.05 -41.36
N ILE C 144 8.56 1.47 -40.67
CA ILE C 144 8.74 1.68 -39.22
C ILE C 144 9.62 2.91 -38.97
N VAL C 145 9.10 3.86 -38.19
CA VAL C 145 9.85 5.05 -37.76
C VAL C 145 10.02 5.03 -36.23
N ASP C 146 11.27 4.90 -35.82
CA ASP C 146 11.57 4.99 -34.41
C ASP C 146 11.64 6.43 -33.89
N GLY C 147 10.73 6.79 -33.00
CA GLY C 147 10.74 8.02 -32.22
C GLY C 147 11.89 7.99 -31.23
N ALA C 148 12.76 8.98 -31.25
CA ALA C 148 13.94 9.03 -30.40
C ALA C 148 13.95 10.36 -29.63
N MET C 149 13.67 10.35 -28.33
CA MET C 149 13.61 11.56 -27.51
C MET C 149 14.71 11.63 -26.45
N THR C 150 14.93 10.58 -25.66
CA THR C 150 15.80 10.69 -24.48
C THR C 150 17.29 10.70 -24.81
N ASP C 151 17.98 11.83 -24.55
CA ASP C 151 19.42 11.91 -24.63
C ASP C 151 20.13 11.19 -23.48
N PRO C 152 21.42 10.93 -23.50
CA PRO C 152 22.17 10.45 -22.32
C PRO C 152 22.11 11.42 -21.13
N LYS C 153 22.12 12.72 -21.34
CA LYS C 153 21.86 13.80 -20.41
C LYS C 153 23.00 14.21 -19.50
N GLY C 154 24.10 13.52 -19.31
CA GLY C 154 25.22 14.06 -18.52
C GLY C 154 24.91 14.29 -17.07
N ASP C 155 25.36 15.42 -16.51
CA ASP C 155 25.15 15.77 -15.10
C ASP C 155 23.70 16.20 -14.90
N ARG C 156 22.85 15.46 -14.18
CA ARG C 156 21.44 15.75 -14.03
C ARG C 156 21.16 17.07 -13.30
N GLY C 157 22.17 17.66 -12.69
CA GLY C 157 21.98 18.95 -12.02
C GLY C 157 22.15 20.16 -12.94
N LEU C 158 22.55 19.97 -14.19
CA LEU C 158 22.81 21.09 -15.12
C LEU C 158 22.01 21.06 -16.40
N ALA C 159 21.72 22.24 -16.96
CA ALA C 159 21.01 22.36 -18.24
C ALA C 159 21.87 21.96 -19.43
N PRO C 160 21.26 21.70 -20.59
CA PRO C 160 22.06 21.26 -21.76
C PRO C 160 23.19 22.22 -22.12
N SER C 161 22.94 23.52 -22.10
CA SER C 161 24.02 24.45 -22.48
C SER C 161 25.04 24.67 -21.37
N ALA C 162 24.86 24.05 -20.20
CA ALA C 162 25.82 24.14 -19.11
C ALA C 162 26.67 22.90 -18.89
N GLN C 163 26.47 21.86 -19.69
CA GLN C 163 27.22 20.61 -19.47
C GLN C 163 28.69 20.79 -19.77
N LYS C 164 29.55 20.05 -19.07
CA LYS C 164 30.98 20.05 -19.32
C LYS C 164 31.29 19.65 -20.77
N ASP C 165 30.50 18.71 -21.30
CA ASP C 165 30.60 18.21 -22.66
C ASP C 165 29.31 18.60 -23.39
N PRO C 166 29.42 19.48 -24.40
CA PRO C 166 28.23 20.01 -25.03
C PRO C 166 27.49 18.96 -25.87
N ASP C 167 28.07 17.78 -26.06
CA ASP C 167 27.46 16.73 -26.87
C ASP C 167 26.47 15.86 -26.09
N LEU C 168 26.21 16.08 -24.81
CA LEU C 168 25.44 15.10 -24.03
C LEU C 168 23.94 15.25 -24.21
N PHE C 169 23.48 16.36 -24.81
CA PHE C 169 22.20 16.46 -25.45
C PHE C 169 22.45 16.68 -26.97
N LEU C 170 21.57 16.19 -27.82
CA LEU C 170 21.78 16.30 -29.27
C LEU C 170 21.64 17.75 -29.73
N ARG C 171 22.56 18.21 -30.60
CA ARG C 171 22.48 19.62 -30.99
C ARG C 171 22.88 19.87 -32.45
N ILE C 172 22.46 21.05 -32.92
CA ILE C 172 22.90 21.56 -34.22
C ILE C 172 24.34 22.04 -34.11
N VAL C 173 25.26 21.56 -34.92
CA VAL C 173 26.64 22.04 -34.85
C VAL C 173 26.98 22.88 -36.08
N GLU C 174 26.17 22.82 -37.13
CA GLU C 174 26.43 23.63 -38.32
C GLU C 174 25.14 23.89 -39.09
N LYS C 175 24.93 25.12 -39.56
CA LYS C 175 23.84 25.47 -40.46
C LYS C 175 24.38 25.77 -41.87
N ARG C 176 23.89 25.04 -42.85
CA ARG C 176 24.24 25.26 -44.26
C ARG C 176 23.01 25.75 -45.01
N GLU C 177 23.20 26.15 -46.26
CA GLU C 177 22.11 26.62 -47.11
C GLU C 177 21.17 25.47 -47.46
N ASP C 178 21.72 24.27 -47.58
CA ASP C 178 20.89 23.12 -47.96
C ASP C 178 20.46 22.28 -46.75
N GLY C 179 20.93 22.54 -45.54
CA GLY C 179 20.45 21.72 -44.41
C GLY C 179 21.26 21.99 -43.15
N ILE C 180 21.18 21.08 -42.17
CA ILE C 180 21.99 21.24 -40.95
C ILE C 180 22.85 20.03 -40.65
N VAL C 181 23.81 20.14 -39.75
CA VAL C 181 24.63 19.03 -39.30
C VAL C 181 24.37 18.87 -37.80
N VAL C 182 24.05 17.68 -37.34
CA VAL C 182 23.76 17.44 -35.91
C VAL C 182 24.77 16.46 -35.33
N ARG C 183 25.08 16.61 -34.03
CA ARG C 183 25.97 15.70 -33.32
C ARG C 183 25.40 15.35 -31.94
N GLY C 184 25.44 14.07 -31.55
CA GLY C 184 25.05 13.66 -30.20
C GLY C 184 24.57 12.21 -30.19
N ALA C 185 23.70 11.86 -29.24
CA ALA C 185 23.16 10.49 -29.23
C ALA C 185 21.78 10.46 -28.58
N LYS C 186 21.01 9.40 -28.83
CA LYS C 186 19.75 9.15 -28.12
C LYS C 186 19.90 7.76 -27.48
N ALA C 187 19.66 7.65 -26.17
CA ALA C 187 19.88 6.38 -25.45
C ALA C 187 18.57 5.61 -25.28
N HIS C 188 18.70 4.32 -24.87
CA HIS C 188 17.53 3.51 -24.49
C HIS C 188 16.56 3.24 -25.64
N GLN C 189 17.00 3.21 -26.92
CA GLN C 189 15.99 3.30 -27.99
C GLN C 189 15.45 1.94 -28.39
N THR C 190 14.23 1.62 -27.97
CA THR C 190 13.71 0.28 -28.24
C THR C 190 13.35 0.17 -29.74
N GLY C 191 13.83 -0.91 -30.39
CA GLY C 191 13.46 -1.11 -31.79
C GLY C 191 14.21 -0.20 -32.76
N SER C 192 15.23 0.50 -32.27
CA SER C 192 15.92 1.41 -33.23
C SER C 192 16.62 0.65 -34.34
N ILE C 193 17.19 -0.49 -33.94
CA ILE C 193 17.95 -1.31 -34.88
C ILE C 193 17.02 -1.82 -35.95
N ASN C 194 15.74 -2.12 -35.70
CA ASN C 194 14.94 -2.69 -36.80
C ASN C 194 13.91 -1.77 -37.41
N SER C 195 14.22 -0.45 -37.41
CA SER C 195 13.40 0.59 -38.01
C SER C 195 14.00 0.98 -39.39
N HIS C 196 13.15 1.49 -40.26
CA HIS C 196 13.57 2.04 -41.55
C HIS C 196 14.04 3.51 -41.42
N GLU C 197 13.41 4.22 -40.50
CA GLU C 197 13.72 5.64 -40.29
C GLU C 197 13.72 6.00 -38.81
N HIS C 198 14.23 7.17 -38.44
CA HIS C 198 14.20 7.73 -37.10
C HIS C 198 13.59 9.13 -37.10
N ILE C 199 12.76 9.48 -36.14
CA ILE C 199 12.24 10.83 -35.90
C ILE C 199 12.70 11.30 -34.51
N ILE C 200 13.51 12.36 -34.55
CA ILE C 200 14.19 12.89 -33.36
C ILE C 200 13.42 14.08 -32.81
N MET C 201 13.33 14.16 -31.48
CA MET C 201 12.62 15.20 -30.75
C MET C 201 13.43 15.58 -29.51
N PRO C 202 13.36 16.85 -29.08
CA PRO C 202 14.10 17.25 -27.87
C PRO C 202 13.47 16.61 -26.63
N THR C 203 14.22 16.47 -25.53
CA THR C 203 13.72 15.75 -24.37
C THR C 203 13.18 16.62 -23.25
N ILE C 204 13.36 17.92 -23.30
CA ILE C 204 12.89 18.81 -22.22
C ILE C 204 12.58 20.19 -22.80
N ALA C 205 11.83 21.02 -22.11
CA ALA C 205 11.62 22.41 -22.48
C ALA C 205 12.98 23.11 -22.48
N MET C 206 13.21 24.07 -23.37
CA MET C 206 14.50 24.68 -23.61
C MET C 206 14.40 26.20 -23.43
N THR C 207 15.46 26.80 -22.88
CA THR C 207 15.53 28.27 -22.83
C THR C 207 16.33 28.81 -24.02
N GLU C 208 16.39 30.15 -24.11
CA GLU C 208 17.12 30.75 -25.23
C GLU C 208 18.56 30.30 -25.27
N ALA C 209 19.17 30.18 -24.08
CA ALA C 209 20.56 29.73 -24.04
C ALA C 209 20.74 28.32 -24.59
N ASP C 210 19.67 27.53 -24.59
CA ASP C 210 19.77 26.12 -25.02
C ASP C 210 19.26 25.98 -26.45
N LYS C 211 19.17 27.08 -27.23
CA LYS C 211 18.42 26.96 -28.48
C LYS C 211 19.06 26.04 -29.51
N ASP C 212 20.37 25.80 -29.48
CA ASP C 212 20.95 24.83 -30.42
C ASP C 212 20.54 23.39 -30.12
N TYR C 213 19.94 23.12 -28.97
CA TYR C 213 19.39 21.81 -28.59
C TYR C 213 17.92 21.71 -28.96
N ALA C 214 17.32 22.79 -29.46
CA ALA C 214 15.90 22.74 -29.84
C ALA C 214 15.81 22.28 -31.30
N VAL C 215 15.88 20.96 -31.54
CA VAL C 215 15.96 20.41 -32.90
C VAL C 215 15.18 19.10 -33.02
N SER C 216 14.48 18.93 -34.13
CA SER C 216 13.64 17.78 -34.47
C SER C 216 13.75 17.55 -35.98
N PHE C 217 13.82 16.29 -36.40
CA PHE C 217 13.98 15.96 -37.81
C PHE C 217 13.71 14.47 -38.06
N ALA C 218 13.65 14.00 -39.31
CA ALA C 218 13.65 12.56 -39.59
C ALA C 218 14.81 12.18 -40.52
N CYS C 219 15.35 10.98 -40.37
CA CYS C 219 16.41 10.49 -41.25
C CYS C 219 16.35 8.97 -41.42
N PRO C 220 16.90 8.48 -42.53
CA PRO C 220 16.92 7.02 -42.73
C PRO C 220 17.86 6.38 -41.71
N SER C 221 17.55 5.11 -41.34
CA SER C 221 18.30 4.40 -40.30
C SER C 221 19.72 4.08 -40.70
N ASP C 222 20.02 4.26 -42.00
CA ASP C 222 21.37 4.05 -42.50
C ASP C 222 21.93 5.36 -43.05
N ALA C 223 21.47 6.51 -42.54
CA ALA C 223 22.08 7.78 -42.86
C ALA C 223 23.57 7.78 -42.57
N ASP C 224 24.32 8.50 -43.41
CA ASP C 224 25.76 8.61 -43.21
C ASP C 224 26.12 9.29 -41.90
N GLY C 225 26.91 8.63 -41.06
CA GLY C 225 27.36 8.97 -39.73
C GLY C 225 26.50 8.39 -38.62
N LEU C 226 25.43 7.66 -38.92
CA LEU C 226 24.49 7.12 -37.94
C LEU C 226 24.81 5.64 -37.64
N PHE C 227 24.94 5.31 -36.35
CA PHE C 227 25.21 3.91 -36.02
C PHE C 227 24.64 3.57 -34.62
N MET C 228 24.51 2.28 -34.32
CA MET C 228 23.88 1.84 -33.05
C MET C 228 24.75 0.89 -32.24
N ILE C 229 24.78 1.08 -30.91
CA ILE C 229 25.49 0.12 -30.04
C ILE C 229 24.43 -0.59 -29.15
N TYR C 230 24.29 -1.91 -29.29
CA TYR C 230 23.27 -2.73 -28.61
C TYR C 230 23.34 -2.55 -27.09
N GLY C 231 22.22 -2.47 -26.37
CA GLY C 231 22.27 -2.46 -24.89
C GLY C 231 22.00 -3.88 -24.35
N ARG C 232 22.63 -4.27 -23.25
CA ARG C 232 22.35 -5.60 -22.66
C ARG C 232 20.99 -5.69 -22.01
N GLN C 233 20.48 -6.92 -21.93
CA GLN C 233 19.23 -7.24 -21.24
C GLN C 233 19.46 -8.42 -20.27
N SER C 234 18.71 -8.43 -19.16
CA SER C 234 18.70 -9.60 -18.26
C SER C 234 18.47 -10.89 -19.08
N CYS C 235 19.34 -11.86 -18.85
CA CYS C 235 19.22 -13.18 -19.46
C CYS C 235 19.42 -13.15 -20.98
N ASP C 236 19.95 -12.05 -21.50
CA ASP C 236 20.03 -11.94 -22.98
C ASP C 236 20.79 -13.10 -23.64
N THR C 237 21.94 -13.50 -23.13
CA THR C 237 22.71 -14.54 -23.81
C THR C 237 22.10 -15.94 -23.71
N ARG C 238 21.03 -16.15 -22.97
CA ARG C 238 20.35 -17.45 -23.11
C ARG C 238 19.96 -17.68 -24.57
N LYS C 239 19.69 -16.62 -25.34
CA LYS C 239 19.34 -16.77 -26.76
C LYS C 239 20.44 -17.37 -27.64
N MET C 240 21.67 -17.37 -27.19
CA MET C 240 22.82 -17.87 -27.96
C MET C 240 23.00 -19.38 -27.73
N GLU C 241 22.23 -19.99 -26.83
CA GLU C 241 22.43 -21.39 -26.47
C GLU C 241 21.87 -22.28 -27.58
N GLU C 242 22.60 -23.37 -27.86
CA GLU C 242 22.12 -24.25 -28.95
C GLU C 242 20.80 -24.94 -28.58
N GLY C 243 19.83 -24.85 -29.48
CA GLY C 243 18.47 -25.28 -29.34
C GLY C 243 17.67 -24.50 -28.31
N ALA C 244 18.04 -23.26 -27.99
CA ALA C 244 17.29 -22.54 -26.93
C ALA C 244 15.81 -22.45 -27.22
N ASP C 245 14.99 -22.74 -26.20
CA ASP C 245 13.54 -22.81 -26.41
C ASP C 245 12.84 -22.62 -25.06
N ILE C 246 12.76 -23.66 -24.25
CA ILE C 246 12.02 -23.56 -22.98
C ILE C 246 12.64 -22.56 -22.01
N ASP C 247 13.97 -22.45 -21.95
CA ASP C 247 14.61 -21.59 -20.96
C ASP C 247 14.46 -20.10 -21.35
N LEU C 248 13.93 -19.77 -22.51
CA LEU C 248 13.72 -18.38 -22.97
C LEU C 248 12.43 -17.77 -22.43
N GLY C 249 11.47 -18.62 -22.08
CA GLY C 249 10.14 -18.25 -21.63
C GLY C 249 9.21 -17.74 -22.70
N ASN C 250 9.74 -16.81 -23.51
CA ASN C 250 9.04 -16.25 -24.67
C ASN C 250 9.98 -16.40 -25.87
N LYS C 251 9.86 -17.50 -26.63
CA LYS C 251 10.84 -17.77 -27.67
C LYS C 251 10.70 -16.82 -28.88
N GLN C 252 9.50 -16.49 -29.28
CA GLN C 252 9.23 -15.79 -30.53
C GLN C 252 9.54 -14.29 -30.41
N PHE C 253 9.23 -13.69 -29.26
CA PHE C 253 9.15 -12.23 -29.18
C PHE C 253 9.99 -11.60 -28.07
N GLY C 254 10.42 -10.36 -28.33
CA GLY C 254 11.10 -9.54 -27.33
C GLY C 254 11.19 -8.08 -27.74
N GLY C 255 11.90 -7.25 -26.96
CA GLY C 255 12.11 -5.88 -27.38
C GLY C 255 13.45 -5.38 -26.87
N GLN C 256 14.38 -5.00 -27.75
CA GLN C 256 15.73 -4.67 -27.30
C GLN C 256 16.07 -3.19 -27.60
N GLU C 257 16.88 -2.59 -26.76
CA GLU C 257 17.30 -1.19 -26.75
C GLU C 257 18.71 -0.99 -27.27
N ALA C 258 18.98 0.21 -27.82
CA ALA C 258 20.33 0.56 -28.23
C ALA C 258 20.61 2.07 -28.09
N LEU C 259 21.88 2.41 -28.04
CA LEU C 259 22.40 3.78 -28.07
C LEU C 259 22.54 4.17 -29.54
N VAL C 260 21.83 5.19 -29.97
CA VAL C 260 21.88 5.70 -31.34
C VAL C 260 22.83 6.90 -31.40
N VAL C 261 23.94 6.80 -32.10
CA VAL C 261 24.97 7.84 -32.16
C VAL C 261 24.88 8.61 -33.48
N PHE C 262 24.83 9.93 -33.39
CA PHE C 262 24.80 10.86 -34.50
C PHE C 262 26.21 11.49 -34.60
N ASP C 263 27.07 10.86 -35.40
CA ASP C 263 28.45 11.28 -35.60
C ASP C 263 28.52 12.29 -36.76
N ASN C 264 28.08 13.52 -36.54
CA ASN C 264 28.01 14.58 -37.57
C ASN C 264 27.18 14.17 -38.78
N VAL C 265 25.88 14.07 -38.56
CA VAL C 265 24.95 13.62 -39.58
C VAL C 265 24.28 14.80 -40.27
N PHE C 266 24.28 14.78 -41.61
CA PHE C 266 23.63 15.85 -42.37
C PHE C 266 22.17 15.60 -42.59
N ILE C 267 21.31 16.53 -42.24
CA ILE C 267 19.88 16.53 -42.46
C ILE C 267 19.49 17.59 -43.50
N PRO C 268 18.96 17.24 -44.65
CA PRO C 268 18.51 18.23 -45.65
C PRO C 268 17.32 19.06 -45.20
N ASN C 269 17.14 20.30 -45.68
CA ASN C 269 16.10 21.18 -45.23
C ASN C 269 14.71 20.57 -45.14
N ASP C 270 14.34 19.76 -46.14
CA ASP C 270 12.98 19.21 -46.22
C ASP C 270 12.70 18.19 -45.08
N ARG C 271 13.72 17.73 -44.38
CA ARG C 271 13.48 16.74 -43.30
C ARG C 271 13.48 17.38 -41.92
N ILE C 272 13.52 18.72 -41.84
CA ILE C 272 13.67 19.46 -40.56
C ILE C 272 12.33 19.89 -40.06
N PHE C 273 12.03 19.65 -38.75
CA PHE C 273 10.73 19.99 -38.17
C PHE C 273 10.77 20.97 -36.99
N LEU C 274 11.96 21.25 -36.50
CA LEU C 274 12.23 22.25 -35.44
C LEU C 274 13.68 22.67 -35.54
N CYS C 275 13.99 23.96 -35.61
CA CYS C 275 15.39 24.40 -35.68
C CYS C 275 15.62 25.73 -34.96
N GLN C 276 15.86 25.66 -33.66
CA GLN C 276 16.20 26.72 -32.74
C GLN C 276 15.03 27.57 -32.23
N GLU C 277 13.78 27.33 -32.55
CA GLU C 277 12.60 27.91 -31.92
C GLU C 277 12.42 27.27 -30.53
N TYR C 278 13.30 27.63 -29.61
CA TYR C 278 13.37 27.02 -28.26
C TYR C 278 12.02 27.01 -27.55
N ASP C 279 11.18 28.03 -27.83
CA ASP C 279 9.92 28.15 -27.11
C ASP C 279 8.92 27.07 -27.53
N PHE C 280 9.20 26.22 -28.53
CA PHE C 280 8.27 25.15 -28.86
C PHE C 280 8.84 23.76 -28.47
N ALA C 281 10.08 23.69 -27.97
CA ALA C 281 10.64 22.39 -27.55
C ALA C 281 9.72 21.75 -26.48
N GLY C 282 9.30 22.48 -25.45
CA GLY C 282 8.42 21.89 -24.44
C GLY C 282 7.06 21.43 -24.91
N MET C 283 6.48 22.08 -25.92
CA MET C 283 5.24 21.66 -26.57
C MET C 283 5.37 20.26 -27.19
N MET C 284 6.45 20.04 -27.91
CA MET C 284 6.68 18.72 -28.52
C MET C 284 6.81 17.64 -27.45
N VAL C 285 7.50 18.00 -26.36
CA VAL C 285 7.79 17.10 -25.24
C VAL C 285 6.46 16.70 -24.58
N GLU C 286 5.64 17.67 -24.20
CA GLU C 286 4.36 17.42 -23.55
C GLU C 286 3.43 16.57 -24.39
N ARG C 287 3.32 16.86 -25.72
CA ARG C 287 2.37 16.09 -26.55
C ARG C 287 2.86 14.68 -26.88
N PHE C 288 4.14 14.49 -27.19
CA PHE C 288 4.66 13.15 -27.45
C PHE C 288 4.57 12.31 -26.17
N ALA C 289 5.02 12.92 -25.05
CA ALA C 289 4.95 12.13 -23.81
C ALA C 289 3.52 11.87 -23.41
N GLY C 290 2.58 12.79 -23.57
CA GLY C 290 1.18 12.56 -23.26
C GLY C 290 0.64 11.39 -24.06
N TYR C 291 0.92 11.31 -25.37
CA TYR C 291 0.42 10.16 -26.15
C TYR C 291 1.05 8.83 -25.71
N HIS C 292 2.34 8.80 -25.40
CA HIS C 292 3.04 7.60 -24.97
C HIS C 292 2.48 7.15 -23.62
N ARG C 293 2.17 8.11 -22.74
CA ARG C 293 1.55 7.79 -21.45
C ARG C 293 0.16 7.17 -21.64
N GLN C 294 -0.65 7.58 -22.57
CA GLN C 294 -1.91 7.02 -23.01
C GLN C 294 -1.66 5.58 -23.49
N SER C 295 -0.68 5.37 -24.34
CA SER C 295 -0.28 4.09 -24.90
C SER C 295 -0.11 2.99 -23.85
N TYR C 296 0.47 3.31 -22.70
CA TYR C 296 0.68 2.27 -21.69
C TYR C 296 -0.60 1.67 -21.16
N GLY C 297 -1.70 2.41 -21.16
CA GLY C 297 -3.01 1.95 -20.76
C GLY C 297 -3.58 0.86 -21.66
N GLY C 298 -2.94 0.69 -22.81
CA GLY C 298 -3.33 -0.38 -23.74
C GLY C 298 -2.23 -1.44 -23.66
N CYS C 299 -0.96 -1.12 -23.94
CA CYS C 299 0.04 -2.16 -24.10
C CYS C 299 0.33 -2.92 -22.80
N LYS C 300 0.47 -2.25 -21.66
CA LYS C 300 0.86 -2.95 -20.42
C LYS C 300 -0.33 -3.78 -19.90
N VAL C 301 -1.53 -3.37 -20.30
CA VAL C 301 -2.73 -4.08 -19.92
C VAL C 301 -2.82 -5.40 -20.70
N GLY C 302 -2.53 -5.40 -21.99
CA GLY C 302 -2.50 -6.63 -22.81
C GLY C 302 -1.43 -7.60 -22.29
N VAL C 303 -0.24 -7.11 -21.94
CA VAL C 303 0.84 -7.92 -21.37
C VAL C 303 0.36 -8.48 -20.01
N GLY C 304 -0.25 -7.62 -19.21
CA GLY C 304 -0.82 -7.97 -17.89
C GLY C 304 -1.81 -9.09 -18.04
N ASP C 305 -2.65 -9.11 -19.06
CA ASP C 305 -3.57 -10.21 -19.32
C ASP C 305 -2.83 -11.54 -19.44
N VAL C 306 -1.69 -11.59 -20.12
CA VAL C 306 -0.88 -12.80 -20.30
C VAL C 306 -0.26 -13.21 -18.96
N VAL C 307 0.20 -12.27 -18.14
CA VAL C 307 0.78 -12.61 -16.85
C VAL C 307 -0.27 -13.26 -15.91
N ILE C 308 -1.44 -12.65 -15.88
CA ILE C 308 -2.57 -13.19 -15.10
C ILE C 308 -2.90 -14.62 -15.56
N GLY C 309 -3.04 -14.79 -16.88
CA GLY C 309 -3.30 -16.13 -17.43
C GLY C 309 -2.20 -17.10 -17.09
N ALA C 310 -0.93 -16.69 -17.12
CA ALA C 310 0.17 -17.57 -16.78
C ALA C 310 0.15 -17.98 -15.30
N ALA C 311 -0.12 -17.04 -14.40
CA ALA C 311 -0.22 -17.39 -12.97
C ALA C 311 -1.39 -18.36 -12.74
N ALA C 312 -2.52 -18.07 -13.36
CA ALA C 312 -3.72 -18.90 -13.17
C ALA C 312 -3.43 -20.32 -13.65
N LEU C 313 -2.79 -20.42 -14.83
CA LEU C 313 -2.43 -21.77 -15.33
C LEU C 313 -1.44 -22.47 -14.40
N ALA C 314 -0.43 -21.79 -13.87
CA ALA C 314 0.53 -22.40 -12.98
C ALA C 314 -0.18 -22.99 -11.76
N ALA C 315 -1.18 -22.29 -11.25
CA ALA C 315 -1.96 -22.77 -10.10
C ALA C 315 -2.66 -24.08 -10.49
N ASP C 316 -3.24 -24.15 -11.67
CA ASP C 316 -3.89 -25.39 -12.16
C ASP C 316 -2.90 -26.55 -12.26
N TYR C 317 -1.72 -26.29 -12.83
CA TYR C 317 -0.63 -27.25 -12.97
C TYR C 317 -0.10 -27.72 -11.63
N ASN C 318 0.06 -26.81 -10.67
CA ASN C 318 0.56 -27.16 -9.34
C ASN C 318 -0.48 -27.97 -8.55
N GLY C 319 -1.75 -27.71 -8.80
CA GLY C 319 -2.91 -28.29 -8.15
C GLY C 319 -3.40 -27.49 -6.95
N ALA C 320 -3.08 -26.19 -6.86
CA ALA C 320 -3.57 -25.31 -5.81
C ALA C 320 -4.68 -24.35 -6.23
N GLN C 321 -5.32 -24.57 -7.38
CA GLN C 321 -6.25 -23.60 -7.93
C GLN C 321 -7.53 -23.42 -7.12
N LYS C 322 -7.88 -24.39 -6.22
CA LYS C 322 -9.12 -24.25 -5.47
C LYS C 322 -8.90 -23.48 -4.15
N ALA C 323 -7.67 -23.11 -3.78
CA ALA C 323 -7.37 -22.39 -2.55
C ALA C 323 -7.94 -20.99 -2.56
N SER C 324 -8.64 -20.57 -1.48
CA SER C 324 -9.22 -19.26 -1.46
C SER C 324 -8.21 -18.13 -1.68
N HIS C 325 -7.04 -18.25 -1.06
CA HIS C 325 -6.05 -17.16 -1.16
C HIS C 325 -5.50 -17.02 -2.57
N VAL C 326 -5.37 -18.14 -3.30
CA VAL C 326 -4.89 -18.08 -4.68
C VAL C 326 -5.93 -17.40 -5.51
N LYS C 327 -7.20 -17.76 -5.34
CA LYS C 327 -8.29 -17.11 -6.07
C LYS C 327 -8.29 -15.60 -5.82
N ASP C 328 -8.06 -15.21 -4.56
CA ASP C 328 -8.13 -13.80 -4.20
C ASP C 328 -6.96 -13.02 -4.81
N LYS C 329 -5.81 -13.61 -4.91
CA LYS C 329 -4.63 -12.95 -5.51
C LYS C 329 -4.84 -12.77 -7.02
N LEU C 330 -5.49 -13.71 -7.69
CA LEU C 330 -5.78 -13.53 -9.13
C LEU C 330 -6.79 -12.39 -9.33
N ILE C 331 -7.77 -12.25 -8.44
CA ILE C 331 -8.70 -11.12 -8.47
C ILE C 331 -7.93 -9.82 -8.25
N GLU C 332 -7.00 -9.77 -7.31
CA GLU C 332 -6.23 -8.52 -7.12
C GLU C 332 -5.43 -8.15 -8.38
N MET C 333 -4.75 -9.10 -9.00
CA MET C 333 -4.06 -8.87 -10.27
C MET C 333 -5.01 -8.34 -11.32
N THR C 334 -6.20 -8.92 -11.47
CA THR C 334 -7.20 -8.49 -12.43
C THR C 334 -7.65 -7.06 -12.13
N HIS C 335 -7.95 -6.76 -10.87
CA HIS C 335 -8.40 -5.41 -10.46
C HIS C 335 -7.39 -4.32 -10.81
N LEU C 336 -6.14 -4.53 -10.43
CA LEU C 336 -5.07 -3.55 -10.70
C LEU C 336 -4.89 -3.37 -12.22
N ASN C 337 -4.84 -4.45 -12.97
CA ASN C 337 -4.66 -4.37 -14.42
C ASN C 337 -5.79 -3.61 -15.07
N GLU C 338 -7.05 -3.82 -14.68
CA GLU C 338 -8.18 -3.17 -15.31
C GLU C 338 -8.22 -1.68 -14.87
N THR C 339 -7.60 -1.34 -13.76
CA THR C 339 -7.59 0.08 -13.30
C THR C 339 -6.74 0.86 -14.31
N LEU C 340 -5.63 0.26 -14.69
CA LEU C 340 -4.75 0.85 -15.74
C LEU C 340 -5.53 1.10 -17.01
N TYR C 341 -6.24 0.06 -17.50
CA TYR C 341 -7.09 0.18 -18.69
C TYR C 341 -8.07 1.35 -18.56
N CYS C 342 -8.74 1.54 -17.41
CA CYS C 342 -9.70 2.62 -17.23
C CYS C 342 -9.01 3.99 -17.46
N CYS C 343 -7.80 4.12 -16.94
CA CYS C 343 -7.08 5.41 -17.13
C CYS C 343 -6.75 5.61 -18.61
N GLY C 344 -6.33 4.59 -19.33
CA GLY C 344 -6.06 4.67 -20.78
C GLY C 344 -7.28 5.04 -21.57
N ILE C 345 -8.41 4.36 -21.33
CA ILE C 345 -9.68 4.68 -21.99
C ILE C 345 -10.22 6.06 -21.62
N ALA C 346 -10.09 6.47 -20.34
CA ALA C 346 -10.68 7.76 -19.97
C ALA C 346 -9.90 8.96 -20.57
N CYS C 347 -8.59 8.86 -20.60
CA CYS C 347 -7.86 10.05 -21.14
C CYS C 347 -8.16 10.13 -22.64
N SER C 348 -8.56 9.05 -23.30
CA SER C 348 -9.00 8.99 -24.69
C SER C 348 -10.37 9.58 -24.91
N ALA C 349 -11.38 9.18 -24.14
CA ALA C 349 -12.73 9.67 -24.22
C ALA C 349 -12.87 11.17 -23.92
N GLU C 350 -11.97 11.71 -23.11
CA GLU C 350 -12.00 13.12 -22.74
C GLU C 350 -11.08 13.94 -23.64
N GLY C 351 -10.67 13.35 -24.76
CA GLY C 351 -9.76 14.02 -25.72
C GLY C 351 -10.45 15.14 -26.52
N TYR C 352 -9.68 15.84 -27.36
CA TYR C 352 -10.13 17.05 -28.05
C TYR C 352 -9.24 17.38 -29.25
N PRO C 353 -9.72 18.18 -30.18
CA PRO C 353 -8.87 18.53 -31.35
C PRO C 353 -7.85 19.61 -31.02
N THR C 354 -6.67 19.53 -31.62
CA THR C 354 -5.67 20.59 -31.55
C THR C 354 -6.01 21.65 -32.61
N ALA C 355 -5.29 22.77 -32.63
CA ALA C 355 -5.42 23.75 -33.71
C ALA C 355 -5.22 23.13 -35.09
N ALA C 356 -4.28 22.21 -35.23
CA ALA C 356 -4.03 21.48 -36.49
C ALA C 356 -5.15 20.52 -36.87
N GLY C 357 -6.03 20.12 -35.93
CA GLY C 357 -7.22 19.37 -36.27
C GLY C 357 -7.17 17.89 -35.88
N ASN C 358 -6.01 17.34 -35.60
CA ASN C 358 -5.95 15.94 -35.11
C ASN C 358 -6.28 15.94 -33.62
N TYR C 359 -6.69 14.77 -33.09
CA TYR C 359 -7.10 14.71 -31.69
C TYR C 359 -5.98 14.31 -30.75
N GLN C 360 -6.04 14.89 -29.55
CA GLN C 360 -5.11 14.68 -28.45
C GLN C 360 -5.83 14.27 -27.13
N ILE C 361 -5.12 13.52 -26.29
CA ILE C 361 -5.72 13.06 -25.04
C ILE C 361 -5.82 14.17 -23.99
N ASP C 362 -6.65 13.92 -22.96
CA ASP C 362 -6.63 14.77 -21.75
C ASP C 362 -5.31 14.56 -21.05
N LEU C 363 -4.44 15.59 -20.89
CA LEU C 363 -3.09 15.37 -20.42
C LEU C 363 -3.04 15.00 -18.91
N LEU C 364 -3.96 15.52 -18.12
CA LEU C 364 -3.98 15.20 -16.68
C LEU C 364 -4.27 13.70 -16.52
N LEU C 365 -5.30 13.26 -17.25
CA LEU C 365 -5.70 11.84 -17.08
C LEU C 365 -4.63 10.95 -17.66
N ALA C 366 -3.91 11.31 -18.74
CA ALA C 366 -2.79 10.50 -19.19
C ALA C 366 -1.66 10.43 -18.16
N ASN C 367 -1.43 11.55 -17.43
CA ASN C 367 -0.42 11.56 -16.38
C ASN C 367 -0.84 10.63 -15.23
N VAL C 368 -2.13 10.60 -14.94
CA VAL C 368 -2.62 9.68 -13.89
C VAL C 368 -2.47 8.23 -14.33
N CYS C 369 -2.78 7.88 -15.58
CA CYS C 369 -2.51 6.55 -16.14
C CYS C 369 -1.06 6.18 -15.95
N LYS C 370 -0.08 6.99 -16.44
CA LYS C 370 1.32 6.65 -16.25
C LYS C 370 1.75 6.53 -14.79
N GLN C 371 1.21 7.38 -13.89
CA GLN C 371 1.67 7.27 -12.49
C GLN C 371 1.26 5.87 -11.96
N ASN C 372 0.05 5.42 -12.32
CA ASN C 372 -0.33 4.06 -11.84
C ASN C 372 0.49 2.96 -12.51
N ILE C 373 0.92 3.14 -13.77
CA ILE C 373 1.84 2.22 -14.48
C ILE C 373 3.16 2.07 -13.74
N THR C 374 3.62 3.08 -12.97
CA THR C 374 4.91 2.96 -12.29
C THR C 374 4.79 2.06 -11.04
N ARG C 375 3.55 1.77 -10.67
CA ARG C 375 3.26 1.00 -9.43
C ARG C 375 2.67 -0.40 -9.71
N PHE C 376 1.62 -0.50 -10.47
CA PHE C 376 0.78 -1.74 -10.49
C PHE C 376 1.48 -2.87 -11.21
N PRO C 377 2.19 -2.76 -12.33
CA PRO C 377 2.93 -3.92 -12.88
C PRO C 377 3.85 -4.60 -11.90
N TYR C 378 4.57 -3.84 -11.02
CA TYR C 378 5.46 -4.40 -10.02
C TYR C 378 4.65 -5.27 -9.02
N GLU C 379 3.44 -4.85 -8.67
CA GLU C 379 2.65 -5.63 -7.71
C GLU C 379 2.04 -6.86 -8.41
N ILE C 380 1.63 -6.76 -9.67
CA ILE C 380 1.13 -7.92 -10.44
C ILE C 380 2.20 -8.99 -10.53
N VAL C 381 3.47 -8.63 -10.79
CA VAL C 381 4.58 -9.59 -10.81
C VAL C 381 4.80 -10.22 -9.46
N ARG C 382 4.73 -9.45 -8.37
CA ARG C 382 4.98 -10.02 -7.05
C ARG C 382 3.93 -11.11 -6.72
N LEU C 383 2.67 -10.84 -7.03
CA LEU C 383 1.60 -11.82 -6.75
C LEU C 383 1.76 -13.03 -7.66
N ALA C 384 2.13 -12.83 -8.93
CA ALA C 384 2.47 -13.97 -9.80
C ALA C 384 3.60 -14.82 -9.23
N GLU C 385 4.66 -14.27 -8.66
CA GLU C 385 5.74 -15.06 -8.08
C GLU C 385 5.23 -15.91 -6.89
N ASP C 386 4.38 -15.34 -6.06
CA ASP C 386 3.71 -16.06 -4.95
C ASP C 386 3.01 -17.32 -5.51
N ILE C 387 2.11 -17.13 -6.46
CA ILE C 387 1.31 -18.25 -7.02
C ILE C 387 2.17 -19.30 -7.69
N ALA C 388 3.28 -18.94 -8.35
CA ALA C 388 4.06 -19.92 -9.11
C ALA C 388 4.83 -20.90 -8.24
N GLY C 389 5.40 -20.42 -7.14
CA GLY C 389 6.28 -21.22 -6.32
C GLY C 389 7.75 -21.04 -6.63
N GLY C 390 8.62 -21.63 -5.83
CA GLY C 390 10.05 -21.46 -5.89
C GLY C 390 10.69 -22.03 -7.13
N LEU C 391 10.06 -23.03 -7.76
CA LEU C 391 10.72 -23.66 -8.93
C LEU C 391 10.93 -22.68 -10.11
N MET C 392 10.12 -21.61 -10.18
CA MET C 392 10.33 -20.69 -11.33
C MET C 392 11.75 -20.13 -11.32
N VAL C 393 12.45 -20.06 -10.18
CA VAL C 393 13.83 -19.57 -10.18
C VAL C 393 14.88 -20.57 -9.77
N THR C 394 14.60 -21.85 -9.57
CA THR C 394 15.62 -22.86 -9.24
C THR C 394 15.59 -24.06 -10.20
N MET C 395 14.81 -23.98 -11.27
CA MET C 395 14.67 -25.13 -12.20
C MET C 395 15.95 -25.47 -12.94
N PRO C 396 16.32 -26.75 -13.11
CA PRO C 396 17.41 -27.14 -14.00
C PRO C 396 17.18 -26.73 -15.46
N SER C 397 18.31 -26.63 -16.20
CA SER C 397 18.29 -26.26 -17.61
C SER C 397 17.53 -27.23 -18.49
N GLU C 398 17.07 -26.73 -19.65
CA GLU C 398 16.37 -27.62 -20.57
C GLU C 398 17.37 -28.68 -21.06
N ALA C 399 18.67 -28.41 -21.10
CA ALA C 399 19.65 -29.41 -21.51
C ALA C 399 19.66 -30.58 -20.54
N ASP C 400 19.45 -30.27 -19.26
CA ASP C 400 19.35 -31.37 -18.29
C ASP C 400 18.05 -32.13 -18.48
N PHE C 401 16.91 -31.49 -18.76
CA PHE C 401 15.65 -32.20 -18.88
C PHE C 401 15.69 -33.13 -20.10
N LYS C 402 16.54 -32.88 -21.10
CA LYS C 402 16.55 -33.81 -22.25
C LYS C 402 17.77 -34.71 -22.26
N SER C 403 18.64 -34.62 -21.27
CA SER C 403 19.91 -35.32 -21.21
C SER C 403 19.75 -36.82 -21.03
N GLU C 404 20.44 -37.58 -21.88
CA GLU C 404 20.52 -39.03 -21.73
C GLU C 404 21.72 -39.51 -20.94
N THR C 405 22.46 -38.66 -20.23
CA THR C 405 23.54 -39.08 -19.38
C THR C 405 23.06 -39.94 -18.21
N VAL C 406 23.64 -41.13 -18.04
CA VAL C 406 23.20 -42.08 -17.01
C VAL C 406 23.74 -41.74 -15.63
N VAL C 407 22.85 -41.55 -14.63
CA VAL C 407 23.26 -41.24 -13.28
C VAL C 407 22.61 -42.11 -12.19
N GLY C 408 21.54 -42.84 -12.48
CA GLY C 408 20.84 -43.69 -11.51
C GLY C 408 21.42 -45.09 -11.39
N ARG C 409 21.30 -45.74 -10.22
CA ARG C 409 21.79 -47.09 -9.97
C ARG C 409 21.22 -48.10 -10.95
N ASP C 410 19.98 -47.88 -11.40
CA ASP C 410 19.36 -48.75 -12.39
C ASP C 410 19.28 -48.12 -13.78
N GLY C 411 20.27 -47.33 -14.20
CA GLY C 411 20.25 -46.79 -15.56
C GLY C 411 19.42 -45.55 -15.75
N GLU C 412 18.88 -44.89 -14.71
CA GLU C 412 18.05 -43.71 -15.00
C GLU C 412 18.94 -42.54 -15.44
N THR C 413 18.36 -41.69 -16.29
CA THR C 413 19.13 -40.56 -16.81
C THR C 413 18.81 -39.27 -16.03
N ILE C 414 19.67 -38.27 -16.17
CA ILE C 414 19.39 -36.92 -15.66
C ILE C 414 18.00 -36.50 -16.11
N GLY C 415 17.68 -36.62 -17.41
CA GLY C 415 16.40 -36.23 -17.95
C GLY C 415 15.26 -37.04 -17.33
N ASP C 416 15.51 -38.33 -17.07
CA ASP C 416 14.50 -39.17 -16.42
C ASP C 416 14.16 -38.61 -15.04
N PHE C 417 15.20 -38.35 -14.26
CA PHE C 417 14.97 -37.80 -12.90
C PHE C 417 14.31 -36.40 -12.95
N CYS C 418 14.61 -35.56 -13.93
CA CYS C 418 14.01 -34.21 -13.93
C CYS C 418 12.54 -34.30 -14.28
N ASN C 419 12.20 -35.10 -15.30
CA ASN C 419 10.81 -35.30 -15.65
C ASN C 419 10.02 -36.00 -14.53
N LYS C 420 10.66 -36.82 -13.72
CA LYS C 420 9.95 -37.51 -12.63
C LYS C 420 9.68 -36.55 -11.47
N PHE C 421 10.73 -35.91 -10.98
CA PHE C 421 10.64 -35.18 -9.72
C PHE C 421 9.85 -33.88 -9.85
N PHE C 422 9.73 -33.29 -11.03
CA PHE C 422 8.98 -32.02 -11.17
C PHE C 422 7.62 -32.19 -11.78
N ALA C 423 7.08 -33.42 -11.80
CA ALA C 423 5.68 -33.68 -12.08
C ALA C 423 4.76 -33.08 -11.01
N ALA C 424 3.52 -32.85 -11.36
CA ALA C 424 2.50 -32.32 -10.47
C ALA C 424 1.12 -32.82 -10.88
N ALA C 425 0.13 -31.98 -11.17
CA ALA C 425 -1.23 -32.42 -11.47
C ALA C 425 -1.35 -33.14 -12.82
N PRO C 426 -2.30 -34.05 -13.05
CA PRO C 426 -2.42 -34.69 -14.37
C PRO C 426 -2.80 -33.74 -15.52
N THR C 427 -3.29 -32.57 -15.19
CA THR C 427 -3.61 -31.50 -16.15
C THR C 427 -2.44 -31.15 -17.06
N CYS C 428 -1.19 -31.35 -16.64
CA CYS C 428 -0.01 -30.99 -17.43
C CYS C 428 0.98 -32.12 -17.55
N THR C 429 1.80 -32.14 -18.61
CA THR C 429 3.01 -32.92 -18.58
C THR C 429 4.08 -32.15 -17.80
N THR C 430 5.18 -32.79 -17.43
CA THR C 430 6.21 -32.01 -16.72
C THR C 430 6.71 -30.86 -17.61
N GLU C 431 6.92 -31.14 -18.89
CA GLU C 431 7.40 -30.12 -19.83
C GLU C 431 6.46 -28.91 -19.88
N GLU C 432 5.15 -29.12 -19.92
CA GLU C 432 4.18 -28.05 -19.98
C GLU C 432 4.30 -27.16 -18.74
N ARG C 433 4.41 -27.80 -17.61
CA ARG C 433 4.61 -27.04 -16.35
C ARG C 433 5.89 -26.21 -16.42
N MET C 434 6.98 -26.78 -16.88
CA MET C 434 8.25 -26.05 -16.96
C MET C 434 8.09 -24.86 -17.93
N ARG C 435 7.37 -25.03 -19.04
CA ARG C 435 7.18 -23.95 -20.01
C ARG C 435 6.51 -22.73 -19.37
N VAL C 436 5.44 -22.88 -18.57
CA VAL C 436 4.74 -21.73 -18.02
C VAL C 436 5.59 -21.14 -16.90
N LEU C 437 6.33 -21.93 -16.13
CA LEU C 437 7.19 -21.37 -15.08
C LEU C 437 8.34 -20.55 -15.71
N ARG C 438 8.88 -21.00 -16.83
CA ARG C 438 9.94 -20.22 -17.52
C ARG C 438 9.34 -18.94 -18.11
N PHE C 439 8.11 -18.90 -18.56
CA PHE C 439 7.48 -17.67 -19.05
C PHE C 439 7.49 -16.70 -17.87
N LEU C 440 7.09 -17.17 -16.69
CA LEU C 440 7.06 -16.26 -15.53
C LEU C 440 8.44 -15.82 -15.08
N GLU C 441 9.44 -16.71 -15.02
CA GLU C 441 10.81 -16.31 -14.76
C GLU C 441 11.20 -15.16 -15.70
N ASN C 442 10.87 -15.27 -17.00
CA ASN C 442 11.39 -14.31 -17.98
C ASN C 442 10.73 -12.94 -17.81
N ILE C 443 9.46 -12.92 -17.41
CA ILE C 443 8.82 -11.61 -17.24
C ILE C 443 8.96 -11.10 -15.82
N CYS C 444 9.26 -11.91 -14.82
CA CYS C 444 9.38 -11.40 -13.44
C CYS C 444 10.80 -10.96 -13.10
N LEU C 445 11.80 -11.64 -13.63
CA LEU C 445 13.21 -11.34 -13.50
C LEU C 445 14.00 -11.24 -14.81
N GLY C 446 13.59 -11.81 -15.91
CA GLY C 446 14.43 -12.01 -17.08
C GLY C 446 14.26 -10.91 -18.11
N ALA C 447 14.35 -11.30 -19.37
CA ALA C 447 14.44 -10.36 -20.48
C ALA C 447 13.19 -9.51 -20.58
N SER C 448 12.01 -10.03 -20.29
CA SER C 448 10.79 -9.28 -20.41
C SER C 448 10.52 -8.41 -19.16
N ALA C 449 11.27 -8.68 -18.10
CA ALA C 449 11.13 -7.86 -16.90
C ALA C 449 11.64 -6.43 -17.16
N VAL C 450 12.58 -6.33 -18.09
CA VAL C 450 13.15 -5.03 -18.48
C VAL C 450 12.03 -4.11 -18.94
N GLY C 451 11.14 -4.61 -19.81
CA GLY C 451 10.02 -3.80 -20.28
C GLY C 451 8.84 -3.74 -19.31
N TYR C 452 8.35 -4.89 -18.80
CA TYR C 452 7.14 -4.87 -17.97
C TYR C 452 7.35 -4.17 -16.63
N ARG C 453 8.54 -4.26 -16.06
CA ARG C 453 8.87 -3.59 -14.79
C ARG C 453 9.62 -2.28 -15.06
N THR C 454 10.87 -2.32 -15.47
CA THR C 454 11.65 -1.06 -15.46
C THR C 454 11.18 -0.07 -16.52
N GLU C 455 10.76 -0.46 -17.73
CA GLU C 455 10.25 0.57 -18.65
C GLU C 455 8.94 1.15 -18.16
N SER C 456 8.13 0.37 -17.41
CA SER C 456 6.94 0.93 -16.79
C SER C 456 7.32 2.05 -15.82
N MET C 457 8.40 1.88 -15.08
CA MET C 457 8.91 2.91 -14.17
C MET C 457 9.37 4.17 -14.93
N HIS C 458 10.17 4.01 -15.97
CA HIS C 458 10.86 5.18 -16.57
C HIS C 458 10.37 5.58 -17.95
N GLY C 459 9.68 4.70 -18.67
CA GLY C 459 9.18 5.06 -20.00
C GLY C 459 8.28 6.30 -19.99
N ALA C 460 8.55 7.22 -20.92
CA ALA C 460 7.88 8.51 -21.06
C ALA C 460 8.09 9.35 -19.79
N GLY C 461 9.16 9.12 -19.04
CA GLY C 461 9.48 9.97 -17.89
C GLY C 461 9.37 9.20 -16.57
N SER C 462 10.31 9.45 -15.67
CA SER C 462 10.30 8.93 -14.31
C SER C 462 9.10 9.44 -13.55
N PRO C 463 8.68 8.80 -12.45
CA PRO C 463 7.45 9.23 -11.78
C PRO C 463 7.42 10.70 -11.34
N GLN C 464 8.52 11.27 -10.90
CA GLN C 464 8.50 12.68 -10.47
C GLN C 464 8.11 13.59 -11.62
N ALA C 465 8.50 13.19 -12.84
CA ALA C 465 8.10 14.05 -13.97
C ALA C 465 6.62 14.22 -14.09
N GLN C 466 5.80 13.17 -13.86
CA GLN C 466 4.35 13.34 -13.94
C GLN C 466 3.79 14.08 -12.72
N ARG C 467 4.40 13.89 -11.55
CA ARG C 467 3.94 14.54 -10.33
C ARG C 467 4.02 16.08 -10.47
N ILE C 468 5.09 16.57 -11.02
CA ILE C 468 5.23 18.01 -11.34
C ILE C 468 4.07 18.53 -12.19
N MET C 469 3.68 17.78 -13.22
CA MET C 469 2.62 18.26 -14.11
C MET C 469 1.25 18.08 -13.49
N ILE C 470 1.07 17.00 -12.70
CA ILE C 470 -0.20 16.83 -12.00
C ILE C 470 -0.47 18.01 -11.04
N ALA C 471 0.56 18.52 -10.41
CA ALA C 471 0.37 19.71 -9.58
C ALA C 471 -0.09 20.88 -10.42
N ARG C 472 0.57 21.08 -11.57
CA ARG C 472 0.15 22.25 -12.38
C ARG C 472 -1.23 22.12 -12.96
N GLN C 473 -1.61 20.90 -13.36
CA GLN C 473 -2.88 20.67 -14.01
C GLN C 473 -4.05 20.43 -13.04
N GLY C 474 -3.77 20.38 -11.74
CA GLY C 474 -4.72 20.00 -10.74
C GLY C 474 -5.70 21.04 -10.30
N ASN C 475 -5.64 22.27 -10.80
CA ASN C 475 -6.64 23.28 -10.43
C ASN C 475 -6.74 23.48 -8.93
N ILE C 476 -5.61 23.43 -8.24
CA ILE C 476 -5.74 23.45 -6.77
C ILE C 476 -6.32 24.72 -6.22
N ASN C 477 -6.07 25.89 -6.81
CA ASN C 477 -6.59 27.14 -6.24
C ASN C 477 -8.08 27.22 -6.42
N ALA C 478 -8.62 26.75 -7.55
CA ALA C 478 -10.06 26.67 -7.69
C ALA C 478 -10.69 25.76 -6.61
N LYS C 479 -10.00 24.67 -6.27
CA LYS C 479 -10.49 23.78 -5.21
C LYS C 479 -10.43 24.49 -3.86
N LYS C 480 -9.45 25.34 -3.60
CA LYS C 480 -9.51 26.09 -2.32
C LYS C 480 -10.81 26.89 -2.22
N GLU C 481 -11.26 27.50 -3.32
CA GLU C 481 -12.50 28.30 -3.26
C GLU C 481 -13.72 27.43 -3.02
N LEU C 482 -13.74 26.18 -3.50
CA LEU C 482 -14.86 25.30 -3.17
C LEU C 482 -14.93 25.06 -1.65
N ALA C 483 -13.78 24.83 -1.04
CA ALA C 483 -13.74 24.63 0.42
C ALA C 483 -14.21 25.87 1.17
N LYS C 484 -13.75 27.06 0.74
CA LYS C 484 -14.24 28.29 1.40
C LYS C 484 -15.75 28.39 1.42
N ALA C 485 -16.38 28.09 0.28
CA ALA C 485 -17.82 28.25 0.19
C ALA C 485 -18.52 27.31 1.15
N ILE C 486 -18.04 26.06 1.23
CA ILE C 486 -18.69 25.14 2.14
C ILE C 486 -18.46 25.53 3.61
N ALA C 487 -17.27 25.98 3.93
CA ALA C 487 -16.87 26.25 5.31
C ALA C 487 -17.37 27.61 5.79
N GLY C 488 -18.00 28.39 4.91
CA GLY C 488 -18.51 29.67 5.44
C GLY C 488 -17.47 30.78 5.42
N ILE C 489 -16.43 30.67 4.62
CA ILE C 489 -15.37 31.66 4.52
C ILE C 489 -15.58 32.56 3.30
N LYS C 490 -15.38 33.86 3.51
CA LYS C 490 -15.48 34.76 2.36
C LYS C 490 -14.39 34.46 1.34
N MET D 1 38.87 -26.66 16.33
CA MET D 1 39.60 -25.67 15.53
C MET D 1 38.66 -24.89 14.62
N LEU D 2 39.15 -23.80 14.05
CA LEU D 2 38.52 -22.98 13.02
C LEU D 2 39.35 -22.97 11.74
N MET D 3 38.74 -23.18 10.60
CA MET D 3 39.40 -23.13 9.31
C MET D 3 39.49 -21.69 8.80
N THR D 4 40.55 -21.41 8.04
CA THR D 4 40.63 -20.17 7.29
C THR D 4 39.80 -20.31 6.01
N ALA D 5 39.49 -19.17 5.40
CA ALA D 5 38.70 -19.27 4.15
C ALA D 5 39.44 -20.12 3.14
N GLU D 6 40.76 -20.00 3.13
CA GLU D 6 41.52 -20.80 2.18
C GLU D 6 41.47 -22.29 2.53
N GLN D 7 41.52 -22.65 3.81
CA GLN D 7 41.43 -24.06 4.21
C GLN D 7 40.07 -24.67 3.87
N TYR D 8 39.00 -23.91 4.06
CA TYR D 8 37.65 -24.36 3.67
C TYR D 8 37.64 -24.74 2.20
N ILE D 9 38.11 -23.81 1.36
CA ILE D 9 38.07 -24.08 -0.09
C ILE D 9 38.87 -25.33 -0.46
N GLU D 10 40.06 -25.46 0.11
CA GLU D 10 40.87 -26.65 -0.10
C GLU D 10 40.15 -27.92 0.36
N SER D 11 39.43 -27.93 1.48
CA SER D 11 38.75 -29.14 1.96
C SER D 11 37.71 -29.63 0.97
N LEU D 12 37.09 -28.72 0.23
CA LEU D 12 36.09 -29.08 -0.78
C LEU D 12 36.69 -29.90 -1.92
N ARG D 13 37.95 -29.61 -2.26
CA ARG D 13 38.62 -30.28 -3.36
C ARG D 13 38.84 -31.77 -3.07
N LYS D 14 38.71 -32.15 -1.81
CA LYS D 14 38.89 -33.54 -1.44
C LYS D 14 37.59 -34.35 -1.43
N LEU D 15 36.43 -33.70 -1.51
CA LEU D 15 35.15 -34.37 -1.57
C LEU D 15 34.86 -34.99 -2.93
N ASN D 16 34.18 -36.14 -2.86
CA ASN D 16 33.81 -36.78 -4.13
C ASN D 16 32.39 -36.44 -4.56
N THR D 17 31.88 -35.27 -4.15
CA THR D 17 30.53 -34.84 -4.57
C THR D 17 30.26 -34.98 -6.04
N ARG D 18 29.08 -35.42 -6.44
CA ARG D 18 28.60 -35.65 -7.77
C ARG D 18 27.67 -34.51 -8.20
N VAL D 19 28.14 -33.64 -9.10
CA VAL D 19 27.46 -32.42 -9.52
C VAL D 19 27.23 -32.39 -11.02
N TYR D 20 26.03 -32.17 -11.52
CA TYR D 20 25.73 -32.19 -12.95
C TYR D 20 25.12 -30.86 -13.40
N MET D 21 25.48 -30.41 -14.59
CA MET D 21 24.92 -29.16 -15.15
C MET D 21 24.89 -29.20 -16.67
N PHE D 22 23.81 -28.82 -17.33
CA PHE D 22 23.64 -28.86 -18.77
C PHE D 22 23.97 -30.24 -19.32
N GLY D 23 23.64 -31.30 -18.57
CA GLY D 23 23.78 -32.66 -19.08
C GLY D 23 25.12 -33.31 -18.79
N GLU D 24 26.05 -32.58 -18.16
CA GLU D 24 27.42 -33.02 -17.94
C GLU D 24 27.83 -33.04 -16.48
N LYS D 25 28.69 -34.01 -16.14
CA LYS D 25 29.26 -34.00 -14.79
C LYS D 25 30.35 -32.95 -14.70
N ILE D 26 30.38 -32.19 -13.63
CA ILE D 26 31.45 -31.23 -13.38
C ILE D 26 32.48 -31.74 -12.38
N GLU D 27 33.67 -32.09 -12.89
CA GLU D 27 34.74 -32.60 -12.05
C GLU D 27 35.38 -31.52 -11.21
N ASN D 28 35.77 -30.40 -11.84
CA ASN D 28 36.36 -29.36 -10.98
C ASN D 28 35.30 -28.30 -10.72
N TRP D 29 34.29 -28.66 -9.92
CA TRP D 29 33.23 -27.68 -9.63
C TRP D 29 33.75 -26.60 -8.71
N VAL D 30 34.82 -26.88 -7.96
CA VAL D 30 35.29 -25.85 -7.04
C VAL D 30 35.77 -24.57 -7.73
N ASP D 31 36.26 -24.68 -8.96
CA ASP D 31 36.74 -23.55 -9.77
C ASP D 31 35.77 -23.18 -10.88
N HIS D 32 34.63 -23.84 -11.03
CA HIS D 32 33.71 -23.49 -12.13
C HIS D 32 33.10 -22.10 -11.95
N PRO D 33 33.11 -21.25 -12.97
CA PRO D 33 32.62 -19.87 -12.82
C PRO D 33 31.22 -19.69 -12.28
N MET D 34 30.33 -20.64 -12.60
CA MET D 34 28.92 -20.52 -12.23
C MET D 34 28.71 -20.99 -10.79
N ILE D 35 29.72 -21.60 -10.18
CA ILE D 35 29.57 -22.15 -8.82
C ILE D 35 30.47 -21.50 -7.78
N ARG D 36 31.69 -21.09 -8.15
CA ARG D 36 32.63 -20.44 -7.24
C ARG D 36 32.11 -19.22 -6.52
N PRO D 37 31.26 -18.33 -7.06
CA PRO D 37 30.74 -17.23 -6.23
C PRO D 37 30.00 -17.73 -5.00
N SER D 38 29.17 -18.74 -5.07
CA SER D 38 28.59 -19.42 -3.92
C SER D 38 29.61 -19.85 -2.87
N ILE D 39 30.71 -20.47 -3.30
CA ILE D 39 31.79 -20.88 -2.41
C ILE D 39 32.46 -19.69 -1.75
N ASN D 40 32.76 -18.63 -2.52
CA ASN D 40 33.34 -17.41 -1.91
C ASN D 40 32.44 -16.79 -0.84
N CYS D 41 31.13 -16.81 -1.10
CA CYS D 41 30.15 -16.27 -0.17
C CYS D 41 30.16 -17.02 1.16
N VAL D 42 30.03 -18.35 1.18
CA VAL D 42 30.15 -19.07 2.45
C VAL D 42 31.54 -18.95 3.07
N ARG D 43 32.55 -18.86 2.21
CA ARG D 43 33.92 -18.68 2.70
C ARG D 43 34.00 -17.42 3.56
N MET D 44 33.13 -16.42 3.37
CA MET D 44 33.25 -15.23 4.23
C MET D 44 32.91 -15.52 5.69
N THR D 45 32.12 -16.56 5.95
CA THR D 45 31.76 -16.91 7.34
C THR D 45 33.02 -17.43 8.03
N TYR D 46 33.98 -17.95 7.27
CA TYR D 46 35.23 -18.38 7.89
C TYR D 46 36.18 -17.20 8.04
N GLU D 47 36.26 -16.38 6.99
CA GLU D 47 37.18 -15.24 6.97
C GLU D 47 36.92 -14.28 8.11
N LEU D 48 35.66 -13.87 8.25
CA LEU D 48 35.30 -12.95 9.34
C LEU D 48 35.64 -13.54 10.70
N ALA D 49 35.50 -14.86 10.87
CA ALA D 49 35.83 -15.49 12.15
C ALA D 49 37.32 -15.40 12.50
N GLN D 50 38.20 -15.26 11.54
CA GLN D 50 39.65 -15.09 11.73
C GLN D 50 40.05 -13.65 12.01
N ASP D 51 39.09 -12.73 11.87
CA ASP D 51 39.36 -11.31 12.02
C ASP D 51 39.09 -10.86 13.45
N PRO D 52 40.14 -10.40 14.14
CA PRO D 52 40.00 -9.86 15.49
C PRO D 52 38.92 -8.79 15.61
N GLN D 53 38.70 -8.00 14.57
CA GLN D 53 37.68 -6.95 14.65
C GLN D 53 36.26 -7.50 14.74
N TYR D 54 36.09 -8.72 14.26
CA TYR D 54 34.80 -9.38 14.18
C TYR D 54 34.72 -10.67 15.00
N ALA D 55 35.88 -11.17 15.44
CA ALA D 55 35.91 -12.49 16.09
C ALA D 55 34.95 -12.59 17.28
N ASP D 56 34.76 -11.57 18.11
CA ASP D 56 33.86 -11.79 19.24
C ASP D 56 32.43 -12.11 18.82
N LEU D 57 31.90 -11.50 17.75
CA LEU D 57 30.56 -11.76 17.26
C LEU D 57 30.46 -13.06 16.44
N MET D 58 31.53 -13.42 15.78
CA MET D 58 31.62 -14.53 14.84
C MET D 58 31.93 -15.89 15.49
N THR D 59 32.36 -15.88 16.76
CA THR D 59 32.80 -17.12 17.43
C THR D 59 32.27 -17.10 18.86
N THR D 60 32.27 -18.25 19.54
CA THR D 60 31.72 -18.36 20.89
C THR D 60 32.20 -19.65 21.54
N LYS D 61 32.07 -19.76 22.86
CA LYS D 61 32.57 -20.98 23.50
C LYS D 61 31.47 -22.02 23.54
N SER D 62 31.73 -23.19 22.96
CA SER D 62 30.76 -24.27 23.01
C SER D 62 30.60 -24.87 24.40
N ASN D 63 29.42 -24.96 24.97
CA ASN D 63 29.17 -25.67 26.20
C ASN D 63 29.12 -27.18 25.99
N LEU D 64 29.09 -27.62 24.75
CA LEU D 64 29.08 -29.03 24.37
C LEU D 64 30.48 -29.61 24.29
N ILE D 65 31.46 -28.89 23.75
CA ILE D 65 32.81 -29.44 23.62
C ILE D 65 33.87 -28.63 24.40
N GLY D 66 33.49 -27.55 25.05
CA GLY D 66 34.35 -26.69 25.84
C GLY D 66 35.44 -25.98 25.06
N LYS D 67 35.22 -25.76 23.77
CA LYS D 67 36.23 -25.10 22.95
C LYS D 67 35.61 -23.94 22.17
N THR D 68 36.45 -23.08 21.61
CA THR D 68 35.91 -21.99 20.79
C THR D 68 35.44 -22.47 19.43
N ILE D 69 34.21 -22.11 19.02
CA ILE D 69 33.60 -22.54 17.78
C ILE D 69 33.08 -21.35 16.96
N ASN D 70 32.83 -21.55 15.66
CA ASN D 70 32.06 -20.57 14.88
C ASN D 70 30.66 -20.45 15.47
N ARG D 71 30.12 -19.24 15.70
CA ARG D 71 28.78 -19.11 16.23
C ARG D 71 27.71 -19.78 15.35
N PHE D 72 27.95 -19.97 14.06
CA PHE D 72 27.01 -20.70 13.20
C PHE D 72 26.85 -22.18 13.55
N ALA D 73 27.59 -22.69 14.54
CA ALA D 73 27.39 -24.07 14.98
C ALA D 73 26.92 -24.10 16.43
N ASN D 74 26.57 -22.98 17.03
CA ASN D 74 26.21 -22.96 18.45
C ASN D 74 24.76 -23.21 18.78
N LEU D 75 24.50 -23.92 19.91
CA LEU D 75 23.18 -24.03 20.51
C LEU D 75 22.88 -22.81 21.39
N HIS D 76 21.78 -22.09 21.15
CA HIS D 76 21.49 -20.85 21.87
C HIS D 76 21.25 -21.08 23.37
N GLN D 77 21.94 -20.31 24.21
CA GLN D 77 21.77 -20.47 25.66
C GLN D 77 21.02 -19.34 26.32
N SER D 78 20.52 -18.37 25.56
CA SER D 78 19.87 -17.20 26.12
C SER D 78 19.21 -16.35 25.04
N THR D 79 18.37 -15.39 25.44
CA THR D 79 17.87 -14.44 24.43
C THR D 79 19.00 -13.52 23.94
N ASP D 80 20.03 -13.26 24.74
CA ASP D 80 21.17 -12.50 24.23
C ASP D 80 21.81 -13.27 23.07
N ASP D 81 21.94 -14.60 23.14
CA ASP D 81 22.45 -15.39 22.01
C ASP D 81 21.58 -15.22 20.75
N LEU D 82 20.26 -15.25 20.91
CA LEU D 82 19.30 -15.07 19.82
C LEU D 82 19.49 -13.70 19.14
N ARG D 83 19.63 -12.62 19.91
CA ARG D 83 19.91 -11.29 19.32
C ARG D 83 21.25 -11.27 18.61
N LYS D 84 22.30 -11.89 19.14
CA LYS D 84 23.60 -11.89 18.48
C LYS D 84 23.61 -12.65 17.16
N LYS D 85 22.78 -13.69 17.03
CA LYS D 85 22.61 -14.41 15.78
C LYS D 85 22.12 -13.45 14.67
N VAL D 86 21.10 -12.67 15.02
CA VAL D 86 20.51 -11.70 14.08
C VAL D 86 21.56 -10.68 13.67
N LYS D 87 22.31 -10.14 14.62
CA LYS D 87 23.33 -9.13 14.33
C LYS D 87 24.46 -9.71 13.50
N MET D 88 24.88 -10.95 13.76
CA MET D 88 25.91 -11.59 12.90
C MET D 88 25.41 -11.74 11.46
N GLN D 89 24.12 -12.04 11.29
CA GLN D 89 23.57 -12.21 9.92
C GLN D 89 23.46 -10.86 9.22
N ARG D 90 23.15 -9.76 9.93
CA ARG D 90 23.15 -8.42 9.32
C ARG D 90 24.57 -8.08 8.86
N LEU D 91 25.60 -8.36 9.67
CA LEU D 91 26.98 -8.14 9.27
C LEU D 91 27.33 -8.90 7.99
N LEU D 92 27.04 -10.21 7.93
CA LEU D 92 27.36 -10.98 6.72
C LEU D 92 26.56 -10.48 5.51
N GLY D 93 25.33 -10.00 5.66
CA GLY D 93 24.55 -9.44 4.55
C GLY D 93 25.20 -8.16 4.04
N GLN D 94 25.75 -7.37 4.97
CA GLN D 94 26.49 -6.15 4.55
C GLN D 94 27.77 -6.47 3.78
N LYS D 95 28.46 -7.54 4.18
CA LYS D 95 29.71 -7.93 3.57
C LYS D 95 29.58 -8.69 2.25
N THR D 96 28.43 -9.29 1.94
CA THR D 96 28.33 -10.04 0.71
C THR D 96 27.20 -9.62 -0.24
N ALA D 97 26.18 -8.93 0.25
CA ALA D 97 24.94 -8.62 -0.44
C ALA D 97 24.29 -9.85 -1.09
N SER D 98 24.49 -11.04 -0.47
CA SER D 98 23.96 -12.26 -1.06
C SER D 98 23.57 -13.29 -0.01
N CYS D 99 23.24 -14.52 -0.38
CA CYS D 99 22.90 -15.60 0.56
C CYS D 99 24.17 -16.36 0.91
N PHE D 100 24.66 -16.27 2.14
CA PHE D 100 25.92 -16.85 2.58
C PHE D 100 25.69 -18.24 3.22
N GLN D 101 24.47 -18.76 3.10
CA GLN D 101 24.08 -20.14 3.23
C GLN D 101 24.18 -20.85 4.58
N ARG D 102 25.18 -20.56 5.40
CA ARG D 102 25.47 -21.35 6.60
C ARG D 102 24.40 -21.26 7.68
N CYS D 103 23.48 -20.31 7.61
CA CYS D 103 22.38 -20.18 8.57
C CYS D 103 21.53 -21.46 8.66
N VAL D 104 21.38 -22.18 7.55
CA VAL D 104 20.42 -23.30 7.57
C VAL D 104 20.98 -24.41 8.48
N GLY D 105 22.30 -24.57 8.53
CA GLY D 105 22.94 -25.49 9.47
C GLY D 105 22.64 -25.10 10.91
N MET D 106 23.03 -23.89 11.32
CA MET D 106 22.73 -23.34 12.62
C MET D 106 21.27 -23.58 13.03
N ASP D 107 20.33 -23.28 12.14
CA ASP D 107 18.91 -23.32 12.47
C ASP D 107 18.42 -24.78 12.58
N ALA D 108 18.93 -25.65 11.71
CA ALA D 108 18.61 -27.09 11.82
C ALA D 108 19.18 -27.68 13.10
N PHE D 109 20.39 -27.26 13.50
CA PHE D 109 20.96 -27.86 14.74
C PHE D 109 20.09 -27.57 15.94
N ASN D 110 19.62 -26.33 16.06
CA ASN D 110 18.85 -25.98 17.25
C ASN D 110 17.49 -26.63 17.24
N ALA D 111 16.84 -26.74 16.07
CA ALA D 111 15.51 -27.34 16.01
C ALA D 111 15.58 -28.87 16.22
N VAL D 112 16.59 -29.48 15.63
CA VAL D 112 16.70 -30.96 15.77
C VAL D 112 17.12 -31.30 17.18
N PHE D 113 18.00 -30.54 17.79
CA PHE D 113 18.38 -30.73 19.19
C PHE D 113 17.17 -30.78 20.10
N SER D 114 16.29 -29.77 19.98
CA SER D 114 15.17 -29.71 20.93
C SER D 114 14.08 -30.73 20.63
N THR D 115 13.90 -31.06 19.35
CA THR D 115 12.84 -31.99 18.97
C THR D 115 13.17 -33.42 19.36
N THR D 116 14.41 -33.83 19.10
CA THR D 116 14.86 -35.19 19.44
C THR D 116 14.72 -35.42 20.95
N TYR D 117 15.02 -34.41 21.78
CA TYR D 117 14.84 -34.56 23.23
C TYR D 117 13.42 -35.04 23.52
N GLU D 118 12.39 -34.43 22.96
CA GLU D 118 11.00 -34.76 23.24
C GLU D 118 10.55 -36.07 22.59
N ILE D 119 11.10 -36.39 21.43
CA ILE D 119 10.75 -37.69 20.81
C ILE D 119 11.17 -38.80 21.79
N ASP D 120 12.40 -38.70 22.27
CA ASP D 120 12.99 -39.72 23.14
C ASP D 120 12.17 -39.84 24.41
N GLN D 121 11.66 -38.73 24.95
CA GLN D 121 10.87 -38.81 26.17
C GLN D 121 9.60 -39.62 25.97
N LYS D 122 9.09 -39.57 24.75
CA LYS D 122 7.82 -40.27 24.56
C LYS D 122 8.04 -41.71 24.13
N TYR D 123 9.00 -42.00 23.29
CA TYR D 123 9.15 -43.31 22.68
C TYR D 123 10.32 -44.13 23.22
N GLY D 124 11.14 -43.65 24.13
CA GLY D 124 12.31 -44.38 24.63
C GLY D 124 13.40 -44.60 23.60
N THR D 125 13.41 -43.84 22.51
CA THR D 125 14.43 -43.92 21.46
C THR D 125 15.72 -43.20 21.88
N ASN D 126 16.75 -43.20 21.04
CA ASN D 126 18.08 -42.67 21.27
C ASN D 126 18.49 -41.55 20.31
N TYR D 127 17.51 -40.89 19.72
CA TYR D 127 17.79 -39.87 18.71
C TYR D 127 18.48 -38.64 19.29
N HIS D 128 18.20 -38.29 20.55
CA HIS D 128 18.84 -37.08 21.09
C HIS D 128 20.34 -37.31 21.24
N LYS D 129 20.68 -38.53 21.70
CA LYS D 129 22.09 -38.85 21.83
C LYS D 129 22.78 -38.97 20.47
N ASN D 130 22.09 -39.56 19.50
CA ASN D 130 22.61 -39.58 18.14
C ASN D 130 22.96 -38.14 17.69
N PHE D 131 22.02 -37.22 17.91
CA PHE D 131 22.24 -35.84 17.44
C PHE D 131 23.38 -35.17 18.20
N THR D 132 23.43 -35.29 19.53
CA THR D 132 24.45 -34.54 20.27
C THR D 132 25.83 -35.07 19.91
N GLU D 133 25.95 -36.39 19.73
CA GLU D 133 27.27 -36.87 19.31
C GLU D 133 27.66 -36.33 17.93
N TYR D 134 26.71 -36.24 17.02
CA TYR D 134 26.92 -35.66 15.69
C TYR D 134 27.33 -34.20 15.79
N LEU D 135 26.59 -33.40 16.56
CA LEU D 135 27.00 -31.98 16.64
C LEU D 135 28.41 -31.87 17.20
N LYS D 136 28.82 -32.75 18.13
CA LYS D 136 30.21 -32.66 18.58
C LYS D 136 31.21 -32.86 17.46
N TYR D 137 30.99 -33.80 16.54
CA TYR D 137 31.83 -33.97 15.36
C TYR D 137 31.88 -32.68 14.52
N ILE D 138 30.72 -32.10 14.27
CA ILE D 138 30.67 -30.89 13.43
C ILE D 138 31.40 -29.74 14.10
N GLN D 139 31.19 -29.52 15.40
CA GLN D 139 31.89 -28.47 16.13
C GLN D 139 33.39 -28.68 16.16
N GLU D 140 33.89 -29.90 16.27
CA GLU D 140 35.34 -30.11 16.29
C GLU D 140 35.97 -29.98 14.90
N ASN D 141 35.22 -30.03 13.81
CA ASN D 141 35.81 -29.98 12.48
C ASN D 141 35.46 -28.73 11.67
N ASP D 142 34.66 -27.81 12.20
CA ASP D 142 34.20 -26.57 11.53
C ASP D 142 33.58 -26.81 10.18
N LEU D 143 32.62 -27.75 10.03
CA LEU D 143 32.09 -28.11 8.73
C LEU D 143 30.76 -27.45 8.39
N ILE D 144 30.49 -27.35 7.08
CA ILE D 144 29.23 -26.83 6.55
C ILE D 144 28.22 -27.96 6.42
N VAL D 145 27.08 -27.76 7.07
CA VAL D 145 26.02 -28.77 6.95
C VAL D 145 24.77 -28.19 6.30
N ASP D 146 24.37 -28.71 5.15
CA ASP D 146 23.21 -28.20 4.44
C ASP D 146 21.91 -28.69 5.05
N GLY D 147 21.10 -27.79 5.59
CA GLY D 147 19.77 -28.23 6.04
C GLY D 147 18.83 -28.34 4.86
N ALA D 148 18.23 -29.52 4.66
CA ALA D 148 17.36 -29.76 3.50
C ALA D 148 15.97 -30.22 3.93
N MET D 149 14.97 -29.36 3.72
CA MET D 149 13.61 -29.65 4.15
C MET D 149 12.63 -29.78 2.98
N THR D 150 12.65 -28.87 1.99
CA THR D 150 11.56 -28.84 1.00
C THR D 150 11.63 -29.90 -0.09
N ASP D 151 10.66 -30.81 -0.18
CA ASP D 151 10.60 -31.80 -1.25
C ASP D 151 10.02 -31.21 -2.54
N PRO D 152 10.08 -31.86 -3.70
CA PRO D 152 9.36 -31.39 -4.89
C PRO D 152 7.86 -31.34 -4.73
N LYS D 153 7.21 -32.28 -4.01
CA LYS D 153 5.83 -32.27 -3.56
C LYS D 153 4.75 -32.71 -4.55
N GLY D 154 4.97 -32.86 -5.84
CA GLY D 154 3.93 -33.35 -6.74
C GLY D 154 2.64 -32.56 -6.74
N ASP D 155 1.46 -33.19 -6.67
CA ASP D 155 0.19 -32.48 -6.68
C ASP D 155 0.00 -31.73 -5.37
N ARG D 156 -0.04 -30.41 -5.35
CA ARG D 156 -0.12 -29.67 -4.08
C ARG D 156 -1.37 -29.93 -3.25
N GLY D 157 -2.42 -30.48 -3.85
CA GLY D 157 -3.63 -30.72 -3.09
C GLY D 157 -3.62 -32.06 -2.35
N LEU D 158 -2.62 -32.91 -2.57
CA LEU D 158 -2.60 -34.24 -1.95
C LEU D 158 -1.47 -34.48 -0.96
N ALA D 159 -1.74 -35.28 0.08
CA ALA D 159 -0.77 -35.70 1.07
C ALA D 159 0.32 -36.59 0.51
N PRO D 160 1.46 -36.70 1.19
CA PRO D 160 2.54 -37.55 0.64
C PRO D 160 2.07 -38.96 0.29
N SER D 161 1.24 -39.56 1.15
CA SER D 161 0.81 -40.93 0.90
C SER D 161 -0.31 -40.98 -0.14
N ALA D 162 -0.85 -39.85 -0.59
CA ALA D 162 -1.82 -39.86 -1.69
C ALA D 162 -1.19 -39.50 -3.05
N GLN D 163 0.12 -39.24 -3.09
CA GLN D 163 0.72 -38.94 -4.39
C GLN D 163 0.68 -40.16 -5.32
N LYS D 164 0.56 -39.95 -6.63
CA LYS D 164 0.63 -41.07 -7.59
C LYS D 164 2.04 -41.65 -7.66
N ASP D 165 3.08 -40.84 -7.54
CA ASP D 165 4.46 -41.27 -7.43
C ASP D 165 4.90 -41.15 -5.98
N PRO D 166 5.15 -42.25 -5.25
CA PRO D 166 5.44 -42.13 -3.82
C PRO D 166 6.78 -41.51 -3.49
N ASP D 167 7.62 -41.23 -4.49
CA ASP D 167 8.93 -40.67 -4.24
C ASP D 167 8.92 -39.12 -4.28
N LEU D 168 7.78 -38.48 -4.42
CA LEU D 168 7.78 -37.00 -4.54
C LEU D 168 7.95 -36.32 -3.20
N PHE D 169 7.91 -37.03 -2.08
CA PHE D 169 8.37 -36.62 -0.75
C PHE D 169 9.38 -37.68 -0.29
N LEU D 170 10.45 -37.33 0.42
CA LEU D 170 11.51 -38.28 0.72
C LEU D 170 10.98 -39.35 1.70
N ARG D 171 11.28 -40.62 1.46
CA ARG D 171 10.72 -41.67 2.32
C ARG D 171 11.69 -42.80 2.64
N ILE D 172 11.36 -43.54 3.70
CA ILE D 172 12.11 -44.75 4.09
C ILE D 172 11.60 -45.88 3.20
N VAL D 173 12.49 -46.57 2.49
CA VAL D 173 12.05 -47.65 1.62
C VAL D 173 12.54 -49.01 2.12
N GLU D 174 13.47 -49.05 3.06
CA GLU D 174 13.91 -50.32 3.66
C GLU D 174 14.41 -50.09 5.07
N LYS D 175 14.05 -51.02 5.99
CA LYS D 175 14.55 -50.94 7.36
C LYS D 175 15.44 -52.14 7.65
N ARG D 176 16.67 -51.89 8.06
CA ARG D 176 17.61 -52.99 8.31
C ARG D 176 17.98 -52.99 9.78
N GLU D 177 18.68 -54.03 10.22
CA GLU D 177 19.07 -54.07 11.62
C GLU D 177 20.10 -52.97 11.90
N ASP D 178 20.88 -52.59 10.88
CA ASP D 178 21.93 -51.61 11.17
C ASP D 178 21.65 -50.20 10.65
N GLY D 179 20.52 -49.92 10.04
CA GLY D 179 20.26 -48.57 9.52
C GLY D 179 19.06 -48.56 8.60
N ILE D 180 18.83 -47.50 7.82
CA ILE D 180 17.68 -47.44 6.94
C ILE D 180 18.12 -47.07 5.51
N VAL D 181 17.27 -47.31 4.53
CA VAL D 181 17.55 -46.89 3.16
C VAL D 181 16.47 -45.87 2.76
N VAL D 182 16.88 -44.73 2.20
CA VAL D 182 15.89 -43.70 1.87
C VAL D 182 15.91 -43.38 0.39
N ARG D 183 14.80 -42.87 -0.13
CA ARG D 183 14.68 -42.58 -1.56
C ARG D 183 13.83 -41.33 -1.81
N GLY D 184 14.27 -40.45 -2.71
CA GLY D 184 13.46 -39.26 -3.01
C GLY D 184 14.40 -38.08 -3.30
N ALA D 185 13.96 -36.85 -3.09
CA ALA D 185 14.81 -35.68 -3.40
C ALA D 185 14.37 -34.47 -2.58
N LYS D 186 15.28 -33.51 -2.41
CA LYS D 186 14.94 -32.20 -1.80
C LYS D 186 15.28 -31.13 -2.86
N ALA D 187 14.37 -30.23 -3.14
CA ALA D 187 14.54 -29.20 -4.17
C ALA D 187 15.02 -27.85 -3.65
N HIS D 188 15.52 -26.99 -4.54
CA HIS D 188 15.78 -25.59 -4.19
C HIS D 188 16.91 -25.45 -3.18
N GLN D 189 17.89 -26.37 -3.13
CA GLN D 189 18.79 -26.34 -1.98
C GLN D 189 20.00 -25.41 -2.13
N THR D 190 19.93 -24.24 -1.44
CA THR D 190 21.02 -23.27 -1.63
C THR D 190 22.28 -23.72 -0.90
N GLY D 191 23.42 -23.65 -1.58
CA GLY D 191 24.69 -24.10 -1.05
C GLY D 191 24.81 -25.60 -0.83
N SER D 192 23.87 -26.41 -1.30
CA SER D 192 24.02 -27.85 -1.20
C SER D 192 25.31 -28.40 -1.77
N ILE D 193 25.68 -27.95 -2.99
CA ILE D 193 26.86 -28.44 -3.68
C ILE D 193 28.15 -28.16 -2.93
N ASN D 194 28.22 -27.06 -2.15
CA ASN D 194 29.50 -26.83 -1.47
C ASN D 194 29.42 -27.01 0.03
N SER D 195 28.54 -27.91 0.50
CA SER D 195 28.52 -28.38 1.87
C SER D 195 29.32 -29.68 2.03
N HIS D 196 29.75 -29.97 3.26
CA HIS D 196 30.47 -31.17 3.64
C HIS D 196 29.46 -32.30 3.97
N GLU D 197 28.36 -31.90 4.57
CA GLU D 197 27.29 -32.77 5.04
C GLU D 197 25.91 -32.17 4.74
N HIS D 198 24.88 -32.99 4.85
CA HIS D 198 23.49 -32.66 4.76
C HIS D 198 22.73 -33.14 6.00
N ILE D 199 21.78 -32.35 6.46
CA ILE D 199 20.82 -32.75 7.51
C ILE D 199 19.41 -32.57 6.96
N ILE D 200 18.68 -33.70 6.90
CA ILE D 200 17.37 -33.77 6.27
C ILE D 200 16.26 -33.69 7.33
N MET D 201 15.20 -32.97 7.03
CA MET D 201 13.99 -32.86 7.84
C MET D 201 12.75 -32.96 6.97
N PRO D 202 11.64 -33.48 7.50
CA PRO D 202 10.37 -33.50 6.76
C PRO D 202 9.84 -32.08 6.58
N THR D 203 8.93 -31.90 5.65
CA THR D 203 8.52 -30.54 5.26
C THR D 203 7.15 -30.16 5.75
N ILE D 204 6.37 -31.09 6.32
CA ILE D 204 5.01 -30.81 6.74
C ILE D 204 4.61 -31.73 7.91
N ALA D 205 3.67 -31.34 8.76
CA ALA D 205 3.11 -32.28 9.72
C ALA D 205 2.64 -33.56 9.02
N MET D 206 2.73 -34.70 9.69
CA MET D 206 2.41 -35.99 9.05
C MET D 206 1.41 -36.76 9.91
N THR D 207 0.48 -37.43 9.22
CA THR D 207 -0.47 -38.33 9.87
C THR D 207 0.07 -39.76 9.89
N GLU D 208 -0.64 -40.68 10.56
CA GLU D 208 -0.16 -42.07 10.60
C GLU D 208 -0.06 -42.66 9.19
N ALA D 209 -0.97 -42.28 8.29
CA ALA D 209 -0.85 -42.81 6.92
C ALA D 209 0.45 -42.39 6.23
N ASP D 210 1.07 -41.33 6.73
CA ASP D 210 2.28 -40.78 6.12
C ASP D 210 3.52 -41.16 6.91
N LYS D 211 3.45 -42.16 7.79
CA LYS D 211 4.60 -42.37 8.66
C LYS D 211 5.92 -42.70 7.95
N ASP D 212 5.97 -43.26 6.76
CA ASP D 212 7.25 -43.53 6.10
C ASP D 212 7.97 -42.24 5.64
N TYR D 213 7.21 -41.13 5.63
CA TYR D 213 7.78 -39.81 5.26
C TYR D 213 8.29 -39.04 6.46
N ALA D 214 8.08 -39.56 7.67
CA ALA D 214 8.54 -38.88 8.88
C ALA D 214 9.95 -39.37 9.16
N VAL D 215 10.90 -38.71 8.47
CA VAL D 215 12.30 -39.16 8.53
C VAL D 215 13.24 -37.96 8.61
N SER D 216 14.24 -38.02 9.49
CA SER D 216 15.28 -37.02 9.65
C SER D 216 16.63 -37.70 9.93
N PHE D 217 17.71 -37.25 9.32
CA PHE D 217 19.03 -37.84 9.45
C PHE D 217 20.11 -36.86 8.96
N ALA D 218 21.38 -37.21 9.09
CA ALA D 218 22.50 -36.52 8.46
C ALA D 218 23.40 -37.45 7.66
N CYS D 219 23.98 -36.96 6.56
CA CYS D 219 24.90 -37.79 5.78
C CYS D 219 25.99 -36.95 5.09
N PRO D 220 27.14 -37.54 4.83
CA PRO D 220 28.18 -36.83 4.06
C PRO D 220 27.70 -36.47 2.67
N SER D 221 28.17 -35.33 2.16
CA SER D 221 27.71 -34.90 0.84
C SER D 221 28.12 -35.79 -0.31
N ASP D 222 29.02 -36.75 -0.09
CA ASP D 222 29.42 -37.70 -1.15
C ASP D 222 29.01 -39.14 -0.80
N ALA D 223 28.04 -39.34 0.08
CA ALA D 223 27.42 -40.64 0.34
C ALA D 223 26.96 -41.37 -0.92
N ASP D 224 27.13 -42.69 -0.95
CA ASP D 224 26.79 -43.51 -2.10
C ASP D 224 25.31 -43.39 -2.41
N GLY D 225 25.06 -42.97 -3.67
CA GLY D 225 23.71 -42.76 -4.13
C GLY D 225 23.24 -41.31 -4.09
N LEU D 226 24.07 -40.40 -3.59
CA LEU D 226 23.60 -38.99 -3.48
C LEU D 226 24.20 -38.14 -4.59
N PHE D 227 23.44 -37.33 -5.31
CA PHE D 227 24.06 -36.47 -6.33
C PHE D 227 23.20 -35.20 -6.51
N MET D 228 23.79 -34.21 -7.18
CA MET D 228 23.12 -32.93 -7.35
C MET D 228 22.98 -32.46 -8.79
N ILE D 229 21.82 -31.85 -9.07
CA ILE D 229 21.56 -31.20 -10.36
C ILE D 229 21.42 -29.68 -10.17
N TYR D 230 22.37 -28.91 -10.68
CA TYR D 230 22.38 -27.45 -10.67
C TYR D 230 21.07 -26.84 -11.14
N GLY D 231 20.55 -25.81 -10.47
CA GLY D 231 19.40 -25.06 -10.94
C GLY D 231 19.86 -23.73 -11.57
N ARG D 232 19.22 -23.30 -12.65
CA ARG D 232 19.59 -22.06 -13.34
C ARG D 232 19.23 -20.84 -12.52
N GLN D 233 19.94 -19.74 -12.78
CA GLN D 233 19.57 -18.45 -12.21
C GLN D 233 19.50 -17.39 -13.31
N SER D 234 18.65 -16.39 -13.14
CA SER D 234 18.66 -15.21 -14.03
C SER D 234 20.09 -14.69 -14.22
N CYS D 235 20.51 -14.50 -15.47
CA CYS D 235 21.82 -13.98 -15.81
C CYS D 235 22.99 -14.90 -15.47
N ASP D 236 22.74 -16.18 -15.13
CA ASP D 236 23.84 -17.05 -14.69
C ASP D 236 25.02 -17.14 -15.66
N THR D 237 24.77 -17.34 -16.94
CA THR D 237 25.89 -17.57 -17.87
C THR D 237 26.67 -16.30 -18.17
N ARG D 238 26.26 -15.13 -17.63
CA ARG D 238 27.23 -14.02 -17.78
C ARG D 238 28.54 -14.40 -17.12
N LYS D 239 28.55 -15.20 -16.05
CA LYS D 239 29.79 -15.65 -15.40
C LYS D 239 30.72 -16.47 -16.31
N MET D 240 30.23 -16.98 -17.42
CA MET D 240 31.08 -17.71 -18.37
C MET D 240 31.78 -16.78 -19.36
N GLU D 241 31.50 -15.48 -19.36
CA GLU D 241 32.15 -14.58 -20.32
C GLU D 241 33.59 -14.31 -19.95
N GLU D 242 34.41 -14.24 -21.02
CA GLU D 242 35.84 -14.09 -20.78
C GLU D 242 36.08 -12.72 -20.16
N GLY D 243 36.83 -12.66 -19.09
CA GLY D 243 37.06 -11.46 -18.33
C GLY D 243 35.81 -10.91 -17.66
N ALA D 244 34.76 -11.69 -17.41
CA ALA D 244 33.57 -11.13 -16.77
C ALA D 244 33.87 -10.36 -15.49
N ASP D 245 33.30 -9.17 -15.30
CA ASP D 245 33.59 -8.34 -14.13
C ASP D 245 32.48 -7.33 -13.90
N ILE D 246 32.52 -6.22 -14.66
CA ILE D 246 31.50 -5.17 -14.42
C ILE D 246 30.07 -5.63 -14.64
N ASP D 247 29.84 -6.47 -15.66
CA ASP D 247 28.49 -6.84 -16.04
C ASP D 247 27.87 -7.88 -15.07
N LEU D 248 28.64 -8.37 -14.12
CA LEU D 248 28.20 -9.29 -13.07
C LEU D 248 27.52 -8.58 -11.90
N GLY D 249 27.87 -7.30 -11.67
CA GLY D 249 27.26 -6.54 -10.56
C GLY D 249 27.92 -6.83 -9.22
N ASN D 250 27.98 -8.10 -8.87
CA ASN D 250 28.67 -8.66 -7.71
C ASN D 250 29.61 -9.76 -8.20
N LYS D 251 30.86 -9.43 -8.51
CA LYS D 251 31.75 -10.42 -9.09
C LYS D 251 32.14 -11.52 -8.11
N GLN D 252 32.33 -11.20 -6.83
CA GLN D 252 32.91 -12.15 -5.89
C GLN D 252 31.88 -13.14 -5.30
N PHE D 253 30.64 -12.75 -5.06
CA PHE D 253 29.67 -13.47 -4.26
C PHE D 253 28.33 -13.78 -4.93
N GLY D 254 27.69 -14.86 -4.47
CA GLY D 254 26.41 -15.30 -5.01
C GLY D 254 25.88 -16.49 -4.19
N GLY D 255 24.70 -17.00 -4.51
CA GLY D 255 24.16 -18.21 -3.87
C GLY D 255 23.36 -19.06 -4.82
N GLN D 256 23.74 -20.29 -5.10
CA GLN D 256 23.04 -21.08 -6.14
C GLN D 256 22.28 -22.24 -5.49
N GLU D 257 21.32 -22.78 -6.24
CA GLU D 257 20.40 -23.80 -5.73
C GLU D 257 20.57 -25.07 -6.54
N ALA D 258 20.24 -26.23 -5.95
CA ALA D 258 20.32 -27.53 -6.62
C ALA D 258 19.20 -28.45 -6.15
N LEU D 259 18.87 -29.38 -7.01
CA LEU D 259 18.03 -30.54 -6.68
C LEU D 259 18.95 -31.63 -6.11
N VAL D 260 18.75 -32.03 -4.87
CA VAL D 260 19.55 -33.09 -4.23
C VAL D 260 18.81 -34.42 -4.36
N VAL D 261 19.35 -35.40 -5.08
CA VAL D 261 18.67 -36.69 -5.26
C VAL D 261 19.28 -37.77 -4.37
N PHE D 262 18.39 -38.56 -3.74
CA PHE D 262 18.69 -39.67 -2.84
C PHE D 262 18.26 -40.96 -3.56
N ASP D 263 19.25 -41.51 -4.25
CA ASP D 263 18.97 -42.67 -5.11
C ASP D 263 19.30 -43.94 -4.30
N ASN D 264 18.42 -44.25 -3.35
CA ASN D 264 18.59 -45.40 -2.44
C ASN D 264 19.84 -45.30 -1.59
N VAL D 265 19.86 -44.33 -0.67
CA VAL D 265 21.02 -44.05 0.15
C VAL D 265 20.89 -44.74 1.50
N PHE D 266 21.90 -45.47 1.93
CA PHE D 266 21.91 -46.10 3.26
C PHE D 266 22.33 -45.16 4.37
N ILE D 267 21.56 -45.06 5.45
CA ILE D 267 21.88 -44.28 6.64
C ILE D 267 22.05 -45.16 7.87
N PRO D 268 23.25 -45.17 8.46
CA PRO D 268 23.47 -45.98 9.68
C PRO D 268 22.66 -45.48 10.87
N ASN D 269 22.37 -46.38 11.81
CA ASN D 269 21.53 -46.09 12.98
C ASN D 269 21.94 -44.84 13.75
N ASP D 270 23.24 -44.63 13.92
CA ASP D 270 23.74 -43.54 14.75
C ASP D 270 23.61 -42.16 14.07
N ARG D 271 23.15 -42.11 12.82
CA ARG D 271 22.95 -40.86 12.07
C ARG D 271 21.48 -40.54 11.91
N ILE D 272 20.56 -41.30 12.54
CA ILE D 272 19.12 -41.10 12.36
C ILE D 272 18.54 -40.25 13.48
N PHE D 273 17.68 -39.28 13.19
CA PHE D 273 17.11 -38.41 14.19
C PHE D 273 15.60 -38.48 14.30
N LEU D 274 14.90 -39.14 13.41
CA LEU D 274 13.47 -39.35 13.34
C LEU D 274 13.20 -40.49 12.35
N CYS D 275 12.41 -41.49 12.78
CA CYS D 275 12.15 -42.67 11.95
C CYS D 275 10.74 -43.18 12.25
N GLN D 276 9.72 -42.61 11.65
CA GLN D 276 8.31 -42.96 11.59
C GLN D 276 7.49 -42.51 12.79
N GLU D 277 8.09 -41.77 13.72
CA GLU D 277 7.27 -41.14 14.78
C GLU D 277 6.56 -39.90 14.22
N TYR D 278 5.48 -40.12 13.48
CA TYR D 278 4.79 -39.14 12.64
C TYR D 278 4.31 -37.96 13.45
N ASP D 279 3.98 -38.18 14.73
CA ASP D 279 3.45 -37.13 15.56
C ASP D 279 4.53 -36.10 15.90
N PHE D 280 5.80 -36.31 15.61
CA PHE D 280 6.79 -35.26 15.87
C PHE D 280 7.27 -34.54 14.61
N ALA D 281 6.82 -34.91 13.40
CA ALA D 281 7.25 -34.21 12.19
C ALA D 281 6.88 -32.71 12.21
N GLY D 282 5.68 -32.39 12.59
CA GLY D 282 5.13 -31.04 12.72
C GLY D 282 5.93 -30.16 13.66
N MET D 283 6.43 -30.73 14.77
CA MET D 283 7.31 -30.04 15.69
C MET D 283 8.63 -29.65 15.05
N MET D 284 9.25 -30.57 14.31
CA MET D 284 10.51 -30.25 13.66
C MET D 284 10.32 -29.13 12.62
N VAL D 285 9.23 -29.17 11.88
CA VAL D 285 8.92 -28.15 10.88
C VAL D 285 8.75 -26.77 11.53
N GLU D 286 7.90 -26.75 12.55
CA GLU D 286 7.59 -25.47 13.20
C GLU D 286 8.83 -24.82 13.76
N ARG D 287 9.75 -25.58 14.34
CA ARG D 287 10.92 -25.05 15.02
C ARG D 287 11.99 -24.62 14.01
N PHE D 288 12.24 -25.46 12.99
CA PHE D 288 13.20 -25.05 11.98
C PHE D 288 12.68 -23.82 11.23
N ALA D 289 11.41 -23.89 10.83
CA ALA D 289 10.88 -22.75 10.06
C ALA D 289 10.93 -21.48 10.93
N GLY D 290 10.63 -21.58 12.22
CA GLY D 290 10.63 -20.39 13.07
C GLY D 290 12.02 -19.80 13.18
N TYR D 291 13.07 -20.61 13.39
CA TYR D 291 14.42 -20.07 13.41
C TYR D 291 14.75 -19.45 12.04
N HIS D 292 14.39 -20.08 10.92
CA HIS D 292 14.79 -19.47 9.64
C HIS D 292 14.05 -18.14 9.40
N ARG D 293 12.78 -18.06 9.81
CA ARG D 293 11.98 -16.83 9.70
C ARG D 293 12.66 -15.71 10.50
N GLN D 294 13.21 -16.02 11.68
CA GLN D 294 13.98 -15.09 12.52
C GLN D 294 15.23 -14.61 11.77
N SER D 295 15.96 -15.51 11.12
CA SER D 295 17.21 -15.26 10.40
C SER D 295 17.08 -14.16 9.32
N TYR D 296 15.95 -14.13 8.63
CA TYR D 296 15.72 -13.15 7.56
C TYR D 296 15.73 -11.73 8.13
N GLY D 297 15.31 -11.60 9.38
CA GLY D 297 15.37 -10.35 10.12
C GLY D 297 16.77 -9.79 10.24
N GLY D 298 17.78 -10.60 10.02
CA GLY D 298 19.18 -10.19 9.99
C GLY D 298 19.70 -10.20 8.57
N CYS D 299 19.64 -11.35 7.87
CA CYS D 299 20.32 -11.40 6.58
C CYS D 299 19.71 -10.44 5.55
N LYS D 300 18.39 -10.33 5.42
CA LYS D 300 17.83 -9.50 4.35
C LYS D 300 18.03 -8.02 4.67
N VAL D 301 18.18 -7.72 5.96
CA VAL D 301 18.39 -6.33 6.37
C VAL D 301 19.81 -5.90 6.04
N GLY D 302 20.79 -6.78 6.22
CA GLY D 302 22.19 -6.49 5.85
C GLY D 302 22.30 -6.28 4.32
N VAL D 303 21.67 -7.13 3.54
CA VAL D 303 21.61 -6.98 2.06
C VAL D 303 20.92 -5.66 1.73
N GLY D 304 19.82 -5.34 2.40
CA GLY D 304 19.06 -4.10 2.20
C GLY D 304 19.92 -2.88 2.50
N ASP D 305 20.79 -2.93 3.50
CA ASP D 305 21.76 -1.86 3.73
C ASP D 305 22.57 -1.56 2.47
N VAL D 306 22.99 -2.61 1.74
CA VAL D 306 23.82 -2.40 0.55
C VAL D 306 22.96 -1.85 -0.58
N VAL D 307 21.71 -2.30 -0.73
CA VAL D 307 20.86 -1.76 -1.79
C VAL D 307 20.59 -0.27 -1.53
N ILE D 308 20.35 0.12 -0.28
CA ILE D 308 20.16 1.54 0.07
C ILE D 308 21.42 2.35 -0.24
N GLY D 309 22.60 1.85 0.11
CA GLY D 309 23.88 2.48 -0.20
C GLY D 309 24.09 2.63 -1.70
N ALA D 310 23.71 1.61 -2.48
CA ALA D 310 23.92 1.66 -3.95
C ALA D 310 23.00 2.68 -4.62
N ALA D 311 21.71 2.74 -4.28
CA ALA D 311 20.79 3.75 -4.79
C ALA D 311 21.26 5.16 -4.39
N ALA D 312 21.68 5.38 -3.15
CA ALA D 312 22.16 6.71 -2.75
C ALA D 312 23.41 7.13 -3.52
N LEU D 313 24.35 6.20 -3.71
CA LEU D 313 25.55 6.46 -4.50
C LEU D 313 25.18 6.70 -5.97
N ALA D 314 24.29 5.93 -6.58
CA ALA D 314 23.81 6.25 -7.92
C ALA D 314 23.28 7.68 -8.05
N ALA D 315 22.50 8.17 -7.08
CA ALA D 315 22.00 9.54 -7.12
C ALA D 315 23.17 10.54 -7.11
N ASP D 316 24.19 10.34 -6.29
CA ASP D 316 25.40 11.19 -6.26
C ASP D 316 26.07 11.20 -7.64
N TYR D 317 26.25 10.02 -8.23
CA TYR D 317 26.90 9.85 -9.53
C TYR D 317 26.11 10.49 -10.67
N ASN D 318 24.78 10.41 -10.68
CA ASN D 318 23.89 10.97 -11.67
C ASN D 318 23.86 12.50 -11.53
N GLY D 319 24.03 12.98 -10.30
CA GLY D 319 23.98 14.40 -9.98
C GLY D 319 22.63 14.88 -9.49
N ALA D 320 21.73 13.98 -9.04
CA ALA D 320 20.40 14.31 -8.56
C ALA D 320 20.25 14.19 -7.03
N GLN D 321 21.36 14.05 -6.31
CA GLN D 321 21.37 13.83 -4.87
C GLN D 321 20.72 14.93 -4.04
N LYS D 322 20.60 16.17 -4.52
CA LYS D 322 19.91 17.22 -3.78
C LYS D 322 18.40 17.24 -3.93
N ALA D 323 17.82 16.43 -4.82
CA ALA D 323 16.38 16.51 -5.04
C ALA D 323 15.57 16.02 -3.83
N SER D 324 14.52 16.77 -3.45
CA SER D 324 13.80 16.32 -2.26
C SER D 324 13.10 14.96 -2.46
N HIS D 325 12.55 14.64 -3.63
CA HIS D 325 11.90 13.35 -3.81
C HIS D 325 12.88 12.19 -3.75
N VAL D 326 14.11 12.33 -4.20
CA VAL D 326 15.17 11.32 -4.04
C VAL D 326 15.47 11.09 -2.56
N LYS D 327 15.63 12.16 -1.78
CA LYS D 327 15.90 12.04 -0.35
C LYS D 327 14.77 11.28 0.36
N ASP D 328 13.55 11.61 0.03
CA ASP D 328 12.37 11.01 0.67
C ASP D 328 12.30 9.51 0.34
N LYS D 329 12.65 9.10 -0.88
CA LYS D 329 12.63 7.67 -1.25
C LYS D 329 13.71 6.91 -0.50
N LEU D 330 14.92 7.47 -0.32
CA LEU D 330 15.97 6.83 0.45
C LEU D 330 15.52 6.67 1.92
N ILE D 331 14.80 7.68 2.43
CA ILE D 331 14.22 7.55 3.78
C ILE D 331 13.21 6.39 3.83
N GLU D 332 12.38 6.26 2.79
CA GLU D 332 11.36 5.19 2.76
C GLU D 332 12.03 3.82 2.77
N MET D 333 13.06 3.65 1.97
CA MET D 333 13.83 2.39 1.90
C MET D 333 14.43 2.05 3.26
N THR D 334 14.98 3.07 3.94
CA THR D 334 15.59 2.91 5.25
C THR D 334 14.55 2.48 6.30
N HIS D 335 13.41 3.12 6.30
CA HIS D 335 12.29 2.86 7.19
C HIS D 335 11.80 1.41 7.06
N LEU D 336 11.52 1.00 5.80
CA LEU D 336 11.01 -0.40 5.62
C LEU D 336 12.08 -1.40 6.03
N ASN D 337 13.34 -1.14 5.71
CA ASN D 337 14.44 -2.07 6.01
C ASN D 337 14.56 -2.21 7.54
N GLU D 338 14.48 -1.10 8.28
CA GLU D 338 14.65 -1.21 9.74
C GLU D 338 13.43 -1.83 10.41
N THR D 339 12.26 -1.74 9.79
CA THR D 339 11.04 -2.40 10.29
C THR D 339 11.28 -3.92 10.31
N LEU D 340 11.87 -4.45 9.24
CA LEU D 340 12.25 -5.87 9.22
C LEU D 340 13.18 -6.22 10.39
N TYR D 341 14.20 -5.39 10.63
CA TYR D 341 15.16 -5.55 11.73
C TYR D 341 14.47 -5.59 13.08
N CYS D 342 13.50 -4.72 13.32
CA CYS D 342 12.74 -4.70 14.56
C CYS D 342 12.07 -6.05 14.79
N CYS D 343 11.46 -6.63 13.75
CA CYS D 343 10.78 -7.93 13.92
C CYS D 343 11.79 -9.00 14.26
N GLY D 344 12.97 -8.98 13.64
CA GLY D 344 14.02 -9.96 13.90
C GLY D 344 14.48 -9.88 15.35
N ILE D 345 14.79 -8.69 15.82
CA ILE D 345 15.22 -8.46 17.18
C ILE D 345 14.13 -8.76 18.20
N ALA D 346 12.88 -8.38 17.89
CA ALA D 346 11.81 -8.60 18.87
C ALA D 346 11.54 -10.09 19.10
N CYS D 347 11.53 -10.88 18.01
CA CYS D 347 11.19 -12.30 18.22
C CYS D 347 12.33 -12.97 18.98
N SER D 348 13.52 -12.39 18.94
CA SER D 348 14.68 -12.84 19.70
C SER D 348 14.58 -12.48 21.19
N ALA D 349 14.31 -11.22 21.49
CA ALA D 349 14.20 -10.74 22.88
C ALA D 349 13.08 -11.44 23.65
N GLU D 350 12.01 -11.85 22.97
CA GLU D 350 10.87 -12.52 23.58
C GLU D 350 10.97 -14.06 23.55
N GLY D 351 12.16 -14.59 23.27
CA GLY D 351 12.46 -16.01 23.30
C GLY D 351 12.42 -16.67 24.68
N TYR D 352 12.62 -17.99 24.68
CA TYR D 352 12.48 -18.80 25.89
C TYR D 352 13.18 -20.14 25.78
N PRO D 353 13.49 -20.83 26.90
CA PRO D 353 14.08 -22.17 26.80
C PRO D 353 13.07 -23.25 26.46
N THR D 354 13.51 -24.22 25.66
CA THR D 354 12.75 -25.45 25.40
C THR D 354 12.96 -26.44 26.54
N ALA D 355 12.20 -27.54 26.53
CA ALA D 355 12.42 -28.61 27.52
C ALA D 355 13.83 -29.14 27.44
N ALA D 356 14.43 -29.14 26.23
CA ALA D 356 15.80 -29.63 26.10
C ALA D 356 16.84 -28.68 26.69
N GLY D 357 16.51 -27.40 26.86
CA GLY D 357 17.44 -26.44 27.43
C GLY D 357 17.89 -25.34 26.48
N ASN D 358 17.92 -25.53 25.17
CA ASN D 358 18.41 -24.42 24.31
C ASN D 358 17.29 -23.42 24.11
N TYR D 359 17.58 -22.20 23.66
CA TYR D 359 16.57 -21.16 23.53
C TYR D 359 15.95 -21.10 22.12
N GLN D 360 14.67 -20.77 22.07
CA GLN D 360 13.83 -20.64 20.91
C GLN D 360 13.15 -19.27 20.81
N ILE D 361 12.93 -18.81 19.56
CA ILE D 361 12.24 -17.53 19.37
C ILE D 361 10.76 -17.59 19.64
N ASP D 362 10.14 -16.41 19.86
CA ASP D 362 8.69 -16.26 19.89
C ASP D 362 8.12 -16.54 18.49
N LEU D 363 7.37 -17.64 18.36
CA LEU D 363 6.90 -18.10 17.03
C LEU D 363 5.94 -17.13 16.34
N LEU D 364 5.05 -16.45 17.02
CA LEU D 364 4.17 -15.44 16.43
C LEU D 364 5.01 -14.28 15.86
N LEU D 365 5.92 -13.74 16.66
CA LEU D 365 6.71 -12.60 16.16
C LEU D 365 7.63 -13.04 15.01
N ALA D 366 8.12 -14.28 14.94
CA ALA D 366 8.95 -14.69 13.78
C ALA D 366 8.10 -14.81 12.53
N ASN D 367 6.86 -15.25 12.69
CA ASN D 367 5.92 -15.31 11.59
C ASN D 367 5.59 -13.89 11.06
N VAL D 368 5.49 -12.92 11.95
CA VAL D 368 5.25 -11.50 11.56
C VAL D 368 6.48 -10.96 10.81
N CYS D 369 7.67 -11.31 11.27
CA CYS D 369 8.94 -10.95 10.63
C CYS D 369 8.94 -11.41 9.17
N LYS D 370 8.74 -12.72 9.00
CA LYS D 370 8.76 -13.27 7.64
C LYS D 370 7.60 -12.78 6.79
N GLN D 371 6.39 -12.51 7.29
CA GLN D 371 5.34 -12.00 6.46
C GLN D 371 5.74 -10.62 5.89
N ASN D 372 6.39 -9.78 6.69
CA ASN D 372 6.89 -8.49 6.16
C ASN D 372 8.03 -8.70 5.17
N ILE D 373 8.87 -9.73 5.34
CA ILE D 373 9.92 -10.09 4.40
C ILE D 373 9.30 -10.42 3.04
N THR D 374 8.07 -10.91 2.95
CA THR D 374 7.51 -11.23 1.63
C THR D 374 7.06 -9.97 0.87
N ARG D 375 7.03 -8.81 1.54
CA ARG D 375 6.54 -7.56 0.99
C ARG D 375 7.65 -6.53 0.84
N PHE D 376 8.41 -6.24 1.91
CA PHE D 376 9.23 -5.01 1.85
C PHE D 376 10.44 -5.08 0.92
N PRO D 377 11.23 -6.14 0.80
CA PRO D 377 12.32 -6.17 -0.20
C PRO D 377 11.84 -5.84 -1.60
N TYR D 378 10.65 -6.24 -2.03
CA TYR D 378 10.11 -5.91 -3.35
C TYR D 378 9.94 -4.39 -3.51
N GLU D 379 9.51 -3.68 -2.46
CA GLU D 379 9.31 -2.23 -2.54
C GLU D 379 10.65 -1.49 -2.48
N ILE D 380 11.58 -1.96 -1.67
CA ILE D 380 12.95 -1.41 -1.60
C ILE D 380 13.57 -1.50 -2.99
N VAL D 381 13.46 -2.64 -3.71
CA VAL D 381 13.95 -2.71 -5.09
C VAL D 381 13.24 -1.77 -6.06
N ARG D 382 11.91 -1.62 -5.99
CA ARG D 382 11.20 -0.73 -6.91
C ARG D 382 11.71 0.72 -6.76
N LEU D 383 11.89 1.17 -5.51
CA LEU D 383 12.37 2.54 -5.30
C LEU D 383 13.82 2.70 -5.78
N ALA D 384 14.68 1.72 -5.65
CA ALA D 384 16.05 1.76 -6.12
C ALA D 384 16.03 1.91 -7.66
N GLU D 385 15.15 1.19 -8.32
CA GLU D 385 15.08 1.31 -9.79
C GLU D 385 14.72 2.75 -10.23
N ASP D 386 13.77 3.37 -9.56
CA ASP D 386 13.37 4.77 -9.76
C ASP D 386 14.60 5.68 -9.64
N ILE D 387 15.31 5.56 -8.52
CA ILE D 387 16.45 6.45 -8.29
C ILE D 387 17.55 6.21 -9.32
N ALA D 388 17.80 4.98 -9.77
CA ALA D 388 18.93 4.68 -10.63
C ALA D 388 18.79 5.29 -12.04
N GLY D 389 17.60 5.24 -12.59
CA GLY D 389 17.34 5.61 -13.97
C GLY D 389 17.35 4.45 -14.94
N GLY D 390 16.96 4.69 -16.21
CA GLY D 390 16.84 3.54 -17.11
C GLY D 390 18.12 2.89 -17.57
N LEU D 391 19.29 3.53 -17.47
CA LEU D 391 20.54 2.94 -17.95
C LEU D 391 20.89 1.61 -17.25
N MET D 392 20.38 1.40 -16.02
CA MET D 392 20.69 0.16 -15.32
C MET D 392 20.22 -1.05 -16.13
N VAL D 393 19.25 -0.90 -17.01
CA VAL D 393 18.78 -2.02 -17.81
C VAL D 393 19.01 -1.85 -19.31
N THR D 394 19.60 -0.75 -19.80
CA THR D 394 19.88 -0.62 -21.23
C THR D 394 21.36 -0.44 -21.55
N MET D 395 22.27 -0.64 -20.62
CA MET D 395 23.69 -0.28 -20.79
C MET D 395 24.41 -1.22 -21.73
N PRO D 396 25.28 -0.76 -22.62
CA PRO D 396 26.10 -1.68 -23.43
C PRO D 396 27.03 -2.55 -22.63
N SER D 397 27.47 -3.65 -23.23
CA SER D 397 28.38 -4.56 -22.52
C SER D 397 29.73 -3.99 -22.16
N GLU D 398 30.40 -4.58 -21.16
CA GLU D 398 31.73 -4.19 -20.77
C GLU D 398 32.70 -4.39 -21.94
N ALA D 399 32.42 -5.38 -22.78
CA ALA D 399 33.30 -5.57 -23.96
C ALA D 399 33.25 -4.34 -24.88
N ASP D 400 32.07 -3.74 -25.07
CA ASP D 400 31.92 -2.50 -25.83
C ASP D 400 32.63 -1.36 -25.12
N PHE D 401 32.50 -1.19 -23.82
CA PHE D 401 33.19 -0.09 -23.11
C PHE D 401 34.70 -0.21 -23.27
N LYS D 402 35.24 -1.41 -23.49
CA LYS D 402 36.69 -1.54 -23.66
C LYS D 402 37.12 -1.72 -25.12
N SER D 403 36.18 -1.67 -26.05
CA SER D 403 36.52 -1.99 -27.44
C SER D 403 37.37 -0.93 -28.13
N GLU D 404 38.43 -1.38 -28.81
CA GLU D 404 39.24 -0.52 -29.67
C GLU D 404 38.77 -0.48 -31.11
N THR D 405 37.62 -1.05 -31.41
CA THR D 405 37.07 -1.00 -32.77
C THR D 405 36.77 0.42 -33.22
N VAL D 406 37.34 0.86 -34.35
CA VAL D 406 37.16 2.24 -34.82
C VAL D 406 35.82 2.44 -35.50
N VAL D 407 35.01 3.38 -35.01
CA VAL D 407 33.71 3.64 -35.65
C VAL D 407 33.43 5.13 -35.91
N GLY D 408 34.25 6.05 -35.42
CA GLY D 408 34.04 7.48 -35.53
C GLY D 408 34.73 8.08 -36.75
N ARG D 409 34.15 9.10 -37.36
CA ARG D 409 34.73 9.79 -38.51
C ARG D 409 36.18 10.21 -38.23
N ASP D 410 36.45 10.53 -36.95
CA ASP D 410 37.80 10.97 -36.61
C ASP D 410 38.64 9.87 -35.96
N GLY D 411 38.30 8.61 -36.16
CA GLY D 411 39.06 7.52 -35.55
C GLY D 411 38.59 7.14 -34.15
N GLU D 412 37.47 7.68 -33.67
CA GLU D 412 37.02 7.30 -32.32
C GLU D 412 36.60 5.83 -32.25
N THR D 413 36.89 5.21 -31.12
CA THR D 413 36.51 3.81 -30.90
C THR D 413 35.13 3.67 -30.24
N ILE D 414 34.62 2.43 -30.30
CA ILE D 414 33.37 2.11 -29.60
C ILE D 414 33.56 2.46 -28.13
N GLY D 415 34.69 2.09 -27.55
CA GLY D 415 34.93 2.38 -26.13
C GLY D 415 34.98 3.87 -25.83
N ASP D 416 35.60 4.63 -26.75
CA ASP D 416 35.59 6.09 -26.64
C ASP D 416 34.17 6.63 -26.55
N PHE D 417 33.24 6.22 -27.41
CA PHE D 417 31.89 6.75 -27.47
C PHE D 417 31.13 6.36 -26.20
N CYS D 418 31.34 5.13 -25.71
CA CYS D 418 30.65 4.70 -24.49
C CYS D 418 31.09 5.52 -23.28
N ASN D 419 32.39 5.71 -23.10
CA ASN D 419 32.93 6.42 -21.93
C ASN D 419 32.55 7.90 -21.97
N LYS D 420 32.45 8.43 -23.19
CA LYS D 420 31.99 9.79 -23.44
C LYS D 420 30.51 9.96 -23.12
N PHE D 421 29.63 9.16 -23.74
CA PHE D 421 28.22 9.48 -23.65
C PHE D 421 27.56 9.12 -22.30
N PHE D 422 28.19 8.27 -21.50
CA PHE D 422 27.54 7.84 -20.26
C PHE D 422 28.20 8.46 -19.03
N ALA D 423 28.99 9.51 -19.29
CA ALA D 423 29.50 10.36 -18.23
C ALA D 423 28.37 11.10 -17.53
N ALA D 424 28.58 11.53 -16.27
CA ALA D 424 27.52 12.26 -15.58
C ALA D 424 28.14 13.27 -14.61
N ALA D 425 27.93 13.20 -13.30
CA ALA D 425 28.47 14.25 -12.40
C ALA D 425 29.96 14.13 -12.20
N PRO D 426 30.65 15.20 -11.82
CA PRO D 426 32.11 15.17 -11.67
C PRO D 426 32.64 14.25 -10.56
N THR D 427 31.79 13.81 -9.66
CA THR D 427 32.11 12.94 -8.55
C THR D 427 32.45 11.52 -8.95
N CYS D 428 32.34 11.11 -10.21
CA CYS D 428 32.65 9.76 -10.62
C CYS D 428 33.33 9.72 -12.00
N THR D 429 34.07 8.66 -12.28
CA THR D 429 34.44 8.25 -13.62
C THR D 429 33.25 7.52 -14.27
N THR D 430 33.20 7.46 -15.60
CA THR D 430 32.09 6.69 -16.21
C THR D 430 32.11 5.22 -15.72
N GLU D 431 33.29 4.62 -15.62
CA GLU D 431 33.40 3.24 -15.16
C GLU D 431 32.82 3.10 -13.75
N GLU D 432 33.10 4.00 -12.81
CA GLU D 432 32.49 3.87 -11.49
C GLU D 432 30.98 3.93 -11.54
N ARG D 433 30.45 4.79 -12.42
CA ARG D 433 28.98 4.92 -12.50
C ARG D 433 28.39 3.62 -13.06
N MET D 434 29.05 3.04 -14.09
CA MET D 434 28.51 1.78 -14.65
C MET D 434 28.61 0.64 -13.61
N ARG D 435 29.65 0.56 -12.80
CA ARG D 435 29.77 -0.51 -11.79
C ARG D 435 28.60 -0.48 -10.82
N VAL D 436 28.19 0.69 -10.34
CA VAL D 436 27.09 0.71 -9.36
C VAL D 436 25.78 0.41 -10.07
N LEU D 437 25.60 0.86 -11.31
CA LEU D 437 24.36 0.58 -12.04
C LEU D 437 24.24 -0.92 -12.31
N ARG D 438 25.35 -1.57 -12.60
CA ARG D 438 25.35 -3.02 -12.80
C ARG D 438 25.08 -3.77 -11.48
N PHE D 439 25.57 -3.30 -10.34
CA PHE D 439 25.21 -3.92 -9.07
C PHE D 439 23.69 -3.88 -8.93
N LEU D 440 23.06 -2.73 -9.24
CA LEU D 440 21.62 -2.66 -9.07
C LEU D 440 20.87 -3.53 -10.07
N GLU D 441 21.32 -3.58 -11.32
CA GLU D 441 20.67 -4.52 -12.26
C GLU D 441 20.70 -5.96 -11.69
N ASN D 442 21.84 -6.34 -11.16
CA ASN D 442 22.03 -7.74 -10.70
C ASN D 442 21.10 -8.09 -9.53
N ILE D 443 20.82 -7.15 -8.62
CA ILE D 443 19.93 -7.49 -7.48
C ILE D 443 18.49 -7.10 -7.73
N CYS D 444 18.15 -6.23 -8.69
CA CYS D 444 16.76 -5.94 -9.02
C CYS D 444 16.17 -6.91 -10.06
N LEU D 445 16.95 -7.44 -11.00
CA LEU D 445 16.51 -8.32 -12.07
C LEU D 445 17.41 -9.54 -12.32
N GLY D 446 18.67 -9.56 -11.97
CA GLY D 446 19.61 -10.61 -12.30
C GLY D 446 19.79 -11.66 -11.20
N ALA D 447 21.03 -12.14 -11.09
CA ALA D 447 21.34 -13.29 -10.23
C ALA D 447 21.00 -13.06 -8.76
N SER D 448 21.23 -11.88 -8.19
CA SER D 448 20.93 -11.66 -6.78
C SER D 448 19.45 -11.36 -6.56
N ALA D 449 18.68 -11.02 -7.59
CA ALA D 449 17.24 -10.89 -7.47
C ALA D 449 16.55 -12.21 -7.05
N VAL D 450 17.12 -13.33 -7.52
CA VAL D 450 16.60 -14.63 -7.07
C VAL D 450 16.51 -14.73 -5.55
N GLY D 451 17.58 -14.36 -4.86
CA GLY D 451 17.67 -14.36 -3.41
C GLY D 451 16.95 -13.21 -2.76
N TYR D 452 17.22 -11.97 -3.19
CA TYR D 452 16.64 -10.84 -2.44
C TYR D 452 15.15 -10.71 -2.66
N ARG D 453 14.57 -11.05 -3.82
CA ARG D 453 13.14 -10.97 -4.05
C ARG D 453 12.48 -12.35 -3.89
N THR D 454 12.74 -13.31 -4.77
CA THR D 454 11.97 -14.55 -4.76
C THR D 454 12.21 -15.47 -3.57
N GLU D 455 13.43 -15.63 -3.08
CA GLU D 455 13.61 -16.37 -1.80
C GLU D 455 12.99 -15.58 -0.66
N SER D 456 12.94 -14.25 -0.62
CA SER D 456 12.18 -13.55 0.42
C SER D 456 10.71 -13.92 0.38
N MET D 457 10.13 -14.13 -0.80
CA MET D 457 8.73 -14.57 -0.93
C MET D 457 8.52 -16.01 -0.43
N HIS D 458 9.35 -16.97 -0.84
CA HIS D 458 9.07 -18.40 -0.57
C HIS D 458 9.92 -19.05 0.51
N GLY D 459 11.13 -18.59 0.78
CA GLY D 459 11.99 -19.23 1.77
C GLY D 459 11.33 -19.31 3.13
N ALA D 460 11.48 -20.47 3.79
CA ALA D 460 10.80 -20.75 5.06
C ALA D 460 9.29 -20.65 4.92
N GLY D 461 8.74 -20.90 3.72
CA GLY D 461 7.35 -20.96 3.40
C GLY D 461 6.74 -19.77 2.66
N SER D 462 5.82 -20.03 1.76
CA SER D 462 5.06 -18.98 1.06
C SER D 462 4.26 -18.16 2.07
N PRO D 463 3.84 -16.94 1.74
CA PRO D 463 3.08 -16.11 2.68
C PRO D 463 1.90 -16.79 3.38
N GLN D 464 1.14 -17.62 2.67
CA GLN D 464 -0.04 -18.24 3.26
C GLN D 464 0.34 -19.15 4.45
N ALA D 465 1.50 -19.78 4.40
CA ALA D 465 2.01 -20.61 5.50
C ALA D 465 2.06 -19.83 6.81
N GLN D 466 2.55 -18.60 6.78
CA GLN D 466 2.58 -17.83 8.03
C GLN D 466 1.20 -17.34 8.43
N ARG D 467 0.32 -17.03 7.47
CA ARG D 467 -0.98 -16.47 7.83
C ARG D 467 -1.79 -17.52 8.57
N ILE D 468 -1.64 -18.79 8.19
CA ILE D 468 -2.42 -19.83 8.89
C ILE D 468 -2.04 -19.89 10.36
N MET D 469 -0.76 -19.80 10.66
CA MET D 469 -0.28 -19.87 12.04
C MET D 469 -0.53 -18.59 12.84
N ILE D 470 -0.45 -17.41 12.20
CA ILE D 470 -0.84 -16.17 12.88
C ILE D 470 -2.27 -16.22 13.39
N ALA D 471 -3.21 -16.79 12.64
CA ALA D 471 -4.57 -16.95 13.14
C ALA D 471 -4.58 -17.88 14.36
N ARG D 472 -3.88 -19.00 14.31
CA ARG D 472 -3.82 -19.88 15.48
C ARG D 472 -3.13 -19.30 16.72
N GLN D 473 -2.14 -18.44 16.53
CA GLN D 473 -1.31 -17.82 17.56
C GLN D 473 -1.83 -16.49 18.07
N GLY D 474 -2.83 -15.90 17.42
CA GLY D 474 -3.34 -14.60 17.72
C GLY D 474 -4.28 -14.39 18.90
N ASN D 475 -4.61 -15.42 19.66
CA ASN D 475 -5.52 -15.31 20.80
C ASN D 475 -6.80 -14.58 20.45
N ILE D 476 -7.40 -14.82 19.29
CA ILE D 476 -8.58 -14.04 18.94
C ILE D 476 -9.72 -14.22 19.95
N ASN D 477 -9.92 -15.40 20.56
CA ASN D 477 -11.08 -15.50 21.45
C ASN D 477 -10.86 -14.70 22.72
N ALA D 478 -9.63 -14.64 23.21
CA ALA D 478 -9.37 -13.78 24.36
C ALA D 478 -9.63 -12.32 23.99
N LYS D 479 -9.36 -11.95 22.73
CA LYS D 479 -9.56 -10.54 22.39
C LYS D 479 -11.04 -10.21 22.34
N LYS D 480 -11.88 -11.18 21.92
CA LYS D 480 -13.31 -10.93 21.95
C LYS D 480 -13.81 -10.56 23.35
N GLU D 481 -13.21 -11.24 24.35
CA GLU D 481 -13.62 -10.99 25.73
C GLU D 481 -13.21 -9.57 26.15
N LEU D 482 -12.05 -9.06 25.68
CA LEU D 482 -11.71 -7.67 26.00
C LEU D 482 -12.73 -6.69 25.45
N ALA D 483 -13.21 -6.92 24.22
CA ALA D 483 -14.25 -6.07 23.65
C ALA D 483 -15.57 -6.16 24.40
N LYS D 484 -15.99 -7.36 24.83
CA LYS D 484 -17.23 -7.45 25.60
C LYS D 484 -17.16 -6.57 26.86
N ALA D 485 -16.00 -6.66 27.50
CA ALA D 485 -15.85 -5.95 28.77
C ALA D 485 -16.00 -4.46 28.49
N ILE D 486 -15.34 -3.93 27.47
CA ILE D 486 -15.44 -2.49 27.24
C ILE D 486 -16.82 -2.04 26.75
N ALA D 487 -17.49 -2.83 25.92
CA ALA D 487 -18.78 -2.47 25.37
C ALA D 487 -19.95 -2.72 26.32
N GLY D 488 -19.71 -3.26 27.51
CA GLY D 488 -20.81 -3.46 28.45
C GLY D 488 -21.60 -4.72 28.20
N ILE D 489 -21.00 -5.73 27.55
CA ILE D 489 -21.65 -7.00 27.22
C ILE D 489 -21.33 -8.00 28.31
N LYS D 490 -22.35 -8.69 28.85
CA LYS D 490 -22.02 -9.73 29.83
C LYS D 490 -21.26 -10.87 29.16
#